data_3RBH
#
_entry.id   3RBH
#
_cell.length_a   162.018
_cell.length_b   90.696
_cell.length_c   160.279
_cell.angle_alpha   90.00
_cell.angle_beta   107.65
_cell.angle_gamma   90.00
#
_symmetry.space_group_name_H-M   'C 1 2 1'
#
loop_
_entity.id
_entity.type
_entity.pdbx_description
1 polymer 'Alginate production protein AlgE'
2 non-polymer 'CALCIUM ION'
3 non-polymer 1,2-ETHANEDIOL
4 non-polymer (HYDROXYETHYLOXY)TRI(ETHYLOXY)OCTANE
5 water water
#
_entity_poly.entity_id   1
_entity_poly.type   'polypeptide(L)'
_entity_poly.pdbx_seq_one_letter_code
;(MSE)GSSHHHHHHSSGLVPRGSH(MSE)ANSGEAPKNFGLDVKITGESENDRDLGTAPGGTLNDIGIDLRPWAFGQWGD
WSAYF(MSE)GQAVAATDTIETDTLQSDTDDGNNSRNDGREPDKSYLAAREFWVDYAGLTAYPGEHLRFGRQRLREDSGQ
WQDTNIEALNWSFETTLLNAHAGVAQRFSEYRTDLDELAPEDKDRTHVFGDISTQWAPHHRIGVRIHHADDSGHLRRPGE
EVDNLDKTYTGQLTWLGIEATGDAYNYRSS(MSE)PLNYWASATWLTGDRDNLTTTTVDDRRIATGKQSGDVNAFGVDLG
LRWNIDEQWKAGVGYARGSGGGKDGEEQFQQTGLESNRSNFTGTRSRVHRFGEAFRGELSNLQAATLFGSWQLREDYDAS
LVYHKFWRVDDDSDIGTSGINAALQPGEKDIGQELDLVVTKYFKQGLLPAS(MSE)SQYVDEPSALIRFRGGLFKPGDAY
GPGTDST(MSE)HRAFVDFIWRF
;
_entity_poly.pdbx_strand_id   A,B,C,D
#
# COMPACT_ATOMS: atom_id res chain seq x y z
N LYS A 29 10.06 -25.63 6.86
CA LYS A 29 9.05 -26.47 6.21
C LYS A 29 8.03 -25.61 5.49
N ASN A 30 7.98 -25.73 4.17
CA ASN A 30 7.03 -24.98 3.37
C ASN A 30 5.73 -25.75 3.19
N PHE A 31 5.78 -27.05 3.39
CA PHE A 31 4.59 -27.85 3.12
C PHE A 31 4.40 -28.87 4.20
N GLY A 32 3.14 -29.19 4.47
CA GLY A 32 2.83 -30.22 5.44
C GLY A 32 1.43 -30.74 5.25
N LEU A 33 1.11 -31.78 6.03
CA LEU A 33 -0.24 -32.35 6.03
C LEU A 33 -0.58 -32.74 7.45
N ASP A 34 -1.55 -32.06 8.03
CA ASP A 34 -2.04 -32.40 9.36
C ASP A 34 -3.13 -33.45 9.24
N VAL A 35 -2.95 -34.57 9.92
CA VAL A 35 -3.95 -35.61 9.91
C VAL A 35 -4.62 -35.71 11.28
N LYS A 36 -5.94 -35.64 11.28
CA LYS A 36 -6.70 -35.77 12.50
C LYS A 36 -7.78 -36.87 12.37
N ILE A 37 -7.76 -37.81 13.30
CA ILE A 37 -8.87 -38.76 13.41
C ILE A 37 -9.60 -38.49 14.71
N THR A 38 -10.92 -38.39 14.64
CA THR A 38 -11.74 -38.00 15.79
C THR A 38 -12.94 -38.92 15.96
N GLY A 39 -13.24 -39.25 17.21
CA GLY A 39 -14.51 -39.87 17.59
C GLY A 39 -15.25 -38.86 18.46
N GLU A 40 -16.52 -38.66 18.18
CA GLU A 40 -17.36 -37.85 19.04
C GLU A 40 -18.56 -38.66 19.50
N SER A 41 -18.83 -38.58 20.80
CA SER A 41 -20.01 -39.21 21.41
C SER A 41 -20.84 -38.13 22.10
N GLU A 42 -22.10 -38.00 21.70
CA GLU A 42 -22.96 -36.93 22.18
C GLU A 42 -24.35 -37.49 22.40
N ASN A 43 -24.93 -37.17 23.56
CA ASN A 43 -26.13 -37.83 24.04
C ASN A 43 -26.50 -37.25 25.40
N ASP A 44 -27.53 -36.41 25.45
CA ASP A 44 -28.35 -36.07 24.29
C ASP A 44 -28.50 -34.54 24.23
N ARG A 45 -28.12 -33.97 23.10
CA ARG A 45 -28.04 -32.52 22.98
C ARG A 45 -29.31 -31.80 23.43
N ASP A 46 -30.47 -32.43 23.18
CA ASP A 46 -31.74 -31.79 23.51
C ASP A 46 -32.36 -32.41 24.76
N LEU A 47 -31.59 -33.26 25.43
CA LEU A 47 -32.01 -33.86 26.70
C LEU A 47 -33.28 -34.68 26.55
N GLY A 48 -33.45 -35.27 25.37
CA GLY A 48 -34.57 -36.18 25.13
C GLY A 48 -35.90 -35.48 24.89
N THR A 49 -35.85 -34.31 24.25
CA THR A 49 -37.06 -33.52 24.04
C THR A 49 -37.38 -33.32 22.55
N ALA A 50 -36.47 -33.80 21.69
CA ALA A 50 -36.66 -33.68 20.24
C ALA A 50 -35.97 -34.86 19.53
N PRO A 51 -36.32 -35.09 18.26
CA PRO A 51 -35.59 -36.11 17.46
C PRO A 51 -34.17 -35.64 17.16
N GLY A 52 -33.21 -36.57 17.18
CA GLY A 52 -31.82 -36.24 16.90
C GLY A 52 -31.00 -35.97 18.15
N GLY A 53 -30.13 -34.96 18.09
CA GLY A 53 -29.34 -34.53 19.23
C GLY A 53 -28.25 -35.48 19.71
N THR A 54 -28.14 -36.67 19.12
CA THR A 54 -27.13 -37.62 19.52
C THR A 54 -26.16 -37.94 18.39
N LEU A 55 -24.94 -38.35 18.78
CA LEU A 55 -23.91 -38.80 17.86
C LEU A 55 -23.07 -39.83 18.58
N ASN A 56 -22.51 -40.78 17.82
CA ASN A 56 -21.49 -41.68 18.33
C ASN A 56 -20.69 -42.14 17.12
N ASP A 57 -19.81 -41.24 16.66
CA ASP A 57 -19.31 -41.30 15.30
C ASP A 57 -17.83 -40.97 15.14
N ILE A 58 -17.31 -41.25 13.94
CA ILE A 58 -15.88 -41.15 13.69
C ILE A 58 -15.60 -40.40 12.41
N GLY A 59 -14.49 -39.67 12.37
CA GLY A 59 -14.18 -38.88 11.20
C GLY A 59 -12.69 -38.72 11.03
N ILE A 60 -12.25 -38.60 9.79
CA ILE A 60 -10.87 -38.26 9.51
C ILE A 60 -10.82 -36.87 8.86
N ASP A 61 -9.80 -36.11 9.19
CA ASP A 61 -9.72 -34.72 8.78
C ASP A 61 -8.30 -34.48 8.29
N LEU A 62 -8.18 -34.05 7.04
CA LEU A 62 -6.88 -33.86 6.40
C LEU A 62 -6.69 -32.38 6.07
N ARG A 63 -5.55 -31.83 6.43
CA ARG A 63 -5.33 -30.41 6.21
C ARG A 63 -3.97 -30.13 5.61
N PRO A 64 -3.87 -30.20 4.27
CA PRO A 64 -2.62 -29.87 3.57
C PRO A 64 -2.40 -28.38 3.67
N TRP A 65 -1.17 -27.95 3.90
CA TRP A 65 -0.88 -26.52 3.94
C TRP A 65 0.43 -26.17 3.24
N ALA A 66 0.55 -24.90 2.85
CA ALA A 66 1.77 -24.39 2.23
C ALA A 66 2.14 -23.02 2.80
N PHE A 67 3.41 -22.88 3.20
CA PHE A 67 3.91 -21.64 3.75
C PHE A 67 5.15 -21.17 3.00
N GLY A 68 5.25 -19.87 2.79
CA GLY A 68 6.35 -19.25 2.07
C GLY A 68 6.72 -17.87 2.58
N GLN A 69 8.01 -17.55 2.56
CA GLN A 69 8.54 -16.32 3.13
C GLN A 69 9.71 -15.74 2.30
N TRP A 70 9.55 -14.50 1.84
CA TRP A 70 10.60 -13.81 1.06
C TRP A 70 10.65 -12.32 1.36
N GLY A 71 11.77 -11.87 1.92
CA GLY A 71 11.88 -10.54 2.42
C GLY A 71 10.89 -10.35 3.58
N ASP A 72 10.18 -9.24 3.55
CA ASP A 72 9.27 -8.88 4.63
C ASP A 72 7.92 -9.52 4.37
N TRP A 73 7.84 -10.26 3.28
CA TRP A 73 6.55 -10.88 2.92
C TRP A 73 6.47 -12.36 3.29
N SER A 74 5.25 -12.82 3.55
CA SER A 74 4.95 -14.24 3.71
C SER A 74 3.52 -14.51 3.27
N ALA A 75 3.22 -15.75 2.93
CA ALA A 75 1.88 -16.12 2.48
C ALA A 75 1.56 -17.51 3.02
N TYR A 76 0.28 -17.86 3.05
CA TYR A 76 -0.13 -19.09 3.69
C TYR A 76 -1.49 -19.58 3.21
N PHE A 77 -1.56 -20.88 2.93
CA PHE A 77 -2.83 -21.51 2.61
C PHE A 77 -2.96 -22.79 3.44
N GLY A 79 -5.88 -25.96 3.46
CA GLY A 79 -7.13 -26.55 3.00
C GLY A 79 -7.60 -27.58 3.99
N GLN A 80 -8.72 -28.22 3.69
CA GLN A 80 -9.29 -29.17 4.63
C GLN A 80 -10.17 -30.19 3.90
N ALA A 81 -9.94 -31.47 4.17
CA ALA A 81 -10.80 -32.51 3.62
C ALA A 81 -11.30 -33.39 4.76
N VAL A 82 -12.61 -33.56 4.83
CA VAL A 82 -13.23 -34.29 5.93
C VAL A 82 -14.20 -35.36 5.45
N ALA A 83 -14.06 -36.56 6.00
CA ALA A 83 -15.05 -37.62 5.84
C ALA A 83 -15.33 -38.26 7.20
N ALA A 84 -16.61 -38.31 7.57
CA ALA A 84 -16.98 -38.82 8.88
C ALA A 84 -18.25 -39.68 8.78
N THR A 85 -18.51 -40.50 9.79
CA THR A 85 -19.66 -41.40 9.75
C THR A 85 -20.91 -40.60 9.98
N ASP A 86 -20.74 -39.43 10.58
CA ASP A 86 -21.86 -38.51 10.80
C ASP A 86 -21.27 -37.11 10.95
N THR A 87 -22.13 -36.12 11.12
CA THR A 87 -21.69 -34.73 11.24
C THR A 87 -21.13 -34.38 12.62
N ILE A 88 -19.91 -34.86 12.88
CA ILE A 88 -19.22 -34.58 14.15
C ILE A 88 -18.39 -33.32 14.02
N GLU A 89 -17.87 -32.83 15.13
CA GLU A 89 -16.95 -31.69 15.09
C GLU A 89 -15.51 -32.16 15.04
N THR A 90 -14.73 -31.59 14.13
CA THR A 90 -13.33 -32.00 13.99
C THR A 90 -12.36 -30.89 14.37
N ASP A 91 -12.89 -29.78 14.87
CA ASP A 91 -12.07 -28.73 15.47
C ASP A 91 -12.85 -27.94 16.52
N THR A 92 -12.18 -27.06 17.23
CA THR A 92 -12.76 -26.35 18.36
C THR A 92 -12.76 -24.83 18.19
N LEU A 93 -12.60 -24.37 16.95
CA LEU A 93 -12.49 -22.94 16.67
C LEU A 93 -13.82 -22.22 16.77
N PRO A 110 -25.12 -29.18 6.12
CA PRO A 110 -23.88 -29.90 6.44
C PRO A 110 -23.92 -31.36 5.99
N ASP A 111 -22.85 -31.81 5.34
CA ASP A 111 -22.75 -33.19 4.86
C ASP A 111 -21.77 -33.98 5.70
N LYS A 112 -21.64 -35.27 5.38
CA LYS A 112 -20.72 -36.15 6.09
C LYS A 112 -19.31 -35.94 5.56
N SER A 113 -19.22 -35.43 4.34
CA SER A 113 -17.94 -35.20 3.67
C SER A 113 -17.94 -33.81 3.05
N TYR A 114 -16.79 -33.14 3.08
CA TYR A 114 -16.67 -31.81 2.48
C TYR A 114 -15.24 -31.35 2.35
N LEU A 115 -15.06 -30.30 1.57
CA LEU A 115 -13.77 -29.67 1.39
C LEU A 115 -13.91 -28.24 1.85
N ALA A 116 -12.82 -27.67 2.33
CA ALA A 116 -12.83 -26.30 2.81
C ALA A 116 -11.47 -25.62 2.63
N ALA A 117 -11.51 -24.30 2.60
CA ALA A 117 -10.31 -23.50 2.71
C ALA A 117 -10.37 -22.85 4.08
N ARG A 118 -9.48 -23.26 4.98
CA ARG A 118 -9.52 -22.80 6.36
C ARG A 118 -8.80 -21.49 6.49
N GLU A 119 -7.59 -21.44 5.93
CA GLU A 119 -6.78 -20.23 5.97
C GLU A 119 -6.18 -19.90 4.63
N PHE A 120 -6.12 -18.60 4.33
CA PHE A 120 -5.40 -18.09 3.16
C PHE A 120 -5.08 -16.64 3.40
N TRP A 121 -3.80 -16.31 3.50
CA TRP A 121 -3.42 -14.92 3.78
C TRP A 121 -2.03 -14.53 3.28
N VAL A 122 -1.83 -13.22 3.16
CA VAL A 122 -0.53 -12.61 2.95
C VAL A 122 -0.14 -11.77 4.18
N ASP A 123 1.15 -11.75 4.49
CA ASP A 123 1.63 -11.09 5.69
C ASP A 123 2.81 -10.22 5.34
N TYR A 124 2.85 -9.02 5.89
CA TYR A 124 3.95 -8.09 5.64
C TYR A 124 4.54 -7.62 6.97
N ALA A 125 5.85 -7.81 7.13
CA ALA A 125 6.54 -7.48 8.37
C ALA A 125 7.59 -6.39 8.17
N GLY A 126 7.33 -5.46 7.28
CA GLY A 126 8.29 -4.40 6.98
C GLY A 126 7.95 -3.02 7.50
N LEU A 127 6.75 -2.84 8.05
CA LEU A 127 6.31 -1.54 8.54
C LEU A 127 7.21 -0.94 9.62
N THR A 128 7.75 -1.78 10.49
CA THR A 128 8.68 -1.32 11.51
C THR A 128 9.81 -2.30 11.70
N ALA A 129 10.80 -1.91 12.49
CA ALA A 129 11.94 -2.76 12.77
C ALA A 129 11.71 -3.72 13.94
N TYR A 130 10.49 -3.77 14.47
CA TYR A 130 10.20 -4.68 15.57
C TYR A 130 9.89 -6.10 15.07
N PRO A 131 10.66 -7.09 15.55
CA PRO A 131 10.47 -8.48 15.10
C PRO A 131 9.08 -9.02 15.44
N GLY A 132 8.43 -8.49 16.47
CA GLY A 132 7.12 -8.99 16.85
C GLY A 132 5.99 -8.27 16.14
N GLU A 133 6.33 -7.50 15.10
CA GLU A 133 5.35 -6.67 14.42
C GLU A 133 5.13 -7.14 12.98
N HIS A 134 3.86 -7.31 12.63
CA HIS A 134 3.46 -7.69 11.30
C HIS A 134 1.98 -7.41 11.05
N LEU A 135 1.63 -7.29 9.78
CA LEU A 135 0.27 -7.04 9.33
C LEU A 135 -0.20 -8.22 8.47
N ARG A 136 -1.40 -8.73 8.73
CA ARG A 136 -1.86 -9.95 8.07
C ARG A 136 -3.19 -9.77 7.37
N PHE A 137 -3.29 -10.25 6.14
CA PHE A 137 -4.48 -9.96 5.33
C PHE A 137 -5.04 -11.22 4.69
N GLY A 138 -6.35 -11.41 4.82
CA GLY A 138 -7.01 -12.61 4.33
C GLY A 138 -7.65 -13.44 5.43
N ARG A 139 -8.07 -14.66 5.11
CA ARG A 139 -8.70 -15.50 6.10
C ARG A 139 -7.64 -16.05 7.04
N GLN A 140 -7.78 -15.73 8.32
CA GLN A 140 -6.72 -16.04 9.27
C GLN A 140 -7.28 -16.40 10.65
N ARG A 141 -6.41 -16.93 11.50
CA ARG A 141 -6.79 -17.22 12.87
C ARG A 141 -6.71 -15.93 13.68
N LEU A 142 -7.86 -15.42 14.12
CA LEU A 142 -7.90 -14.34 15.13
C LEU A 142 -8.01 -14.97 16.53
N ARG A 143 -6.95 -14.87 17.33
CA ARG A 143 -7.03 -15.42 18.67
C ARG A 143 -6.46 -14.54 19.76
N GLU A 144 -7.13 -14.53 20.91
CA GLU A 144 -6.55 -13.94 22.12
C GLU A 144 -6.66 -14.94 23.27
N ASP A 145 -5.77 -14.82 24.24
CA ASP A 145 -5.52 -15.84 25.26
C ASP A 145 -6.75 -16.35 26.04
N SER A 146 -7.76 -15.52 26.22
CA SER A 146 -8.92 -15.91 27.01
C SER A 146 -9.92 -16.65 26.14
N GLY A 147 -9.87 -16.34 24.85
CA GLY A 147 -10.76 -16.98 23.91
C GLY A 147 -12.18 -16.50 24.04
N GLN A 148 -12.38 -15.47 24.85
CA GLN A 148 -13.72 -14.98 25.11
C GLN A 148 -14.12 -13.84 24.19
N TRP A 149 -13.15 -13.31 23.46
CA TRP A 149 -13.39 -12.25 22.48
C TRP A 149 -13.27 -12.75 21.06
N GLN A 150 -12.13 -13.35 20.73
CA GLN A 150 -11.90 -13.88 19.38
C GLN A 150 -11.08 -15.16 19.43
N ASP A 151 -11.61 -16.22 18.83
CA ASP A 151 -10.82 -17.43 18.59
C ASP A 151 -11.41 -18.18 17.42
N THR A 152 -11.06 -17.76 16.22
CA THR A 152 -11.80 -18.20 15.04
C THR A 152 -10.98 -17.97 13.77
N ASN A 153 -11.31 -18.66 12.69
CA ASN A 153 -10.74 -18.40 11.39
C ASN A 153 -11.71 -17.46 10.65
N ILE A 154 -11.25 -16.28 10.26
CA ILE A 154 -12.14 -15.33 9.57
C ILE A 154 -11.36 -14.41 8.62
N GLU A 155 -12.05 -13.87 7.60
CA GLU A 155 -11.41 -12.93 6.70
C GLU A 155 -11.09 -11.64 7.43
N ALA A 156 -9.83 -11.24 7.42
CA ALA A 156 -9.44 -10.11 8.26
C ALA A 156 -8.24 -9.32 7.72
N LEU A 157 -8.13 -8.08 8.20
CA LEU A 157 -6.89 -7.35 8.16
C LEU A 157 -6.52 -7.09 9.61
N ASN A 158 -5.39 -7.62 10.05
CA ASN A 158 -5.05 -7.60 11.48
C ASN A 158 -3.61 -7.23 11.68
N TRP A 159 -3.38 -6.22 12.50
CA TRP A 159 -2.04 -5.73 12.76
C TRP A 159 -1.62 -6.11 14.18
N SER A 160 -0.47 -6.77 14.28
CA SER A 160 0.02 -7.28 15.54
C SER A 160 1.32 -6.60 15.92
N PHE A 161 1.44 -6.29 17.20
CA PHE A 161 2.63 -5.66 17.74
C PHE A 161 2.91 -6.26 19.11
N GLU A 162 4.02 -7.01 19.17
CA GLU A 162 4.39 -7.69 20.40
C GLU A 162 5.83 -7.44 20.75
N THR A 163 6.05 -6.94 21.97
CA THR A 163 7.37 -6.67 22.52
C THR A 163 7.28 -6.99 24.01
N THR A 164 8.42 -7.04 24.67
CA THR A 164 8.45 -7.33 26.11
C THR A 164 7.53 -6.36 26.84
N LEU A 165 7.73 -5.07 26.60
CA LEU A 165 7.03 -4.02 27.34
C LEU A 165 5.56 -3.93 26.97
N LEU A 166 5.26 -4.07 25.70
CA LEU A 166 3.99 -3.59 25.18
C LEU A 166 3.49 -4.49 24.05
N ASN A 167 2.27 -4.98 24.18
CA ASN A 167 1.57 -5.66 23.10
C ASN A 167 0.38 -4.80 22.68
N ALA A 168 0.09 -4.79 21.38
CA ALA A 168 -1.06 -4.09 20.85
C ALA A 168 -1.52 -4.81 19.59
N HIS A 169 -2.80 -4.71 19.27
CA HIS A 169 -3.34 -5.34 18.08
C HIS A 169 -4.49 -4.45 17.63
N ALA A 170 -4.71 -4.41 16.31
CA ALA A 170 -5.83 -3.67 15.76
C ALA A 170 -6.21 -4.32 14.44
N GLY A 171 -7.50 -4.39 14.15
CA GLY A 171 -7.92 -5.11 12.97
C GLY A 171 -9.39 -4.93 12.63
N VAL A 172 -9.78 -5.41 11.46
CA VAL A 172 -11.17 -5.41 11.05
C VAL A 172 -11.40 -6.79 10.47
N ALA A 173 -12.65 -7.25 10.50
CA ALA A 173 -12.97 -8.58 10.00
C ALA A 173 -14.42 -8.69 9.57
N GLN A 174 -14.69 -9.65 8.72
CA GLN A 174 -16.04 -9.94 8.28
C GLN A 174 -16.07 -11.28 7.56
N ARG A 175 -17.14 -12.04 7.78
CA ARG A 175 -17.33 -13.29 7.06
C ARG A 175 -18.07 -13.04 5.76
N PHE A 176 -17.52 -13.53 4.64
CA PHE A 176 -18.25 -13.47 3.38
C PHE A 176 -18.70 -14.86 2.96
N SER A 177 -18.10 -15.87 3.57
CA SER A 177 -18.41 -17.25 3.21
C SER A 177 -17.82 -18.22 4.22
N GLU A 178 -18.30 -19.46 4.18
CA GLU A 178 -17.75 -20.55 5.00
C GLU A 178 -16.59 -21.23 4.28
N TYR A 179 -16.49 -20.95 2.98
CA TYR A 179 -15.52 -21.62 2.09
C TYR A 179 -15.56 -23.14 2.25
N ARG A 180 -16.77 -23.68 2.33
CA ARG A 180 -16.99 -25.12 2.46
C ARG A 180 -17.89 -25.62 1.34
N THR A 181 -17.59 -26.81 0.83
CA THR A 181 -18.40 -27.38 -0.23
C THR A 181 -19.83 -27.75 0.19
N ASP A 182 -20.07 -27.83 1.50
CA ASP A 182 -21.38 -28.28 1.99
C ASP A 182 -22.29 -27.16 2.52
N LEU A 183 -21.75 -25.94 2.62
CA LEU A 183 -22.55 -24.80 3.05
C LEU A 183 -22.67 -23.75 1.95
N ASP A 184 -23.87 -23.23 1.76
CA ASP A 184 -24.17 -22.34 0.64
C ASP A 184 -24.42 -20.90 1.11
N GLU A 185 -24.89 -20.77 2.35
CA GLU A 185 -25.28 -19.47 2.87
C GLU A 185 -24.77 -19.28 4.29
N LEU A 186 -24.32 -18.06 4.58
CA LEU A 186 -23.85 -17.69 5.90
C LEU A 186 -24.93 -17.87 6.95
N ALA A 187 -24.53 -18.09 8.20
CA ALA A 187 -25.45 -17.98 9.31
C ALA A 187 -25.93 -16.55 9.36
N PRO A 188 -27.22 -16.36 9.68
CA PRO A 188 -27.84 -15.02 9.71
C PRO A 188 -27.10 -14.01 10.59
N GLU A 189 -26.50 -14.46 11.68
CA GLU A 189 -25.81 -13.54 12.57
C GLU A 189 -24.52 -13.02 11.95
N ASP A 190 -23.97 -13.78 10.98
CA ASP A 190 -22.75 -13.36 10.32
C ASP A 190 -22.98 -12.50 9.06
N LYS A 191 -24.14 -12.66 8.45
CA LYS A 191 -24.45 -11.94 7.21
C LYS A 191 -24.36 -10.42 7.39
N ASP A 192 -23.45 -9.80 6.65
CA ASP A 192 -23.31 -8.34 6.65
C ASP A 192 -22.90 -7.77 8.00
N ARG A 193 -22.22 -8.58 8.82
CA ARG A 193 -21.72 -8.08 10.10
C ARG A 193 -20.23 -7.79 10.04
N THR A 194 -19.87 -6.53 10.29
CA THR A 194 -18.47 -6.13 10.32
C THR A 194 -17.94 -6.01 11.76
N HIS A 195 -16.67 -6.30 11.93
CA HIS A 195 -16.02 -6.26 13.23
C HIS A 195 -14.81 -5.35 13.16
N VAL A 196 -14.70 -4.45 14.12
CA VAL A 196 -13.49 -3.67 14.28
C VAL A 196 -13.07 -3.85 15.72
N PHE A 197 -11.77 -3.96 15.96
CA PHE A 197 -11.32 -4.37 17.28
C PHE A 197 -9.89 -3.95 17.49
N GLY A 198 -9.50 -3.81 18.74
CA GLY A 198 -8.13 -3.50 19.09
C GLY A 198 -7.86 -3.82 20.55
N ASP A 199 -6.59 -3.79 20.94
CA ASP A 199 -6.19 -4.05 22.31
C ASP A 199 -4.81 -3.50 22.51
N ILE A 200 -4.51 -3.16 23.75
CA ILE A 200 -3.19 -2.69 24.13
C ILE A 200 -2.95 -3.01 25.60
N SER A 201 -1.78 -3.51 25.90
CA SER A 201 -1.50 -3.99 27.24
C SER A 201 -0.02 -3.90 27.48
N THR A 202 0.35 -3.82 28.76
CA THR A 202 1.74 -3.77 29.12
C THR A 202 2.07 -4.79 30.20
N GLN A 203 3.35 -5.16 30.27
CA GLN A 203 3.81 -6.04 31.32
C GLN A 203 4.45 -5.16 32.37
N TRP A 204 3.69 -4.84 33.42
CA TRP A 204 4.11 -3.80 34.38
C TRP A 204 5.10 -4.33 35.41
N ALA A 205 5.12 -5.64 35.55
CA ALA A 205 6.06 -6.33 36.42
C ALA A 205 6.22 -7.72 35.79
N PRO A 206 7.36 -8.38 36.02
CA PRO A 206 7.56 -9.65 35.30
C PRO A 206 6.40 -10.63 35.50
N HIS A 207 5.80 -11.05 34.38
CA HIS A 207 4.72 -12.03 34.37
C HIS A 207 3.35 -11.45 34.71
N HIS A 208 3.29 -10.21 35.16
CA HIS A 208 2.00 -9.54 35.35
C HIS A 208 1.67 -8.53 34.24
N ARG A 209 0.51 -8.69 33.62
CA ARG A 209 0.07 -7.80 32.53
C ARG A 209 -1.24 -7.10 32.87
N ILE A 210 -1.43 -5.91 32.34
CA ILE A 210 -2.72 -5.26 32.42
C ILE A 210 -2.97 -4.52 31.13
N GLY A 211 -4.23 -4.45 30.71
CA GLY A 211 -4.53 -3.80 29.46
C GLY A 211 -5.99 -3.53 29.20
N VAL A 212 -6.25 -2.89 28.07
CA VAL A 212 -7.62 -2.60 27.67
C VAL A 212 -7.86 -3.31 26.35
N ARG A 213 -9.13 -3.44 25.99
CA ARG A 213 -9.50 -4.18 24.81
C ARG A 213 -10.84 -3.65 24.36
N ILE A 214 -11.00 -3.51 23.06
CA ILE A 214 -12.23 -2.98 22.50
C ILE A 214 -12.63 -3.79 21.29
N HIS A 215 -13.92 -3.83 21.00
CA HIS A 215 -14.45 -4.57 19.87
C HIS A 215 -15.77 -3.91 19.51
N HIS A 216 -16.07 -3.86 18.23
CA HIS A 216 -17.30 -3.24 17.79
C HIS A 216 -17.87 -4.06 16.66
N ALA A 217 -19.18 -4.29 16.70
CA ALA A 217 -19.86 -5.04 15.65
C ALA A 217 -21.03 -4.25 15.11
N ASP A 218 -21.13 -4.20 13.78
CA ASP A 218 -22.23 -3.53 13.13
C ASP A 218 -23.03 -4.48 12.25
N ASP A 219 -24.29 -4.68 12.60
CA ASP A 219 -25.21 -5.44 11.76
C ASP A 219 -25.86 -4.47 10.78
N SER A 220 -25.27 -4.36 9.60
CA SER A 220 -25.79 -3.50 8.55
C SER A 220 -26.68 -4.31 7.59
N GLY A 221 -27.56 -5.11 8.16
CA GLY A 221 -28.53 -5.84 7.37
C GLY A 221 -29.83 -5.05 7.28
N HIS A 222 -30.64 -5.40 6.29
CA HIS A 222 -31.96 -4.81 6.13
C HIS A 222 -33.02 -5.81 6.58
N LEU A 223 -33.25 -5.87 7.89
CA LEU A 223 -34.22 -6.78 8.48
C LEU A 223 -35.46 -6.97 7.61
N ARG A 224 -35.88 -8.23 7.46
CA ARG A 224 -37.05 -8.55 6.65
C ARG A 224 -38.21 -7.59 6.90
N ARG A 225 -38.58 -6.85 5.85
CA ARG A 225 -39.65 -5.86 5.91
C ARG A 225 -40.97 -6.45 6.40
N PRO A 226 -41.85 -5.60 6.95
CA PRO A 226 -43.14 -6.06 7.49
C PRO A 226 -43.99 -6.75 6.43
N GLY A 227 -44.42 -7.97 6.69
CA GLY A 227 -45.25 -8.70 5.76
C GLY A 227 -44.59 -9.97 5.24
N GLU A 228 -43.39 -9.81 4.69
CA GLU A 228 -42.65 -10.94 4.12
C GLU A 228 -42.55 -12.12 5.08
N GLU A 229 -42.31 -13.31 4.51
CA GLU A 229 -42.15 -14.53 5.31
C GLU A 229 -40.71 -14.63 5.81
N VAL A 230 -40.56 -14.73 7.13
CA VAL A 230 -39.23 -14.80 7.73
C VAL A 230 -38.59 -16.14 7.48
N ASP A 231 -37.44 -16.14 6.79
CA ASP A 231 -36.68 -17.34 6.54
C ASP A 231 -35.94 -17.78 7.79
N ASN A 232 -35.64 -19.07 7.88
CA ASN A 232 -34.81 -19.56 8.97
C ASN A 232 -33.39 -19.01 8.84
N LEU A 233 -33.02 -18.65 7.61
CA LEU A 233 -31.70 -18.10 7.32
C LEU A 233 -31.71 -16.58 7.36
N ASP A 234 -32.80 -16.01 7.82
CA ASP A 234 -32.90 -14.56 7.96
C ASP A 234 -32.49 -14.14 9.36
N LYS A 235 -32.02 -12.90 9.48
CA LYS A 235 -31.56 -12.38 10.76
C LYS A 235 -32.70 -12.28 11.78
N THR A 236 -32.37 -12.41 13.06
CA THR A 236 -33.36 -12.19 14.12
C THR A 236 -33.25 -10.78 14.72
N TYR A 237 -32.24 -10.02 14.30
CA TYR A 237 -32.07 -8.64 14.75
C TYR A 237 -30.91 -7.96 14.05
N THR A 238 -30.81 -6.65 14.18
CA THR A 238 -29.64 -5.91 13.73
C THR A 238 -29.32 -4.84 14.77
N GLY A 239 -28.16 -4.20 14.63
CA GLY A 239 -27.75 -3.17 15.55
C GLY A 239 -26.25 -2.95 15.54
N GLN A 240 -25.76 -2.24 16.53
CA GLN A 240 -24.34 -1.93 16.65
C GLN A 240 -23.97 -2.05 18.11
N LEU A 241 -22.83 -2.69 18.37
CA LEU A 241 -22.43 -2.99 19.73
C LEU A 241 -20.96 -2.68 19.94
N THR A 242 -20.65 -2.19 21.14
CA THR A 242 -19.26 -1.96 21.50
C THR A 242 -18.95 -2.60 22.84
N TRP A 243 -17.86 -3.36 22.90
CA TRP A 243 -17.41 -3.96 24.14
C TRP A 243 -16.18 -3.17 24.54
N LEU A 244 -16.16 -2.67 25.76
CA LEU A 244 -14.99 -2.01 26.27
C LEU A 244 -14.55 -2.76 27.51
N GLY A 245 -13.30 -3.19 27.52
CA GLY A 245 -12.86 -4.12 28.53
C GLY A 245 -11.56 -3.74 29.18
N ILE A 246 -11.42 -4.13 30.44
CA ILE A 246 -10.14 -4.05 31.10
C ILE A 246 -9.80 -5.49 31.47
N GLU A 247 -8.50 -5.82 31.50
CA GLU A 247 -8.09 -7.17 31.86
C GLU A 247 -6.76 -7.11 32.58
N ALA A 248 -6.62 -7.96 33.59
CA ALA A 248 -5.37 -8.13 34.30
C ALA A 248 -5.07 -9.63 34.41
N THR A 249 -3.82 -10.02 34.16
CA THR A 249 -3.42 -11.42 34.30
C THR A 249 -2.06 -11.54 34.95
N GLY A 250 -1.85 -12.65 35.67
CA GLY A 250 -0.54 -13.02 36.18
C GLY A 250 -0.28 -14.45 35.77
N ASP A 251 0.34 -14.61 34.61
CA ASP A 251 0.55 -15.95 34.03
C ASP A 251 -0.72 -16.76 33.98
N ALA A 252 -1.84 -16.10 33.73
CA ALA A 252 -3.15 -16.75 33.73
C ALA A 252 -3.17 -17.94 32.80
N TYR A 253 -2.59 -17.77 31.61
CA TYR A 253 -2.68 -18.78 30.56
C TYR A 253 -1.32 -19.37 30.23
N ASN A 254 -0.40 -19.25 31.18
CA ASN A 254 0.95 -19.78 31.02
C ASN A 254 1.13 -21.09 31.78
N TYR A 255 1.25 -22.18 31.03
CA TYR A 255 1.28 -23.51 31.65
C TYR A 255 2.66 -23.85 32.18
N ARG A 256 3.63 -22.96 31.96
CA ARG A 256 4.99 -23.15 32.48
C ARG A 256 5.35 -22.03 33.44
N SER A 257 4.35 -21.52 34.16
CA SER A 257 4.58 -20.39 35.05
C SER A 257 5.65 -20.72 36.09
N SER A 258 6.53 -19.76 36.33
CA SER A 258 7.51 -19.80 37.41
C SER A 258 6.91 -19.31 38.73
N PRO A 260 4.09 -19.37 41.88
CA PRO A 260 3.18 -20.27 42.58
C PRO A 260 1.72 -19.81 42.47
N LEU A 261 1.46 -18.51 42.45
CA LEU A 261 0.09 -18.03 42.28
C LEU A 261 -0.15 -17.33 40.94
N ASN A 262 -1.10 -17.83 40.15
CA ASN A 262 -1.52 -17.18 38.91
C ASN A 262 -2.95 -16.72 39.03
N TYR A 263 -3.34 -15.75 38.21
CA TYR A 263 -4.67 -15.18 38.31
C TYR A 263 -5.09 -14.56 36.99
N TRP A 264 -6.40 -14.37 36.85
CA TRP A 264 -6.93 -13.56 35.79
C TRP A 264 -8.10 -12.76 36.32
N ALA A 265 -8.30 -11.57 35.76
CA ALA A 265 -9.46 -10.75 36.09
C ALA A 265 -9.76 -9.83 34.92
N SER A 266 -11.02 -9.81 34.49
CA SER A 266 -11.45 -8.98 33.39
C SER A 266 -12.84 -8.45 33.68
N ALA A 267 -13.09 -7.21 33.26
CA ALA A 267 -14.41 -6.61 33.36
C ALA A 267 -14.69 -5.99 32.02
N THR A 268 -15.90 -6.19 31.51
CA THR A 268 -16.24 -5.72 30.19
C THR A 268 -17.60 -5.06 30.14
N TRP A 269 -17.66 -3.84 29.60
CA TRP A 269 -18.92 -3.13 29.44
C TRP A 269 -19.38 -3.22 28.01
N LEU A 270 -20.66 -3.52 27.82
CA LEU A 270 -21.27 -3.67 26.50
C LEU A 270 -22.31 -2.60 26.33
N THR A 271 -22.24 -1.86 25.23
CA THR A 271 -23.18 -0.78 24.99
C THR A 271 -23.43 -0.59 23.51
N GLY A 272 -24.64 -0.18 23.18
CA GLY A 272 -25.03 0.03 21.80
C GLY A 272 -26.55 -0.06 21.72
N ASP A 273 -27.06 -0.62 20.64
CA ASP A 273 -28.50 -0.75 20.47
C ASP A 273 -28.83 -1.93 19.56
N ARG A 274 -30.08 -2.33 19.54
CA ARG A 274 -30.54 -3.43 18.71
C ARG A 274 -31.93 -3.14 18.17
N ASP A 275 -32.19 -3.65 16.97
CA ASP A 275 -33.53 -3.67 16.39
C ASP A 275 -33.94 -5.13 16.19
N ASN A 276 -34.85 -5.61 17.03
CA ASN A 276 -35.24 -7.02 17.03
C ASN A 276 -36.53 -7.30 16.27
N LEU A 277 -36.48 -8.33 15.43
CA LEU A 277 -37.63 -8.75 14.63
C LEU A 277 -38.69 -9.42 15.51
N THR A 278 -39.96 -9.15 15.23
CA THR A 278 -41.05 -9.73 16.00
C THR A 278 -41.65 -11.00 15.37
N ARG A 286 -44.07 -18.19 9.90
CA ARG A 286 -43.52 -16.98 10.49
C ARG A 286 -43.61 -15.80 9.53
N ILE A 287 -44.40 -14.78 9.90
CA ILE A 287 -44.53 -13.58 9.09
C ILE A 287 -44.05 -12.35 9.87
N ALA A 288 -43.40 -11.42 9.17
CA ALA A 288 -42.81 -10.25 9.82
C ALA A 288 -43.87 -9.22 10.26
N THR A 289 -43.96 -8.99 11.56
CA THR A 289 -44.88 -7.98 12.10
C THR A 289 -44.22 -6.61 12.23
N GLY A 290 -42.89 -6.61 12.37
CA GLY A 290 -42.15 -5.38 12.56
C GLY A 290 -40.94 -5.57 13.45
N LYS A 291 -40.50 -4.51 14.11
CA LYS A 291 -39.31 -4.56 14.94
C LYS A 291 -39.47 -3.81 16.27
N GLN A 292 -38.75 -4.25 17.29
CA GLN A 292 -38.63 -3.50 18.54
C GLN A 292 -37.19 -3.06 18.74
N SER A 293 -36.96 -1.75 18.63
CA SER A 293 -35.64 -1.17 18.85
C SER A 293 -35.42 -0.88 20.32
N GLY A 294 -34.17 -0.95 20.77
CA GLY A 294 -33.86 -0.69 22.16
C GLY A 294 -32.37 -0.60 22.43
N ASP A 295 -32.00 0.16 23.45
CA ASP A 295 -30.61 0.30 23.85
C ASP A 295 -30.10 -0.95 24.56
N VAL A 296 -28.79 -1.12 24.58
CA VAL A 296 -28.16 -2.22 25.32
C VAL A 296 -27.10 -1.66 26.24
N ASN A 297 -27.21 -1.99 27.53
CA ASN A 297 -26.18 -1.63 28.50
C ASN A 297 -25.99 -2.78 29.47
N ALA A 298 -24.85 -3.43 29.38
CA ALA A 298 -24.69 -4.72 29.98
C ALA A 298 -23.28 -4.86 30.44
N PHE A 299 -23.01 -5.93 31.17
CA PHE A 299 -21.72 -6.07 31.83
C PHE A 299 -21.36 -7.53 31.98
N GLY A 300 -20.06 -7.79 31.92
CA GLY A 300 -19.54 -9.14 32.03
C GLY A 300 -18.24 -9.10 32.79
N VAL A 301 -18.00 -10.15 33.56
CA VAL A 301 -16.80 -10.21 34.39
C VAL A 301 -16.34 -11.65 34.47
N ASP A 302 -15.05 -11.85 34.72
CA ASP A 302 -14.48 -13.18 34.78
C ASP A 302 -13.25 -13.09 35.67
N LEU A 303 -13.21 -13.93 36.68
CA LEU A 303 -12.13 -13.93 37.67
C LEU A 303 -11.65 -15.34 37.90
N GLY A 304 -10.37 -15.49 38.18
CA GLY A 304 -9.82 -16.80 38.45
C GLY A 304 -8.53 -16.75 39.24
N LEU A 305 -8.31 -17.79 40.04
CA LEU A 305 -7.08 -17.96 40.79
C LEU A 305 -6.58 -19.36 40.48
N ARG A 306 -5.28 -19.49 40.27
CA ARG A 306 -4.69 -20.79 40.08
C ARG A 306 -3.44 -20.90 40.94
N TRP A 307 -3.35 -22.00 41.67
CA TRP A 307 -2.18 -22.26 42.49
C TRP A 307 -1.38 -23.38 41.85
N ASN A 308 -0.17 -23.06 41.45
CA ASN A 308 0.74 -24.07 40.97
C ASN A 308 1.38 -24.69 42.20
N ILE A 309 0.80 -25.78 42.69
CA ILE A 309 1.21 -26.38 43.94
C ILE A 309 2.69 -26.74 43.81
N ASP A 310 3.01 -27.51 42.78
CA ASP A 310 4.41 -27.76 42.43
C ASP A 310 4.55 -27.80 40.90
N GLU A 311 5.58 -28.47 40.40
CA GLU A 311 5.81 -28.48 38.94
C GLU A 311 4.76 -29.27 38.17
N GLN A 312 4.10 -30.21 38.85
CA GLN A 312 3.13 -31.09 38.21
C GLN A 312 1.67 -30.80 38.57
N TRP A 313 1.42 -30.47 39.84
CA TRP A 313 0.05 -30.37 40.35
C TRP A 313 -0.43 -28.92 40.52
N LYS A 314 -1.67 -28.67 40.11
CA LYS A 314 -2.25 -27.33 40.17
C LYS A 314 -3.71 -27.40 40.57
N ALA A 315 -4.22 -26.35 41.20
CA ALA A 315 -5.63 -26.26 41.55
C ALA A 315 -6.07 -24.80 41.51
N GLY A 316 -7.34 -24.55 41.25
CA GLY A 316 -7.78 -23.19 41.09
C GLY A 316 -9.27 -23.09 41.14
N VAL A 317 -9.77 -21.86 41.22
CA VAL A 317 -11.19 -21.59 41.30
C VAL A 317 -11.50 -20.45 40.33
N GLY A 318 -12.75 -20.31 39.95
CA GLY A 318 -13.10 -19.24 39.05
C GLY A 318 -14.55 -18.81 39.17
N TYR A 319 -14.81 -17.59 38.74
CA TYR A 319 -16.15 -17.03 38.73
C TYR A 319 -16.30 -16.15 37.50
N ALA A 320 -17.48 -16.17 36.90
CA ALA A 320 -17.76 -15.33 35.73
C ALA A 320 -19.24 -15.04 35.74
N ARG A 321 -19.59 -13.85 35.26
CA ARG A 321 -20.98 -13.47 35.13
C ARG A 321 -21.16 -12.60 33.89
N GLY A 322 -22.22 -12.85 33.16
CA GLY A 322 -22.67 -11.93 32.11
C GLY A 322 -24.09 -11.53 32.46
N SER A 323 -24.31 -10.22 32.54
CA SER A 323 -25.59 -9.71 32.98
C SER A 323 -26.70 -10.19 32.06
N GLY A 324 -27.93 -10.10 32.54
CA GLY A 324 -29.07 -10.49 31.72
C GLY A 324 -30.31 -9.70 32.12
N GLY A 325 -31.39 -9.89 31.36
CA GLY A 325 -32.66 -9.27 31.69
C GLY A 325 -32.78 -7.80 31.33
N GLY A 326 -33.54 -7.08 32.14
CA GLY A 326 -33.89 -5.71 31.84
C GLY A 326 -35.00 -5.67 30.80
N LYS A 327 -35.55 -4.48 30.57
CA LYS A 327 -36.64 -4.30 29.62
C LYS A 327 -36.15 -4.55 28.20
N ASP A 328 -36.83 -5.48 27.51
CA ASP A 328 -36.49 -5.80 26.13
C ASP A 328 -35.06 -6.31 26.00
N GLY A 329 -34.51 -6.83 27.09
CA GLY A 329 -33.17 -7.39 27.07
C GLY A 329 -32.08 -6.33 27.14
N GLU A 330 -32.42 -5.16 27.67
CA GLU A 330 -31.48 -4.05 27.76
C GLU A 330 -30.18 -4.42 28.45
N GLU A 331 -30.25 -5.27 29.47
CA GLU A 331 -29.08 -5.61 30.28
C GLU A 331 -28.54 -7.00 29.99
N GLN A 332 -29.00 -7.60 28.89
CA GLN A 332 -28.52 -8.91 28.47
C GLN A 332 -27.12 -8.80 27.87
N PHE A 333 -26.11 -9.21 28.62
CA PHE A 333 -24.77 -9.22 28.07
C PHE A 333 -24.72 -10.27 26.96
N GLN A 334 -23.74 -10.12 26.07
CA GLN A 334 -23.47 -11.11 25.03
C GLN A 334 -22.01 -10.96 24.57
N GLN A 335 -21.44 -12.02 24.01
CA GLN A 335 -20.08 -11.99 23.48
C GLN A 335 -20.01 -11.59 21.99
N THR A 336 -18.79 -11.39 21.49
CA THR A 336 -18.59 -10.83 20.14
C THR A 336 -19.20 -11.69 19.05
N GLY A 337 -19.25 -13.00 19.28
CA GLY A 337 -19.65 -13.94 18.23
C GLY A 337 -18.47 -14.60 17.54
N LEU A 338 -17.26 -14.18 17.88
CA LEU A 338 -16.03 -14.69 17.30
C LEU A 338 -15.28 -15.61 18.28
N GLU A 339 -15.84 -15.69 19.48
CA GLU A 339 -15.19 -16.35 20.61
C GLU A 339 -15.37 -17.86 20.59
N SER A 340 -14.41 -18.59 21.12
CA SER A 340 -14.58 -20.02 21.41
C SER A 340 -14.76 -20.27 22.90
N ASN A 341 -14.42 -19.28 23.73
CA ASN A 341 -14.37 -19.51 25.18
C ASN A 341 -13.44 -20.62 25.64
N ARG A 342 -12.41 -20.94 24.86
CA ARG A 342 -11.43 -21.94 25.28
C ARG A 342 -10.09 -21.29 25.58
N SER A 343 -9.42 -21.79 26.61
CA SER A 343 -8.13 -21.26 27.04
C SER A 343 -7.35 -22.29 27.85
N ASN A 344 -6.09 -21.96 28.17
CA ASN A 344 -5.25 -22.73 29.08
C ASN A 344 -5.48 -22.37 30.57
N PHE A 345 -6.72 -22.10 30.97
CA PHE A 345 -6.97 -21.66 32.36
C PHE A 345 -6.66 -22.70 33.44
N THR A 346 -6.60 -23.99 33.10
CA THR A 346 -6.22 -24.98 34.11
C THR A 346 -4.71 -25.12 34.23
N GLY A 347 -3.97 -24.35 33.43
CA GLY A 347 -2.52 -24.35 33.49
C GLY A 347 -1.84 -25.52 32.82
N THR A 348 -2.49 -26.14 31.85
CA THR A 348 -1.82 -27.20 31.05
C THR A 348 -1.63 -26.76 29.59
N ARG A 349 -0.87 -27.53 28.81
CA ARG A 349 -0.73 -27.25 27.37
C ARG A 349 -2.08 -27.35 26.71
N SER A 350 -2.95 -28.20 27.26
CA SER A 350 -4.26 -28.42 26.68
C SER A 350 -5.20 -27.27 27.02
N ARG A 351 -5.87 -26.73 26.01
CA ARG A 351 -6.92 -25.77 26.25
C ARG A 351 -8.18 -26.52 26.71
N VAL A 352 -9.09 -25.81 27.38
CA VAL A 352 -10.29 -26.40 27.96
C VAL A 352 -11.39 -25.36 27.83
N HIS A 353 -12.61 -25.78 27.51
CA HIS A 353 -13.70 -24.83 27.40
C HIS A 353 -14.02 -24.19 28.75
N ARG A 354 -13.88 -22.88 28.81
CA ARG A 354 -14.03 -22.15 30.05
C ARG A 354 -15.35 -22.44 30.74
N PHE A 355 -16.37 -22.77 29.97
CA PHE A 355 -17.70 -22.99 30.51
C PHE A 355 -18.28 -24.34 30.11
N GLY A 356 -17.42 -25.35 30.05
CA GLY A 356 -17.86 -26.73 29.95
C GLY A 356 -17.84 -27.29 28.53
N GLU A 357 -17.16 -28.41 28.36
N GLU A 357 -17.14 -28.40 28.32
CA GLU A 357 -17.09 -29.09 27.06
CA GLU A 357 -17.13 -29.04 27.00
C GLU A 357 -18.46 -29.61 26.66
C GLU A 357 -18.56 -29.33 26.61
N ALA A 358 -19.40 -29.59 27.60
CA ALA A 358 -20.73 -30.06 27.34
C ALA A 358 -21.71 -28.89 27.25
N PHE A 359 -21.82 -28.13 28.33
CA PHE A 359 -22.73 -26.99 28.35
C PHE A 359 -22.26 -25.91 27.36
N ARG A 360 -20.95 -25.72 27.27
CA ARG A 360 -20.38 -24.72 26.36
C ARG A 360 -21.10 -23.41 26.50
N GLY A 361 -21.19 -22.91 27.73
CA GLY A 361 -21.93 -21.68 27.99
C GLY A 361 -21.33 -20.46 27.32
N GLU A 362 -22.20 -19.60 26.82
CA GLU A 362 -21.81 -18.25 26.44
C GLU A 362 -22.07 -17.37 27.65
N LEU A 363 -21.23 -16.35 27.84
CA LEU A 363 -21.37 -15.41 28.93
C LEU A 363 -22.53 -14.46 28.68
N SER A 364 -23.74 -14.95 28.92
CA SER A 364 -24.94 -14.20 28.55
C SER A 364 -26.11 -14.57 29.46
N ASN A 365 -26.50 -13.64 30.33
CA ASN A 365 -27.50 -13.93 31.37
C ASN A 365 -27.10 -15.15 32.15
N LEU A 366 -25.80 -15.26 32.42
CA LEU A 366 -25.25 -16.50 32.91
C LEU A 366 -24.26 -16.27 34.03
N GLN A 367 -24.34 -17.09 35.07
CA GLN A 367 -23.42 -17.00 36.19
C GLN A 367 -22.80 -18.39 36.34
N ALA A 368 -21.48 -18.46 36.50
CA ALA A 368 -20.79 -19.73 36.56
C ALA A 368 -19.74 -19.74 37.67
N ALA A 369 -19.74 -20.80 38.48
CA ALA A 369 -18.68 -20.98 39.46
C ALA A 369 -17.87 -22.20 39.07
N THR A 370 -16.55 -22.14 39.27
CA THR A 370 -15.65 -23.18 38.78
C THR A 370 -14.62 -23.66 39.78
N LEU A 371 -14.39 -24.97 39.80
CA LEU A 371 -13.35 -25.57 40.62
C LEU A 371 -12.53 -26.45 39.69
N PHE A 372 -11.21 -26.49 39.87
CA PHE A 372 -10.44 -27.37 38.99
C PHE A 372 -9.12 -27.84 39.59
N GLY A 373 -8.72 -29.03 39.19
CA GLY A 373 -7.35 -29.49 39.37
C GLY A 373 -6.78 -29.92 38.03
N SER A 374 -5.45 -29.91 37.97
CA SER A 374 -4.79 -30.39 36.77
C SER A 374 -3.47 -31.01 37.16
N TRP A 375 -2.98 -31.90 36.31
CA TRP A 375 -1.72 -32.57 36.53
C TRP A 375 -1.00 -32.52 35.19
N GLN A 376 0.32 -32.53 35.24
CA GLN A 376 1.09 -32.68 34.03
C GLN A 376 2.46 -33.27 34.32
N LEU A 377 3.04 -33.91 33.30
CA LEU A 377 4.35 -34.48 33.41
C LEU A 377 5.19 -34.01 32.21
N ARG A 378 6.07 -33.06 32.46
CA ARG A 378 6.97 -32.52 31.44
C ARG A 378 6.22 -32.06 30.19
N GLU A 379 6.47 -32.72 29.06
CA GLU A 379 5.76 -32.40 27.82
C GLU A 379 5.13 -33.67 27.29
N ASP A 380 4.93 -34.64 28.18
CA ASP A 380 4.45 -35.95 27.79
C ASP A 380 2.95 -36.16 28.04
N TYR A 381 2.44 -35.57 29.11
CA TYR A 381 1.07 -35.80 29.52
C TYR A 381 0.47 -34.57 30.17
N ASP A 382 -0.83 -34.44 30.10
CA ASP A 382 -1.51 -33.55 31.03
C ASP A 382 -2.92 -34.03 31.22
N ALA A 383 -3.57 -33.52 32.26
CA ALA A 383 -4.92 -33.91 32.58
C ALA A 383 -5.53 -32.79 33.39
N SER A 384 -6.79 -32.49 33.11
CA SER A 384 -7.53 -31.50 33.85
C SER A 384 -8.85 -32.06 34.32
N LEU A 385 -9.20 -31.75 35.56
CA LEU A 385 -10.50 -32.13 36.08
C LEU A 385 -11.19 -30.84 36.52
N VAL A 386 -12.41 -30.61 36.03
CA VAL A 386 -13.05 -29.31 36.21
C VAL A 386 -14.51 -29.48 36.60
N TYR A 387 -14.94 -28.71 37.59
CA TYR A 387 -16.34 -28.78 38.04
C TYR A 387 -17.00 -27.41 37.87
N HIS A 388 -18.21 -27.37 37.32
CA HIS A 388 -18.93 -26.13 37.13
C HIS A 388 -20.31 -26.24 37.75
N LYS A 389 -20.82 -25.10 38.23
CA LYS A 389 -22.25 -24.94 38.45
C LYS A 389 -22.69 -23.69 37.72
N PHE A 390 -23.87 -23.75 37.10
CA PHE A 390 -24.36 -22.63 36.31
C PHE A 390 -25.71 -22.11 36.79
N TRP A 391 -25.86 -20.79 36.81
CA TRP A 391 -27.14 -20.17 37.10
C TRP A 391 -27.50 -19.12 36.04
N ARG A 392 -28.81 -18.94 35.81
CA ARG A 392 -29.30 -17.79 35.10
C ARG A 392 -29.22 -16.58 36.01
N VAL A 393 -28.93 -15.41 35.45
CA VAL A 393 -28.95 -14.19 36.20
C VAL A 393 -30.40 -13.67 36.34
N ASP A 394 -31.11 -13.63 35.21
CA ASP A 394 -32.51 -13.24 35.18
C ASP A 394 -33.33 -14.46 34.80
N ASP A 395 -34.16 -14.95 35.73
CA ASP A 395 -34.82 -16.24 35.56
C ASP A 395 -35.98 -16.25 34.57
N ASP A 396 -36.11 -15.18 33.79
CA ASP A 396 -37.17 -15.09 32.78
C ASP A 396 -36.63 -14.90 31.36
N SER A 397 -35.32 -14.72 31.22
CA SER A 397 -34.73 -14.54 29.89
C SER A 397 -33.91 -15.76 29.49
N ASP A 398 -33.67 -15.91 28.19
CA ASP A 398 -32.80 -16.97 27.71
C ASP A 398 -31.34 -16.70 28.09
N ILE A 399 -30.48 -17.71 27.90
CA ILE A 399 -29.07 -17.60 28.27
C ILE A 399 -28.09 -17.63 27.08
N GLY A 400 -28.45 -17.00 25.96
CA GLY A 400 -27.54 -16.99 24.83
C GLY A 400 -27.18 -18.41 24.41
N THR A 401 -26.12 -18.56 23.60
CA THR A 401 -25.77 -19.88 23.03
C THR A 401 -25.23 -20.87 24.07
N SER A 402 -25.44 -22.16 23.80
CA SER A 402 -24.87 -23.25 24.58
C SER A 402 -24.77 -24.51 23.72
N GLY A 403 -24.38 -25.60 24.35
CA GLY A 403 -24.32 -26.90 23.71
C GLY A 403 -25.52 -27.74 24.07
N ILE A 404 -26.53 -27.06 24.63
CA ILE A 404 -27.78 -27.69 25.02
C ILE A 404 -28.94 -27.04 24.27
N ASN A 405 -29.73 -27.85 23.59
CA ASN A 405 -30.90 -27.35 22.85
C ASN A 405 -32.18 -27.81 23.51
N ALA A 406 -32.57 -27.13 24.57
CA ALA A 406 -33.79 -27.45 25.30
C ALA A 406 -34.31 -26.18 25.96
N ALA A 407 -35.64 -26.08 26.06
CA ALA A 407 -36.27 -24.88 26.60
C ALA A 407 -36.05 -24.72 28.10
N LEU A 408 -35.93 -23.47 28.54
CA LEU A 408 -35.80 -23.14 29.95
C LEU A 408 -37.16 -22.81 30.56
N GLN A 409 -37.44 -23.37 31.73
CA GLN A 409 -38.67 -23.05 32.45
C GLN A 409 -38.56 -21.68 33.13
N PRO A 410 -39.56 -20.81 32.92
CA PRO A 410 -39.62 -19.49 33.54
C PRO A 410 -39.53 -19.57 35.07
N GLY A 411 -38.78 -18.68 35.68
CA GLY A 411 -38.71 -18.62 37.14
C GLY A 411 -37.69 -19.56 37.76
N GLU A 412 -37.01 -20.34 36.94
CA GLU A 412 -35.99 -21.25 37.46
C GLU A 412 -34.59 -20.78 37.09
N LYS A 413 -33.76 -20.58 38.11
CA LYS A 413 -32.39 -20.10 37.92
C LYS A 413 -31.34 -21.20 37.81
N ASP A 414 -31.70 -22.40 38.26
N ASP A 414 -31.65 -22.40 38.30
CA ASP A 414 -30.81 -23.56 38.32
CA ASP A 414 -30.66 -23.48 38.38
C ASP A 414 -30.58 -24.18 36.94
C ASP A 414 -30.48 -24.22 37.04
N ILE A 415 -29.55 -23.72 36.23
CA ILE A 415 -29.26 -24.27 34.91
C ILE A 415 -28.72 -25.69 35.03
N GLY A 416 -27.71 -25.87 35.88
CA GLY A 416 -27.17 -27.18 36.10
C GLY A 416 -25.73 -27.20 36.55
N GLN A 417 -25.10 -28.35 36.45
CA GLN A 417 -23.71 -28.48 36.85
C GLN A 417 -23.04 -29.49 35.96
N GLU A 418 -21.72 -29.47 35.94
CA GLU A 418 -21.01 -30.23 34.94
C GLU A 418 -19.65 -30.63 35.47
N LEU A 419 -19.18 -31.78 35.02
CA LEU A 419 -17.88 -32.26 35.40
C LEU A 419 -17.14 -32.55 34.10
N ASP A 420 -15.93 -32.04 33.97
CA ASP A 420 -15.18 -32.18 32.72
C ASP A 420 -13.85 -32.86 32.99
N LEU A 421 -13.42 -33.68 32.04
CA LEU A 421 -12.14 -34.34 32.11
C LEU A 421 -11.40 -34.11 30.80
N VAL A 422 -10.12 -33.75 30.91
CA VAL A 422 -9.27 -33.60 29.74
C VAL A 422 -7.96 -34.31 30.00
N VAL A 423 -7.59 -35.24 29.11
CA VAL A 423 -6.36 -36.03 29.26
C VAL A 423 -5.62 -36.10 27.92
N THR A 424 -4.34 -35.78 27.94
CA THR A 424 -3.53 -35.74 26.72
C THR A 424 -2.21 -36.47 26.88
N LYS A 425 -1.85 -37.27 25.90
CA LYS A 425 -0.51 -37.80 25.79
C LYS A 425 0.05 -37.18 24.52
N TYR A 426 1.24 -36.58 24.64
CA TYR A 426 1.90 -35.93 23.51
C TYR A 426 3.03 -36.82 23.02
N PHE A 427 3.19 -36.90 21.70
CA PHE A 427 4.29 -37.65 21.09
C PHE A 427 5.37 -36.69 20.63
N LYS A 428 6.61 -37.17 20.60
CA LYS A 428 7.76 -36.37 20.17
C LYS A 428 7.67 -35.93 18.71
N GLN A 429 7.07 -36.77 17.87
CA GLN A 429 7.02 -36.53 16.42
C GLN A 429 6.10 -35.36 16.01
N GLY A 430 6.39 -34.78 14.85
CA GLY A 430 5.58 -33.71 14.29
C GLY A 430 5.66 -32.37 15.00
N LEU A 431 6.82 -32.06 15.57
CA LEU A 431 7.02 -30.79 16.26
C LEU A 431 6.85 -29.59 15.30
N LEU A 432 5.87 -28.75 15.62
CA LEU A 432 5.51 -27.62 14.78
C LEU A 432 6.05 -26.33 15.38
N PRO A 433 6.49 -25.38 14.53
CA PRO A 433 6.99 -24.10 15.04
C PRO A 433 5.87 -23.29 15.70
N ALA A 434 6.19 -22.60 16.79
CA ALA A 434 5.20 -21.85 17.56
C ALA A 434 4.48 -20.77 16.73
N SER A 435 5.01 -20.46 15.55
CA SER A 435 4.44 -19.44 14.67
C SER A 435 3.18 -19.90 13.92
N SER A 437 -0.49 -21.33 13.49
CA SER A 437 -1.65 -20.99 14.30
C SER A 437 -2.20 -22.15 15.12
N GLN A 438 -2.04 -23.37 14.60
CA GLN A 438 -2.58 -24.56 15.24
C GLN A 438 -1.76 -25.00 16.46
N TYR A 439 -0.63 -24.34 16.66
CA TYR A 439 0.32 -24.70 17.71
C TYR A 439 -0.30 -24.77 19.11
N VAL A 440 -1.28 -23.93 19.39
CA VAL A 440 -1.89 -23.88 20.72
C VAL A 440 -2.63 -25.18 21.08
N ASP A 441 -3.20 -25.84 20.08
CA ASP A 441 -4.01 -27.04 20.29
C ASP A 441 -3.28 -28.32 19.88
N GLU A 442 -2.41 -28.19 18.88
CA GLU A 442 -1.78 -29.35 18.27
C GLU A 442 -0.33 -29.05 17.89
N PRO A 443 0.52 -28.85 18.92
CA PRO A 443 1.93 -28.46 18.78
C PRO A 443 2.79 -29.60 18.28
N SER A 444 2.30 -30.82 18.49
CA SER A 444 2.96 -32.01 17.98
C SER A 444 1.87 -33.03 17.75
N ALA A 445 2.26 -34.20 17.27
CA ALA A 445 1.36 -35.34 17.26
C ALA A 445 0.88 -35.57 18.70
N LEU A 446 -0.37 -35.96 18.86
CA LEU A 446 -0.86 -36.26 20.19
C LEU A 446 -2.12 -37.13 20.17
N ILE A 447 -2.49 -37.67 21.32
CA ILE A 447 -3.80 -38.27 21.48
C ILE A 447 -4.44 -37.67 22.72
N ARG A 448 -5.71 -37.31 22.62
CA ARG A 448 -6.39 -36.55 23.66
C ARG A 448 -7.83 -36.98 23.87
N PHE A 449 -8.23 -37.03 25.13
CA PHE A 449 -9.63 -37.23 25.49
C PHE A 449 -10.16 -35.92 26.09
N ARG A 450 -11.36 -35.57 25.69
CA ARG A 450 -11.95 -34.30 26.06
C ARG A 450 -13.42 -34.61 26.26
N GLY A 451 -13.89 -34.49 27.49
CA GLY A 451 -15.26 -34.86 27.79
C GLY A 451 -15.92 -34.01 28.84
N GLY A 452 -17.24 -33.94 28.77
CA GLY A 452 -18.05 -33.25 29.76
C GLY A 452 -19.31 -34.03 30.08
N LEU A 453 -19.66 -34.05 31.35
CA LEU A 453 -20.89 -34.67 31.80
C LEU A 453 -21.76 -33.61 32.47
N PHE A 454 -22.96 -33.39 31.92
CA PHE A 454 -23.81 -32.30 32.34
C PHE A 454 -25.04 -32.82 33.07
N LYS A 455 -25.35 -32.23 34.21
CA LYS A 455 -26.56 -32.61 34.91
C LYS A 455 -27.50 -31.42 34.93
N PRO A 456 -28.58 -31.48 34.13
CA PRO A 456 -29.50 -30.34 34.08
C PRO A 456 -30.13 -30.08 35.44
N GLY A 457 -30.31 -28.80 35.76
CA GLY A 457 -31.03 -28.41 36.97
C GLY A 457 -32.47 -28.11 36.67
N ASP A 458 -33.17 -27.53 37.66
CA ASP A 458 -34.60 -27.26 37.55
C ASP A 458 -35.00 -26.40 36.37
N ALA A 459 -34.08 -25.57 35.86
CA ALA A 459 -34.40 -24.71 34.71
C ALA A 459 -34.86 -25.53 33.52
N TYR A 460 -34.50 -26.81 33.51
CA TYR A 460 -35.03 -27.73 32.50
C TYR A 460 -36.10 -28.62 33.14
N GLY A 461 -37.33 -28.43 32.70
CA GLY A 461 -38.46 -29.09 33.33
C GLY A 461 -38.41 -30.59 33.18
N PRO A 462 -39.45 -31.28 33.68
CA PRO A 462 -39.56 -32.74 33.54
C PRO A 462 -39.66 -33.15 32.07
N GLY A 463 -39.32 -34.41 31.78
CA GLY A 463 -39.28 -34.88 30.41
C GLY A 463 -37.88 -34.83 29.86
N THR A 464 -37.03 -34.03 30.50
CA THR A 464 -35.63 -33.92 30.11
C THR A 464 -34.79 -34.97 30.82
N ASP A 465 -33.76 -35.45 30.13
CA ASP A 465 -32.86 -36.44 30.71
C ASP A 465 -32.19 -35.89 31.97
N SER A 466 -31.81 -36.79 32.87
CA SER A 466 -31.17 -36.39 34.12
C SER A 466 -29.67 -36.15 33.90
N THR A 467 -29.12 -36.77 32.88
CA THR A 467 -27.70 -36.61 32.55
C THR A 467 -27.53 -36.37 31.06
N HIS A 469 -24.00 -35.97 28.08
CA HIS A 469 -22.55 -35.89 27.89
C HIS A 469 -22.19 -35.49 26.46
N ARG A 470 -20.98 -34.96 26.31
CA ARG A 470 -20.33 -34.80 25.01
C ARG A 470 -18.88 -35.11 25.27
N ALA A 471 -18.30 -35.95 24.42
CA ALA A 471 -16.94 -36.42 24.62
C ALA A 471 -16.26 -36.72 23.29
N PHE A 472 -14.95 -36.46 23.26
CA PHE A 472 -14.16 -36.67 22.06
C PHE A 472 -12.91 -37.46 22.37
N VAL A 473 -12.47 -38.25 21.41
CA VAL A 473 -11.09 -38.66 21.36
C VAL A 473 -10.46 -38.09 20.08
N ASP A 474 -9.33 -37.39 20.23
CA ASP A 474 -8.65 -36.79 19.10
C ASP A 474 -7.28 -37.42 18.95
N PHE A 475 -6.97 -37.85 17.72
CA PHE A 475 -5.63 -38.31 17.40
C PHE A 475 -5.08 -37.42 16.28
N ILE A 476 -3.88 -36.92 16.47
CA ILE A 476 -3.28 -36.01 15.51
C ILE A 476 -1.93 -36.51 15.11
N TRP A 477 -1.71 -36.60 13.80
CA TRP A 477 -0.39 -36.90 13.26
C TRP A 477 -0.01 -35.86 12.18
N ARG A 478 1.27 -35.55 12.08
CA ARG A 478 1.71 -34.54 11.12
C ARG A 478 2.81 -35.06 10.17
N PHE A 479 2.64 -34.84 8.87
CA PHE A 479 3.66 -35.22 7.88
C PHE A 479 4.38 -34.00 7.33
N LYS B 29 14.80 24.35 0.33
CA LYS B 29 13.67 25.27 0.26
C LYS B 29 12.35 24.53 0.29
N ASN B 30 11.59 24.71 1.37
CA ASN B 30 10.31 24.03 1.53
C ASN B 30 9.17 24.86 0.98
N PHE B 31 9.43 26.15 0.81
CA PHE B 31 8.35 27.06 0.49
C PHE B 31 8.83 28.07 -0.49
N GLY B 32 7.92 28.50 -1.37
CA GLY B 32 8.24 29.52 -2.33
C GLY B 32 6.98 30.19 -2.86
N LEU B 33 7.19 31.22 -3.66
CA LEU B 33 6.09 31.93 -4.31
C LEU B 33 6.56 32.33 -5.70
N ASP B 34 5.93 31.75 -6.71
CA ASP B 34 6.21 32.09 -8.09
C ASP B 34 5.31 33.23 -8.49
N VAL B 35 5.91 34.32 -8.99
CA VAL B 35 5.14 35.46 -9.42
C VAL B 35 5.26 35.61 -10.92
N LYS B 36 4.12 35.71 -11.58
CA LYS B 36 4.08 35.88 -13.02
C LYS B 36 3.19 37.06 -13.43
N ILE B 37 3.76 37.99 -14.17
CA ILE B 37 2.98 39.04 -14.80
C ILE B 37 2.96 38.82 -16.31
N THR B 38 1.77 38.82 -16.89
CA THR B 38 1.60 38.51 -18.30
C THR B 38 0.74 39.54 -19.02
N GLY B 39 1.13 39.89 -20.24
CA GLY B 39 0.26 40.59 -21.16
C GLY B 39 -0.02 39.67 -22.34
N GLU B 40 -1.28 39.61 -22.76
CA GLU B 40 -1.65 38.85 -23.93
C GLU B 40 -2.38 39.75 -24.90
N SER B 41 -1.98 39.67 -26.17
CA SER B 41 -2.63 40.39 -27.25
C SER B 41 -3.11 39.37 -28.27
N GLU B 42 -4.40 39.39 -28.55
CA GLU B 42 -5.02 38.42 -29.45
C GLU B 42 -6.04 39.11 -30.32
N ASN B 43 -6.00 38.80 -31.61
CA ASN B 43 -6.72 39.59 -32.60
C ASN B 43 -6.43 39.01 -33.99
N ASP B 44 -7.38 38.28 -34.57
CA ASP B 44 -8.69 38.05 -33.99
C ASP B 44 -8.98 36.55 -34.06
N ARG B 45 -9.26 35.96 -32.90
CA ARG B 45 -9.41 34.50 -32.81
C ARG B 45 -10.34 33.92 -33.87
N ASP B 46 -11.40 34.65 -34.20
CA ASP B 46 -12.40 34.13 -35.13
C ASP B 46 -12.27 34.79 -36.51
N LEU B 47 -11.18 35.53 -36.69
CA LEU B 47 -10.84 36.16 -37.97
C LEU B 47 -11.94 37.11 -38.44
N GLY B 48 -12.61 37.75 -37.49
CA GLY B 48 -13.61 38.77 -37.79
C GLY B 48 -14.94 38.21 -38.26
N THR B 49 -15.34 37.06 -37.72
CA THR B 49 -16.56 36.39 -38.16
C THR B 49 -17.59 36.25 -37.04
N ALA B 50 -17.20 36.66 -35.84
CA ALA B 50 -18.08 36.59 -34.69
C ALA B 50 -17.73 37.70 -33.70
N PRO B 51 -18.64 38.00 -32.76
CA PRO B 51 -18.32 38.95 -31.68
C PRO B 51 -17.28 38.36 -30.71
N GLY B 52 -16.35 39.17 -30.24
CA GLY B 52 -15.33 38.73 -29.31
C GLY B 52 -14.03 38.35 -29.99
N GLY B 53 -13.40 37.26 -29.52
CA GLY B 53 -12.20 36.74 -30.14
C GLY B 53 -10.92 37.55 -29.98
N THR B 54 -11.02 38.73 -29.37
CA THR B 54 -9.85 39.58 -29.19
C THR B 54 -9.53 39.82 -27.71
N LEU B 55 -8.26 40.08 -27.43
CA LEU B 55 -7.75 40.44 -26.11
C LEU B 55 -6.59 41.41 -26.29
N ASN B 56 -6.41 42.30 -25.32
CA ASN B 56 -5.19 43.12 -25.22
C ASN B 56 -5.06 43.51 -23.76
N ASP B 57 -4.62 42.53 -22.97
CA ASP B 57 -4.85 42.56 -21.53
C ASP B 57 -3.67 42.08 -20.68
N ILE B 58 -3.78 42.33 -19.38
CA ILE B 58 -2.68 42.10 -18.46
C ILE B 58 -3.16 41.34 -17.22
N GLY B 59 -2.30 40.51 -16.67
CA GLY B 59 -2.69 39.72 -15.51
C GLY B 59 -1.50 39.43 -14.64
N ILE B 60 -1.75 39.28 -13.33
CA ILE B 60 -0.73 38.80 -12.42
C ILE B 60 -1.14 37.42 -11.88
N ASP B 61 -0.16 36.56 -11.70
CA ASP B 61 -0.41 35.18 -11.36
C ASP B 61 0.54 34.81 -10.24
N LEU B 62 -0.01 34.43 -9.09
CA LEU B 62 0.78 34.11 -7.90
C LEU B 62 0.62 32.63 -7.57
N ARG B 63 1.74 31.94 -7.36
CA ARG B 63 1.68 30.50 -7.10
C ARG B 63 2.54 30.10 -5.91
N PRO B 64 1.97 30.18 -4.69
CA PRO B 64 2.66 29.73 -3.48
C PRO B 64 2.76 28.22 -3.52
N TRP B 65 3.89 27.66 -3.11
CA TRP B 65 4.04 26.21 -3.06
C TRP B 65 4.79 25.73 -1.81
N ALA B 66 4.58 24.47 -1.46
CA ALA B 66 5.26 23.84 -0.34
C ALA B 66 5.77 22.44 -0.70
N PHE B 67 7.04 22.18 -0.45
CA PHE B 67 7.64 20.89 -0.72
C PHE B 67 8.30 20.34 0.54
N GLY B 68 8.20 19.04 0.73
CA GLY B 68 8.70 18.37 1.93
C GLY B 68 9.18 16.97 1.62
N GLN B 69 10.20 16.53 2.35
CA GLN B 69 10.81 15.22 2.09
C GLN B 69 11.32 14.57 3.38
N TRP B 70 10.93 13.32 3.60
CA TRP B 70 11.38 12.58 4.77
C TRP B 70 11.48 11.09 4.47
N GLY B 71 12.69 10.57 4.54
CA GLY B 71 12.96 9.21 4.10
C GLY B 71 12.69 9.07 2.62
N ASP B 72 11.92 8.04 2.28
CA ASP B 72 11.59 7.71 0.91
C ASP B 72 10.37 8.47 0.43
N TRP B 73 9.78 9.27 1.32
CA TRP B 73 8.56 10.01 1.00
C TRP B 73 8.81 11.49 0.68
N SER B 74 7.92 12.06 -0.12
CA SER B 74 7.87 13.50 -0.35
C SER B 74 6.44 13.91 -0.66
N ALA B 75 6.13 15.19 -0.48
CA ALA B 75 4.79 15.70 -0.75
C ALA B 75 4.90 17.10 -1.33
N TYR B 76 3.84 17.56 -1.98
CA TYR B 76 3.91 18.82 -2.70
C TYR B 76 2.55 19.44 -2.91
N PHE B 77 2.46 20.74 -2.68
CA PHE B 77 1.27 21.51 -3.01
C PHE B 77 1.70 22.78 -3.77
N GLY B 79 -0.57 26.23 -5.15
CA GLY B 79 -1.82 26.91 -5.36
C GLY B 79 -1.61 28.00 -6.37
N GLN B 80 -2.66 28.78 -6.62
CA GLN B 80 -2.61 29.75 -7.70
C GLN B 80 -3.62 30.86 -7.49
N ALA B 81 -3.17 32.11 -7.58
CA ALA B 81 -4.08 33.25 -7.49
C ALA B 81 -3.88 34.14 -8.69
N VAL B 82 -4.96 34.44 -9.39
CA VAL B 82 -4.87 35.20 -10.62
C VAL B 82 -5.85 36.37 -10.64
N ALA B 83 -5.34 37.53 -11.03
CA ALA B 83 -6.18 38.68 -11.35
C ALA B 83 -5.68 39.34 -12.65
N ALA B 84 -6.59 39.50 -13.59
CA ALA B 84 -6.23 40.02 -14.90
C ALA B 84 -7.29 41.00 -15.42
N THR B 85 -6.93 41.83 -16.38
CA THR B 85 -7.86 42.83 -16.91
C THR B 85 -8.91 42.17 -17.74
N ASP B 86 -8.61 40.95 -18.19
CA ASP B 86 -9.55 40.14 -18.96
C ASP B 86 -9.09 38.69 -18.85
N THR B 87 -9.83 37.79 -19.46
CA THR B 87 -9.53 36.36 -19.38
C THR B 87 -8.40 35.93 -20.33
N ILE B 88 -7.17 36.28 -19.95
CA ILE B 88 -5.98 35.91 -20.71
C ILE B 88 -5.44 34.57 -20.22
N GLU B 89 -4.48 34.01 -20.95
CA GLU B 89 -3.82 32.78 -20.50
C GLU B 89 -2.55 33.12 -19.74
N THR B 90 -2.37 32.50 -18.58
CA THR B 90 -1.21 32.76 -17.75
C THR B 90 -0.28 31.54 -17.64
N ASP B 91 -0.62 30.48 -18.36
CA ASP B 91 0.30 29.35 -18.52
C ASP B 91 0.07 28.62 -19.83
N THR B 92 0.93 27.68 -20.15
CA THR B 92 0.91 27.02 -21.46
C THR B 92 0.62 25.52 -21.38
N PRO B 110 -15.52 31.17 -16.83
CA PRO B 110 -14.21 31.75 -16.48
C PRO B 110 -14.33 33.21 -16.06
N ASP B 111 -13.68 33.57 -14.95
CA ASP B 111 -13.72 34.93 -14.44
C ASP B 111 -12.37 35.61 -14.69
N LYS B 112 -12.30 36.89 -14.34
CA LYS B 112 -11.06 37.67 -14.45
C LYS B 112 -10.13 37.34 -13.29
N SER B 113 -10.71 36.84 -12.21
CA SER B 113 -9.96 36.51 -11.00
C SER B 113 -10.40 35.14 -10.49
N TYR B 114 -9.44 34.36 -9.99
CA TYR B 114 -9.76 33.05 -9.44
C TYR B 114 -8.63 32.45 -8.61
N LEU B 115 -8.98 31.40 -7.88
CA LEU B 115 -8.02 30.66 -7.10
C LEU B 115 -8.03 29.25 -7.63
N ALA B 116 -6.89 28.56 -7.52
CA ALA B 116 -6.79 27.17 -7.96
C ALA B 116 -5.78 26.37 -7.14
N ALA B 117 -5.98 25.07 -7.15
CA ALA B 117 -4.95 24.15 -6.70
C ALA B 117 -4.38 23.49 -7.95
N ARG B 118 -3.12 23.79 -8.26
CA ARG B 118 -2.52 23.30 -9.50
C ARG B 118 -1.97 21.91 -9.30
N GLU B 119 -1.21 21.75 -8.21
CA GLU B 119 -0.60 20.47 -7.89
C GLU B 119 -0.79 20.12 -6.42
N PHE B 120 -0.98 18.83 -6.17
CA PHE B 120 -0.99 18.29 -4.80
C PHE B 120 -0.76 16.80 -4.88
N TRP B 121 0.38 16.35 -4.35
CA TRP B 121 0.71 14.94 -4.45
C TRP B 121 1.65 14.43 -3.39
N VAL B 122 1.70 13.11 -3.27
N VAL B 122 1.68 13.11 -3.27
CA VAL B 122 2.62 12.42 -2.39
CA VAL B 122 2.64 12.43 -2.41
C VAL B 122 3.45 11.45 -3.24
C VAL B 122 3.48 11.51 -3.30
N ASP B 123 4.74 11.34 -2.93
CA ASP B 123 5.68 10.59 -3.74
C ASP B 123 6.44 9.62 -2.87
N TYR B 124 6.62 8.40 -3.36
CA TYR B 124 7.37 7.39 -2.64
C TYR B 124 8.49 6.84 -3.52
N ALA B 125 9.72 6.88 -3.00
CA ALA B 125 10.90 6.46 -3.74
C ALA B 125 11.61 5.28 -3.08
N GLY B 126 10.83 4.38 -2.48
CA GLY B 126 11.42 3.25 -1.75
C GLY B 126 11.25 1.88 -2.41
N LEU B 127 10.48 1.82 -3.49
CA LEU B 127 10.20 0.55 -4.16
C LEU B 127 11.46 -0.17 -4.67
N THR B 128 12.45 0.59 -5.10
CA THR B 128 13.70 0.02 -5.56
C THR B 128 14.87 0.91 -5.14
N ALA B 129 16.08 0.42 -5.36
CA ALA B 129 17.28 1.14 -5.02
C ALA B 129 17.75 2.09 -6.13
N TYR B 130 16.96 2.22 -7.18
CA TYR B 130 17.33 3.14 -8.26
C TYR B 130 16.96 4.59 -7.93
N PRO B 131 17.96 5.50 -7.95
CA PRO B 131 17.70 6.90 -7.63
C PRO B 131 16.71 7.57 -8.59
N GLY B 132 16.62 7.07 -9.82
CA GLY B 132 15.73 7.67 -10.80
C GLY B 132 14.33 7.09 -10.75
N GLU B 133 14.05 6.33 -9.70
CA GLU B 133 12.78 5.61 -9.59
C GLU B 133 11.90 6.13 -8.47
N HIS B 134 10.65 6.41 -8.79
CA HIS B 134 9.69 6.89 -7.82
C HIS B 134 8.26 6.77 -8.34
N LEU B 135 7.32 6.74 -7.40
CA LEU B 135 5.89 6.60 -7.68
C LEU B 135 5.17 7.83 -7.12
N ARG B 136 4.35 8.47 -7.94
CA ARG B 136 3.72 9.74 -7.56
C ARG B 136 2.19 9.69 -7.62
N PHE B 137 1.54 10.24 -6.60
CA PHE B 137 0.11 10.08 -6.48
C PHE B 137 -0.59 11.37 -6.14
N GLY B 138 -1.65 11.69 -6.89
CA GLY B 138 -2.35 12.96 -6.76
C GLY B 138 -2.27 13.82 -8.03
N ARG B 139 -2.68 15.08 -7.94
CA ARG B 139 -2.64 15.94 -9.10
C ARG B 139 -1.21 16.37 -9.35
N GLN B 140 -0.72 16.06 -10.55
CA GLN B 140 0.70 16.24 -10.82
C GLN B 140 0.94 16.60 -12.29
N ARG B 141 2.14 17.08 -12.58
CA ARG B 141 2.52 17.35 -13.94
C ARG B 141 2.87 16.03 -14.65
N LEU B 142 2.06 15.64 -15.63
CA LEU B 142 2.43 14.52 -16.53
C LEU B 142 3.07 15.12 -17.78
N ARG B 143 4.37 14.92 -17.97
CA ARG B 143 5.01 15.43 -19.17
C ARG B 143 5.94 14.45 -19.86
N GLU B 144 5.94 14.49 -21.20
CA GLU B 144 6.98 13.82 -21.97
C GLU B 144 7.55 14.82 -22.99
N ASP B 145 8.80 14.59 -23.40
CA ASP B 145 9.59 15.57 -24.14
C ASP B 145 8.96 16.17 -25.40
N SER B 146 8.11 15.41 -26.08
CA SER B 146 7.54 15.89 -27.33
C SER B 146 6.32 16.74 -27.04
N GLY B 147 5.71 16.50 -25.89
CA GLY B 147 4.52 17.23 -25.50
C GLY B 147 3.30 16.90 -26.35
N GLN B 148 3.42 15.87 -27.18
CA GLN B 148 2.35 15.51 -28.09
C GLN B 148 1.42 14.44 -27.49
N TRP B 149 1.87 13.82 -26.40
CA TRP B 149 1.09 12.79 -25.70
C TRP B 149 0.53 13.31 -24.38
N GLN B 150 1.42 13.79 -23.52
CA GLN B 150 1.00 14.34 -22.24
C GLN B 150 1.87 15.53 -21.82
N ASP B 151 1.21 16.65 -21.52
CA ASP B 151 1.87 17.80 -20.91
C ASP B 151 0.84 18.64 -20.17
N THR B 152 0.49 18.18 -18.98
CA THR B 152 -0.67 18.72 -18.30
C THR B 152 -0.59 18.45 -16.78
N ASN B 153 -1.33 19.24 -16.00
CA ASN B 153 -1.55 18.92 -14.59
C ASN B 153 -2.84 18.11 -14.46
N ILE B 154 -2.73 16.89 -13.96
CA ILE B 154 -3.91 16.04 -13.82
C ILE B 154 -3.80 15.08 -12.62
N GLU B 155 -4.93 14.64 -12.08
CA GLU B 155 -4.93 13.63 -11.00
C GLU B 155 -4.42 12.31 -11.53
N ALA B 156 -3.38 11.78 -10.89
CA ALA B 156 -2.72 10.62 -11.46
C ALA B 156 -2.02 9.74 -10.43
N LEU B 157 -1.77 8.50 -10.84
CA LEU B 157 -0.83 7.63 -10.19
C LEU B 157 0.17 7.29 -11.28
N ASN B 158 1.42 7.71 -11.11
CA ASN B 158 2.41 7.61 -12.16
C ASN B 158 3.72 7.08 -11.62
N TRP B 159 4.24 6.05 -12.27
CA TRP B 159 5.47 5.43 -11.84
C TRP B 159 6.58 5.73 -12.86
N SER B 160 7.67 6.28 -12.36
CA SER B 160 8.77 6.71 -13.19
C SER B 160 10.01 5.89 -12.90
N PHE B 161 10.72 5.54 -13.97
CA PHE B 161 11.95 4.77 -13.87
C PHE B 161 12.95 5.30 -14.89
N GLU B 162 14.00 5.95 -14.38
CA GLU B 162 14.99 6.57 -15.24
C GLU B 162 16.40 6.18 -14.83
N THR B 163 17.14 5.66 -15.81
CA THR B 163 18.52 5.22 -15.65
C THR B 163 19.20 5.51 -16.98
N THR B 164 20.52 5.46 -16.99
CA THR B 164 21.29 5.68 -18.20
C THR B 164 20.77 4.80 -19.33
N LEU B 165 20.71 3.49 -19.07
CA LEU B 165 20.36 2.52 -20.08
C LEU B 165 18.89 2.59 -20.51
N LEU B 166 18.01 2.80 -19.55
CA LEU B 166 16.61 2.46 -19.73
C LEU B 166 15.70 3.42 -18.96
N ASN B 167 14.76 4.02 -19.68
CA ASN B 167 13.68 4.77 -19.06
C ASN B 167 12.37 4.03 -19.31
N ALA B 168 11.48 4.09 -18.32
CA ALA B 168 10.16 3.51 -18.43
C ALA B 168 9.22 4.28 -17.52
N HIS B 169 7.95 4.34 -17.88
CA HIS B 169 6.94 5.05 -17.11
C HIS B 169 5.65 4.30 -17.33
N ALA B 170 4.79 4.30 -16.30
CA ALA B 170 3.48 3.69 -16.38
C ALA B 170 2.57 4.40 -15.40
N GLY B 171 1.32 4.62 -15.78
CA GLY B 171 0.44 5.43 -14.97
C GLY B 171 -1.01 5.38 -15.41
N VAL B 172 -1.88 5.90 -14.56
CA VAL B 172 -3.29 6.05 -14.86
C VAL B 172 -3.66 7.44 -14.42
N ALA B 173 -4.71 8.00 -15.01
CA ALA B 173 -5.08 9.38 -14.74
C ALA B 173 -6.54 9.65 -15.11
N GLN B 174 -7.09 10.66 -14.48
CA GLN B 174 -8.45 11.08 -14.75
C GLN B 174 -8.69 12.44 -14.11
N ARG B 175 -9.48 13.27 -14.78
CA ARG B 175 -9.85 14.57 -14.22
C ARG B 175 -11.15 14.43 -13.47
N PHE B 176 -11.18 14.88 -12.23
CA PHE B 176 -12.44 14.92 -11.49
C PHE B 176 -12.90 16.36 -11.30
N SER B 177 -12.00 17.30 -11.51
CA SER B 177 -12.29 18.71 -11.30
C SER B 177 -11.19 19.59 -11.88
N GLU B 178 -11.50 20.87 -12.04
CA GLU B 178 -10.52 21.88 -12.45
C GLU B 178 -9.82 22.46 -11.24
N TYR B 179 -10.39 22.22 -10.07
CA TYR B 179 -9.92 22.81 -8.81
C TYR B 179 -9.73 24.33 -8.92
N ARG B 180 -10.68 24.98 -9.59
CA ARG B 180 -10.68 26.42 -9.76
C ARG B 180 -11.96 27.03 -9.21
N THR B 181 -11.85 28.20 -8.61
CA THR B 181 -13.03 28.85 -8.04
C THR B 181 -14.02 29.35 -9.09
N ASP B 182 -13.57 29.44 -10.36
CA ASP B 182 -14.42 30.00 -11.41
C ASP B 182 -15.05 28.95 -12.34
N LEU B 183 -14.65 27.69 -12.21
CA LEU B 183 -15.24 26.62 -13.02
C LEU B 183 -16.00 25.61 -12.14
N ASP B 184 -17.18 25.22 -12.58
CA ASP B 184 -18.06 24.38 -11.79
C ASP B 184 -18.19 22.97 -12.37
N GLU B 185 -17.98 22.87 -13.67
CA GLU B 185 -18.18 21.59 -14.36
C GLU B 185 -17.07 21.31 -15.34
N LEU B 186 -16.64 20.04 -15.38
CA LEU B 186 -15.62 19.60 -16.32
C LEU B 186 -16.03 19.86 -17.77
N ALA B 187 -15.04 20.01 -18.64
CA ALA B 187 -15.29 19.96 -20.08
C ALA B 187 -15.83 18.58 -20.41
N PRO B 188 -16.79 18.51 -21.33
CA PRO B 188 -17.44 17.24 -21.68
C PRO B 188 -16.47 16.14 -22.11
N GLU B 189 -15.37 16.50 -22.76
CA GLU B 189 -14.43 15.47 -23.20
C GLU B 189 -13.68 14.85 -22.02
N ASP B 190 -13.59 15.58 -20.91
CA ASP B 190 -12.89 15.07 -19.75
C ASP B 190 -13.80 14.25 -18.82
N LYS B 191 -15.10 14.53 -18.84
CA LYS B 191 -16.04 13.89 -17.92
C LYS B 191 -16.03 12.37 -18.07
N ASP B 192 -15.67 11.68 -16.99
CA ASP B 192 -15.68 10.22 -16.95
C ASP B 192 -14.70 9.59 -17.94
N ARG B 193 -13.64 10.32 -18.31
CA ARG B 193 -12.63 9.75 -19.18
C ARG B 193 -11.40 9.32 -18.39
N THR B 194 -11.07 8.02 -18.47
CA THR B 194 -9.88 7.49 -17.83
C THR B 194 -8.74 7.27 -18.83
N HIS B 195 -7.53 7.42 -18.33
CA HIS B 195 -6.33 7.30 -19.14
C HIS B 195 -5.39 6.29 -18.50
N VAL B 196 -4.90 5.37 -19.31
CA VAL B 196 -3.86 4.46 -18.88
C VAL B 196 -2.76 4.56 -19.92
N PHE B 197 -1.51 4.55 -19.47
CA PHE B 197 -0.43 4.87 -20.39
C PHE B 197 0.87 4.34 -19.86
N GLY B 198 1.81 4.13 -20.76
CA GLY B 198 3.14 3.66 -20.41
C GLY B 198 4.12 3.93 -21.54
N ASP B 199 5.41 3.76 -21.25
CA ASP B 199 6.44 3.94 -22.25
C ASP B 199 7.68 3.24 -21.75
N ILE B 200 8.52 2.83 -22.70
CA ILE B 200 9.80 2.23 -22.37
C ILE B 200 10.77 2.52 -23.51
N SER B 201 11.98 2.94 -23.17
CA SER B 201 12.93 3.36 -24.17
C SER B 201 14.34 3.11 -23.67
N THR B 202 15.27 2.98 -24.60
CA THR B 202 16.65 2.75 -24.23
C THR B 202 17.57 3.70 -25.01
N GLN B 203 18.73 3.94 -24.46
CA GLN B 203 19.74 4.76 -25.11
C GLN B 203 20.71 3.76 -25.71
N TRP B 204 20.55 3.49 -27.00
CA TRP B 204 21.29 2.41 -27.65
C TRP B 204 22.70 2.83 -28.05
N ALA B 205 22.90 4.13 -28.13
CA ALA B 205 24.21 4.71 -28.38
C ALA B 205 24.18 6.09 -27.71
N PRO B 206 25.36 6.62 -27.33
CA PRO B 206 25.28 7.88 -26.57
C PRO B 206 24.47 8.95 -27.30
N HIS B 207 23.46 9.47 -26.60
CA HIS B 207 22.60 10.54 -27.10
C HIS B 207 21.52 10.10 -28.09
N HIS B 208 21.59 8.87 -28.55
CA HIS B 208 20.50 8.33 -29.38
C HIS B 208 19.58 7.38 -28.58
N ARG B 209 18.28 7.67 -28.59
CA ARG B 209 17.28 6.86 -27.91
C ARG B 209 16.26 6.27 -28.89
N ILE B 210 15.69 5.12 -28.53
CA ILE B 210 14.56 4.61 -29.27
C ILE B 210 13.64 3.91 -28.30
N GLY B 211 12.34 4.00 -28.54
CA GLY B 211 11.40 3.36 -27.63
C GLY B 211 9.98 3.25 -28.14
N VAL B 212 9.13 2.65 -27.31
CA VAL B 212 7.72 2.50 -27.64
C VAL B 212 6.94 3.25 -26.59
N ARG B 213 5.69 3.55 -26.91
CA ARG B 213 4.84 4.35 -26.05
C ARG B 213 3.41 3.97 -26.35
N ILE B 214 2.62 3.84 -25.30
CA ILE B 214 1.23 3.46 -25.42
C ILE B 214 0.37 4.34 -24.53
N HIS B 215 -0.88 4.53 -24.93
CA HIS B 215 -1.83 5.32 -24.18
C HIS B 215 -3.20 4.82 -24.56
N HIS B 216 -4.10 4.76 -23.58
CA HIS B 216 -5.45 4.30 -23.82
C HIS B 216 -6.42 5.21 -23.09
N ALA B 217 -7.50 5.61 -23.78
CA ALA B 217 -8.55 6.41 -23.19
C ALA B 217 -9.89 5.73 -23.33
N ASP B 218 -10.61 5.67 -22.22
CA ASP B 218 -11.96 5.13 -22.15
C ASP B 218 -12.92 6.22 -21.73
N ASP B 219 -13.81 6.60 -22.64
CA ASP B 219 -14.95 7.45 -22.31
C ASP B 219 -16.07 6.56 -21.80
N SER B 220 -16.12 6.37 -20.49
CA SER B 220 -17.10 5.50 -19.85
C SER B 220 -18.31 6.27 -19.34
N GLY B 221 -18.93 7.05 -20.22
CA GLY B 221 -20.15 7.77 -19.88
C GLY B 221 -21.32 7.21 -20.65
N HIS B 222 -22.50 7.80 -20.43
CA HIS B 222 -23.70 7.39 -21.14
C HIS B 222 -24.29 8.58 -21.91
N LEU B 223 -24.10 8.59 -23.22
CA LEU B 223 -24.58 9.67 -24.08
C LEU B 223 -26.06 9.98 -23.89
N ARG B 224 -26.44 11.23 -24.18
CA ARG B 224 -27.84 11.63 -24.17
C ARG B 224 -28.74 10.69 -24.98
N ARG B 225 -29.67 10.04 -24.29
CA ARG B 225 -30.64 9.17 -24.94
C ARG B 225 -31.43 9.96 -25.97
N PRO B 226 -31.84 9.30 -27.07
CA PRO B 226 -32.53 9.97 -28.17
C PRO B 226 -33.79 10.68 -27.69
N GLY B 227 -33.93 11.95 -28.01
CA GLY B 227 -35.09 12.72 -27.62
C GLY B 227 -34.77 13.77 -26.57
N GLU B 228 -33.68 13.56 -25.84
CA GLU B 228 -33.23 14.54 -24.84
C GLU B 228 -32.62 15.76 -25.53
N GLU B 229 -32.49 16.85 -24.78
CA GLU B 229 -31.93 18.09 -25.32
C GLU B 229 -30.46 18.24 -24.98
N VAL B 230 -29.59 18.03 -25.97
CA VAL B 230 -28.15 18.11 -25.76
C VAL B 230 -27.67 19.52 -25.44
N ASP B 231 -27.18 19.72 -24.23
CA ASP B 231 -26.59 21.00 -23.81
C ASP B 231 -25.14 21.06 -24.27
N ASN B 232 -24.59 22.27 -24.36
CA ASN B 232 -23.18 22.43 -24.78
C ASN B 232 -22.19 21.74 -23.82
N LEU B 233 -22.59 21.53 -22.57
CA LEU B 233 -21.76 20.79 -21.63
C LEU B 233 -22.09 19.28 -21.63
N ASP B 234 -22.39 18.76 -22.82
CA ASP B 234 -22.69 17.33 -22.96
C ASP B 234 -21.73 16.68 -23.95
N LYS B 235 -21.37 15.42 -23.67
CA LYS B 235 -20.46 14.67 -24.51
C LYS B 235 -20.94 14.57 -25.95
N THR B 236 -20.07 14.95 -26.89
CA THR B 236 -20.34 14.79 -28.31
C THR B 236 -20.15 13.33 -28.75
N TYR B 237 -19.49 12.52 -27.93
CA TYR B 237 -19.24 11.13 -28.27
C TYR B 237 -18.65 10.36 -27.10
N THR B 238 -18.63 9.04 -27.22
CA THR B 238 -17.90 8.20 -26.28
C THR B 238 -17.21 7.09 -27.04
N GLY B 239 -16.34 6.35 -26.35
CA GLY B 239 -15.63 5.26 -26.99
C GLY B 239 -14.36 4.88 -26.24
N GLN B 240 -13.51 4.12 -26.92
CA GLN B 240 -12.25 3.67 -26.35
C GLN B 240 -11.18 3.75 -27.43
N LEU B 241 -10.02 4.26 -27.07
CA LEU B 241 -8.97 4.50 -28.03
C LEU B 241 -7.62 4.06 -27.49
N THR B 242 -6.80 3.51 -28.38
CA THR B 242 -5.45 3.15 -28.03
C THR B 242 -4.46 3.73 -29.03
N TRP B 243 -3.42 4.40 -28.52
CA TRP B 243 -2.36 4.92 -29.35
C TRP B 243 -1.16 4.02 -29.13
N LEU B 244 -0.60 3.51 -30.21
CA LEU B 244 0.61 2.70 -30.09
C LEU B 244 1.67 3.38 -30.93
N GLY B 245 2.78 3.71 -30.29
CA GLY B 245 3.76 4.56 -30.91
C GLY B 245 5.17 4.03 -30.87
N ILE B 246 5.94 4.39 -31.88
CA ILE B 246 7.36 4.17 -31.83
C ILE B 246 7.98 5.54 -31.96
N GLU B 247 9.11 5.76 -31.30
CA GLU B 247 9.80 7.05 -31.37
C GLU B 247 11.31 6.87 -31.34
N ALA B 248 12.00 7.71 -32.09
CA ALA B 248 13.44 7.73 -32.11
C ALA B 248 13.90 9.18 -32.01
N THR B 249 14.90 9.45 -31.18
CA THR B 249 15.44 10.79 -31.08
C THR B 249 16.97 10.76 -30.96
N GLY B 250 17.60 11.81 -31.46
CA GLY B 250 19.01 12.06 -31.24
C GLY B 250 19.16 13.46 -30.69
N ASP B 251 19.12 13.58 -29.36
CA ASP B 251 19.15 14.90 -28.70
C ASP B 251 18.11 15.83 -29.28
N ALA B 252 16.96 15.29 -29.61
CA ALA B 252 15.90 16.08 -30.25
C ALA B 252 15.52 17.28 -29.39
N TYR B 253 15.42 17.07 -28.08
CA TYR B 253 14.91 18.10 -27.18
C TYR B 253 15.99 18.56 -26.22
N ASN B 254 17.25 18.32 -26.60
CA ASN B 254 18.39 18.71 -25.78
C ASN B 254 19.03 20.00 -26.31
N TYR B 255 18.84 21.09 -25.58
CA TYR B 255 19.33 22.39 -26.03
C TYR B 255 20.82 22.59 -25.78
N ARG B 256 21.47 21.61 -25.16
CA ARG B 256 22.91 21.65 -24.93
C ARG B 256 23.59 20.47 -25.63
N SER B 257 23.02 20.05 -26.75
CA SER B 257 23.58 18.91 -27.48
C SER B 257 25.04 19.11 -27.83
N SER B 258 25.81 18.03 -27.65
CA SER B 258 27.19 17.99 -28.09
C SER B 258 27.29 17.54 -29.55
N PRO B 260 26.42 17.83 -33.67
CA PRO B 260 26.08 18.79 -34.71
C PRO B 260 24.71 18.50 -35.33
N LEU B 261 24.35 17.23 -35.48
CA LEU B 261 23.03 16.89 -36.03
C LEU B 261 22.09 16.23 -35.00
N ASN B 262 20.92 16.84 -34.79
CA ASN B 262 19.89 16.27 -33.93
C ASN B 262 18.66 15.95 -34.74
N TYR B 263 17.83 15.04 -34.24
CA TYR B 263 16.68 14.59 -35.02
C TYR B 263 15.60 14.03 -34.13
N TRP B 264 14.39 13.95 -34.66
CA TRP B 264 13.33 13.22 -34.02
C TRP B 264 12.49 12.54 -35.08
N ALA B 265 11.92 11.40 -34.72
CA ALA B 265 11.02 10.69 -35.61
C ALA B 265 10.12 9.82 -34.77
N SER B 266 8.82 9.95 -35.02
CA SER B 266 7.83 9.16 -34.31
C SER B 266 6.71 8.77 -35.27
N ALA B 267 6.15 7.59 -35.05
CA ALA B 267 5.01 7.12 -35.82
C ALA B 267 4.05 6.53 -34.80
N THR B 268 2.78 6.86 -34.96
CA THR B 268 1.78 6.46 -33.98
C THR B 268 0.51 5.93 -34.65
N TRP B 269 0.11 4.73 -34.26
CA TRP B 269 -1.14 4.14 -34.75
C TRP B 269 -2.23 4.33 -33.71
N LEU B 270 -3.40 4.77 -34.17
CA LEU B 270 -4.56 4.96 -33.32
C LEU B 270 -5.63 3.97 -33.73
N THR B 271 -6.18 3.25 -32.76
CA THR B 271 -7.22 2.29 -33.05
C THR B 271 -8.18 2.15 -31.88
N GLY B 272 -9.43 1.83 -32.21
CA GLY B 272 -10.49 1.70 -31.22
C GLY B 272 -11.82 1.95 -31.89
N ASP B 273 -12.74 2.58 -31.18
CA ASP B 273 -14.06 2.86 -31.73
C ASP B 273 -14.68 4.09 -31.06
N ARG B 274 -15.73 4.61 -31.67
CA ARG B 274 -16.45 5.75 -31.13
C ARG B 274 -17.94 5.60 -31.37
N ASP B 275 -18.76 6.08 -30.45
CA ASP B 275 -20.19 6.20 -30.69
C ASP B 275 -20.53 7.69 -30.69
N ASN B 276 -20.77 8.24 -31.87
CA ASN B 276 -21.00 9.68 -32.04
C ASN B 276 -22.46 10.08 -31.94
N LEU B 277 -22.77 10.90 -30.96
CA LEU B 277 -24.13 11.44 -30.85
C LEU B 277 -24.51 12.14 -32.16
N THR B 278 -25.76 11.95 -32.57
CA THR B 278 -26.31 12.66 -33.72
C THR B 278 -27.45 13.54 -33.21
N THR B 279 -27.55 14.77 -33.71
CA THR B 279 -28.57 15.70 -33.23
C THR B 279 -29.37 16.37 -34.35
N THR B 280 -30.54 16.89 -33.97
CA THR B 280 -31.38 17.65 -34.88
C THR B 280 -31.69 19.03 -34.30
N ARG B 286 -31.13 21.81 -30.18
CA ARG B 286 -30.40 20.57 -30.45
C ARG B 286 -30.93 19.42 -29.61
N ILE B 287 -31.63 18.49 -30.25
CA ILE B 287 -32.14 17.30 -29.58
C ILE B 287 -31.46 16.05 -30.17
N ALA B 288 -31.12 15.11 -29.29
CA ALA B 288 -30.43 13.89 -29.70
C ALA B 288 -31.29 13.04 -30.63
N THR B 289 -30.76 12.77 -31.83
CA THR B 289 -31.44 11.96 -32.83
C THR B 289 -31.08 10.49 -32.70
N GLY B 290 -29.92 10.23 -32.11
CA GLY B 290 -29.44 8.86 -31.94
C GLY B 290 -27.93 8.80 -31.75
N LYS B 291 -27.31 7.74 -32.26
CA LYS B 291 -25.88 7.56 -32.15
C LYS B 291 -25.32 6.77 -33.33
N GLN B 292 -24.29 7.31 -33.97
CA GLN B 292 -23.58 6.59 -35.04
C GLN B 292 -22.25 6.04 -34.50
N SER B 293 -22.21 4.73 -34.28
CA SER B 293 -21.01 4.05 -33.82
C SER B 293 -20.12 3.70 -35.00
N GLY B 294 -18.82 3.62 -34.76
CA GLY B 294 -17.88 3.32 -35.81
C GLY B 294 -16.46 3.08 -35.32
N ASP B 295 -15.71 2.27 -36.06
CA ASP B 295 -14.32 2.00 -35.74
C ASP B 295 -13.41 3.17 -36.08
N VAL B 296 -12.26 3.23 -35.42
CA VAL B 296 -11.25 4.24 -35.73
C VAL B 296 -9.92 3.56 -36.02
N ASN B 297 -9.35 3.85 -37.19
CA ASN B 297 -8.01 3.39 -37.53
C ASN B 297 -7.27 4.48 -38.24
N ALA B 298 -6.29 5.05 -37.56
CA ALA B 298 -5.72 6.30 -37.98
C ALA B 298 -4.25 6.30 -37.67
N PHE B 299 -3.55 7.31 -38.15
CA PHE B 299 -2.10 7.31 -38.11
C PHE B 299 -1.57 8.73 -37.99
N GLY B 300 -0.46 8.86 -37.27
CA GLY B 300 0.17 10.14 -37.09
C GLY B 300 1.67 9.96 -37.12
N VAL B 301 2.37 11.00 -37.60
CA VAL B 301 3.80 10.92 -37.73
C VAL B 301 4.38 12.30 -37.55
N ASP B 302 5.63 12.35 -37.10
CA ASP B 302 6.28 13.61 -36.85
C ASP B 302 7.78 13.39 -37.03
N LEU B 303 8.40 14.24 -37.85
CA LEU B 303 9.80 14.11 -38.19
C LEU B 303 10.48 15.46 -38.12
N GLY B 304 11.74 15.47 -37.69
CA GLY B 304 12.46 16.72 -37.61
C GLY B 304 13.96 16.52 -37.68
N LEU B 305 14.64 17.51 -38.25
CA LEU B 305 16.09 17.56 -38.29
C LEU B 305 16.50 18.89 -37.73
N ARG B 306 17.56 18.89 -36.93
CA ARG B 306 18.10 20.12 -36.41
C ARG B 306 19.61 20.10 -36.54
N TRP B 307 20.15 21.17 -37.10
CA TRP B 307 21.58 21.29 -37.21
C TRP B 307 22.06 22.35 -36.24
N ASN B 308 22.89 21.92 -35.30
CA ASN B 308 23.52 22.84 -34.40
C ASN B 308 24.75 23.38 -35.12
N ILE B 309 24.58 24.51 -35.79
CA ILE B 309 25.61 25.04 -36.66
C ILE B 309 26.86 25.25 -35.83
N ASP B 310 26.71 26.00 -34.74
CA ASP B 310 27.76 26.15 -33.74
C ASP B 310 27.12 26.22 -32.35
N GLU B 311 27.82 26.82 -31.39
CA GLU B 311 27.31 26.82 -30.01
C GLU B 311 26.09 27.72 -29.82
N GLN B 312 25.95 28.71 -30.69
CA GLN B 312 24.88 29.70 -30.61
C GLN B 312 23.77 29.54 -31.66
N TRP B 313 24.14 29.21 -32.90
CA TRP B 313 23.21 29.22 -34.02
C TRP B 313 22.74 27.84 -34.44
N LYS B 314 21.44 27.72 -34.73
CA LYS B 314 20.83 26.43 -35.08
C LYS B 314 19.78 26.63 -36.16
N ALA B 315 19.56 25.61 -36.98
CA ALA B 315 18.51 25.64 -37.99
C ALA B 315 17.99 24.23 -38.20
N GLY B 316 16.75 24.12 -38.65
CA GLY B 316 16.13 22.82 -38.75
C GLY B 316 14.85 22.86 -39.55
N VAL B 317 14.34 21.68 -39.85
CA VAL B 317 13.13 21.53 -40.65
C VAL B 317 12.29 20.45 -39.99
N GLY B 318 11.00 20.45 -40.27
CA GLY B 318 10.16 19.41 -39.72
C GLY B 318 8.93 19.14 -40.58
N TYR B 319 8.37 17.96 -40.36
CA TYR B 319 7.15 17.54 -41.03
C TYR B 319 6.34 16.70 -40.04
N ALA B 320 5.01 16.83 -40.09
CA ALA B 320 4.13 16.05 -39.25
C ALA B 320 2.84 15.91 -40.00
N ARG B 321 2.18 14.77 -39.80
CA ARG B 321 0.87 14.56 -40.37
C ARG B 321 0.03 13.72 -39.40
N GLY B 322 -1.23 14.10 -39.25
CA GLY B 322 -2.24 13.25 -38.63
C GLY B 322 -3.31 12.95 -39.64
N SER B 323 -3.58 11.67 -39.87
CA SER B 323 -4.54 11.27 -40.89
C SER B 323 -5.90 11.89 -40.62
N GLY B 324 -6.73 11.91 -41.65
CA GLY B 324 -8.08 12.42 -41.50
C GLY B 324 -9.04 11.76 -42.47
N GLY B 325 -10.33 12.07 -42.33
CA GLY B 325 -11.33 11.58 -43.26
C GLY B 325 -11.74 10.13 -43.06
N GLY B 326 -12.07 9.46 -44.16
CA GLY B 326 -12.65 8.13 -44.10
C GLY B 326 -14.12 8.22 -43.76
N LYS B 327 -14.83 7.10 -43.87
CA LYS B 327 -16.25 7.04 -43.58
C LYS B 327 -16.51 7.29 -42.11
N ASP B 328 -17.34 8.27 -41.82
CA ASP B 328 -17.71 8.59 -40.44
C ASP B 328 -16.48 8.97 -39.59
N GLY B 329 -15.42 9.41 -40.27
CA GLY B 329 -14.22 9.83 -39.58
C GLY B 329 -13.36 8.67 -39.10
N GLU B 330 -13.50 7.53 -39.76
CA GLU B 330 -12.75 6.33 -39.42
C GLU B 330 -11.24 6.56 -39.36
N GLU B 331 -10.72 7.39 -40.27
CA GLU B 331 -9.28 7.60 -40.38
C GLU B 331 -8.82 8.94 -39.81
N GLN B 332 -9.70 9.59 -39.07
CA GLN B 332 -9.38 10.85 -38.44
C GLN B 332 -8.46 10.62 -37.24
N PHE B 333 -7.19 10.95 -37.35
CA PHE B 333 -6.30 10.82 -36.21
C PHE B 333 -6.69 11.88 -35.20
N GLN B 334 -6.29 11.67 -33.96
CA GLN B 334 -6.49 12.65 -32.88
C GLN B 334 -5.50 12.37 -31.76
N GLN B 335 -5.20 13.39 -30.96
CA GLN B 335 -4.26 13.23 -29.83
C GLN B 335 -4.96 12.85 -28.53
N THR B 336 -4.18 12.54 -27.50
CA THR B 336 -4.74 12.00 -26.25
C THR B 336 -5.72 12.93 -25.57
N GLY B 337 -5.53 14.23 -25.75
CA GLY B 337 -6.31 15.22 -25.03
C GLY B 337 -5.55 15.80 -23.82
N LEU B 338 -4.38 15.25 -23.54
CA LEU B 338 -3.55 15.66 -22.40
C LEU B 338 -2.34 16.46 -22.86
N GLU B 339 -2.22 16.59 -24.18
CA GLU B 339 -1.03 17.16 -24.80
C GLU B 339 -1.06 18.69 -24.82
N SER B 340 0.11 19.30 -24.81
CA SER B 340 0.25 20.74 -25.08
C SER B 340 0.86 20.99 -26.47
N ASN B 341 1.47 19.97 -27.04
CA ASN B 341 2.24 20.12 -28.28
C ASN B 341 3.37 21.12 -28.20
N ARG B 342 3.93 21.33 -27.01
CA ARG B 342 5.05 22.24 -26.84
C ARG B 342 6.30 21.49 -26.47
N SER B 343 7.44 21.90 -27.01
CA SER B 343 8.72 21.24 -26.76
C SER B 343 9.90 22.16 -27.04
N ASN B 344 11.09 21.67 -26.72
CA ASN B 344 12.34 22.35 -27.06
C ASN B 344 12.84 22.00 -28.49
N PHE B 345 11.93 21.87 -29.46
CA PHE B 345 12.38 21.38 -30.80
C PHE B 345 13.31 22.35 -31.56
N THR B 346 13.31 23.64 -31.21
CA THR B 346 14.22 24.59 -31.87
C THR B 346 15.58 24.57 -31.20
N GLY B 347 15.73 23.74 -30.17
CA GLY B 347 17.02 23.59 -29.50
C GLY B 347 17.41 24.71 -28.55
N THR B 348 16.43 25.46 -28.03
CA THR B 348 16.71 26.45 -26.95
C THR B 348 16.10 26.01 -25.59
N ARG B 349 16.43 26.73 -24.52
CA ARG B 349 15.83 26.45 -23.21
C ARG B 349 14.34 26.71 -23.30
N SER B 350 13.95 27.65 -24.15
CA SER B 350 12.55 27.98 -24.31
C SER B 350 11.80 26.91 -25.09
N ARG B 351 10.66 26.47 -24.57
CA ARG B 351 9.78 25.61 -25.34
C ARG B 351 9.01 26.46 -26.34
N VAL B 352 8.47 25.83 -27.38
CA VAL B 352 7.78 26.52 -28.47
C VAL B 352 6.66 25.60 -28.92
N HIS B 353 5.47 26.14 -29.21
CA HIS B 353 4.40 25.29 -29.71
C HIS B 353 4.75 24.66 -31.08
N ARG B 354 4.74 23.34 -31.10
CA ARG B 354 5.19 22.59 -32.26
C ARG B 354 4.41 22.99 -33.51
N PHE B 355 3.19 23.45 -33.33
CA PHE B 355 2.36 23.78 -34.45
C PHE B 355 1.79 25.18 -34.36
N GLY B 356 2.61 26.12 -33.91
CA GLY B 356 2.25 27.54 -33.99
C GLY B 356 1.63 28.09 -32.72
N GLU B 357 2.26 29.13 -32.20
CA GLU B 357 1.77 29.82 -31.01
C GLU B 357 0.38 30.35 -31.29
N ALA B 358 0.08 30.55 -32.57
CA ALA B 358 -1.18 31.17 -32.98
C ALA B 358 -2.20 30.12 -33.42
N PHE B 359 -1.86 29.37 -34.46
CA PHE B 359 -2.75 28.32 -34.93
C PHE B 359 -2.91 27.21 -33.88
N ARG B 360 -1.83 26.91 -33.15
CA ARG B 360 -1.87 25.87 -32.13
C ARG B 360 -2.55 24.62 -32.63
N GLY B 361 -2.05 24.08 -33.72
CA GLY B 361 -2.71 22.96 -34.37
C GLY B 361 -2.64 21.70 -33.54
N GLU B 362 -3.72 20.93 -33.55
CA GLU B 362 -3.69 19.56 -33.07
C GLU B 362 -3.40 18.67 -34.28
N LEU B 363 -2.68 17.57 -34.05
CA LEU B 363 -2.35 16.65 -35.11
C LEU B 363 -3.58 15.83 -35.50
N SER B 364 -4.49 16.44 -36.25
N SER B 364 -4.51 16.45 -36.23
CA SER B 364 -5.78 15.79 -36.57
CA SER B 364 -5.75 15.78 -36.60
C SER B 364 -6.32 16.24 -37.94
C SER B 364 -6.23 16.26 -37.97
N ASN B 365 -6.24 15.36 -38.93
CA ASN B 365 -6.59 15.71 -40.31
C ASN B 365 -5.75 16.87 -40.73
N LEU B 366 -4.48 16.84 -40.33
CA LEU B 366 -3.62 18.01 -40.45
C LEU B 366 -2.24 17.66 -40.97
N GLN B 367 -1.72 18.48 -41.87
CA GLN B 367 -0.39 18.26 -42.39
C GLN B 367 0.36 19.58 -42.17
N ALA B 368 1.58 19.51 -41.65
CA ALA B 368 2.34 20.72 -41.32
C ALA B 368 3.79 20.62 -41.78
N ALA B 369 4.28 21.64 -42.48
CA ALA B 369 5.71 21.72 -42.80
C ALA B 369 6.32 22.86 -42.00
N THR B 370 7.55 22.67 -41.56
N THR B 370 7.54 22.66 -41.54
CA THR B 370 8.16 23.61 -40.61
CA THR B 370 8.16 23.63 -40.64
C THR B 370 9.62 23.97 -40.92
C THR B 370 9.60 23.98 -40.98
N LEU B 371 9.94 25.25 -40.80
CA LEU B 371 11.31 25.72 -40.98
C LEU B 371 11.65 26.51 -39.76
N PHE B 372 12.88 26.42 -39.27
CA PHE B 372 13.19 27.26 -38.10
C PHE B 372 14.67 27.60 -37.94
N GLY B 373 14.92 28.76 -37.35
CA GLY B 373 16.24 29.10 -36.86
C GLY B 373 16.12 29.47 -35.38
N SER B 374 17.23 29.31 -34.66
CA SER B 374 17.27 29.75 -33.29
C SER B 374 18.67 30.24 -32.95
N TRP B 375 18.74 31.12 -31.97
CA TRP B 375 20.00 31.65 -31.50
C TRP B 375 19.95 31.54 -29.99
N GLN B 376 21.13 31.44 -29.38
CA GLN B 376 21.21 31.55 -27.94
C GLN B 376 22.59 31.99 -27.51
N LEU B 377 22.65 32.57 -26.31
CA LEU B 377 23.90 33.04 -25.75
C LEU B 377 23.99 32.54 -24.30
N ARG B 378 24.79 31.49 -24.10
CA ARG B 378 25.00 30.90 -22.79
C ARG B 378 23.68 30.54 -22.11
N GLU B 379 23.41 31.19 -20.99
CA GLU B 379 22.16 30.96 -20.26
C GLU B 379 21.45 32.29 -20.06
N ASP B 380 21.83 33.27 -20.88
CA ASP B 380 21.31 34.62 -20.75
C ASP B 380 20.18 34.96 -21.73
N TYR B 381 20.23 34.38 -22.93
CA TYR B 381 19.26 34.75 -23.96
C TYR B 381 18.95 33.56 -24.85
N ASP B 382 17.76 33.54 -25.42
CA ASP B 382 17.57 32.71 -26.59
C ASP B 382 16.49 33.32 -27.46
N ALA B 383 16.41 32.83 -28.70
CA ALA B 383 15.44 33.35 -29.63
C ALA B 383 15.18 32.29 -30.66
N SER B 384 13.92 32.16 -31.07
CA SER B 384 13.56 31.21 -32.09
C SER B 384 12.71 31.89 -33.13
N LEU B 385 12.97 31.56 -34.39
CA LEU B 385 12.14 32.06 -35.48
C LEU B 385 11.64 30.83 -36.22
N VAL B 386 10.33 30.75 -36.43
CA VAL B 386 9.74 29.52 -36.92
C VAL B 386 8.69 29.82 -37.98
N TYR B 387 8.71 29.05 -39.07
CA TYR B 387 7.74 29.25 -40.15
C TYR B 387 6.96 27.96 -40.38
N HIS B 388 5.64 28.07 -40.51
CA HIS B 388 4.81 26.88 -40.72
C HIS B 388 3.91 27.12 -41.90
N LYS B 389 3.63 26.04 -42.63
CA LYS B 389 2.48 26.02 -43.53
C LYS B 389 1.63 24.83 -43.17
N PHE B 390 0.32 25.00 -43.23
CA PHE B 390 -0.60 23.95 -42.80
C PHE B 390 -1.58 23.55 -43.91
N TRP B 391 -1.82 22.26 -44.05
CA TRP B 391 -2.87 21.76 -44.93
C TRP B 391 -3.79 20.79 -44.20
N ARG B 392 -5.04 20.74 -44.64
CA ARG B 392 -5.93 19.63 -44.30
C ARG B 392 -5.53 18.41 -45.10
N VAL B 393 -5.66 17.23 -44.49
CA VAL B 393 -5.43 15.99 -45.21
C VAL B 393 -6.65 15.62 -46.05
N ASP B 394 -7.83 15.68 -45.44
CA ASP B 394 -9.10 15.43 -46.12
C ASP B 394 -9.88 16.72 -46.15
N ASP B 395 -10.11 17.25 -47.35
CA ASP B 395 -10.63 18.61 -47.49
C ASP B 395 -12.11 18.75 -47.21
N ASP B 396 -12.71 17.72 -46.62
CA ASP B 396 -14.13 17.77 -46.27
C ASP B 396 -14.40 17.56 -44.78
N SER B 397 -13.35 17.26 -44.01
CA SER B 397 -13.51 17.03 -42.57
C SER B 397 -12.86 18.16 -41.78
N ASP B 398 -13.28 18.32 -40.52
CA ASP B 398 -12.69 19.32 -39.64
C ASP B 398 -11.26 18.90 -39.26
N ILE B 399 -10.51 19.82 -38.66
CA ILE B 399 -9.12 19.57 -38.27
C ILE B 399 -8.85 19.51 -36.76
N GLY B 400 -9.77 18.96 -35.98
CA GLY B 400 -9.54 18.89 -34.55
C GLY B 400 -9.32 20.28 -33.95
N THR B 401 -8.81 20.35 -32.73
CA THR B 401 -8.65 21.62 -32.01
C THR B 401 -7.57 22.55 -32.59
N SER B 402 -7.71 23.84 -32.30
N SER B 402 -7.72 23.84 -32.34
CA SER B 402 -6.79 24.85 -32.77
CA SER B 402 -6.74 24.84 -32.73
C SER B 402 -7.03 26.16 -32.02
C SER B 402 -7.03 26.16 -32.02
N GLY B 403 -6.21 27.17 -32.31
CA GLY B 403 -6.37 28.47 -31.72
C GLY B 403 -7.18 29.40 -32.59
N ILE B 404 -7.84 28.82 -33.60
CA ILE B 404 -8.66 29.55 -34.54
C ILE B 404 -10.09 29.04 -34.47
N ASN B 405 -11.04 29.94 -34.23
CA ASN B 405 -12.46 29.57 -34.19
C ASN B 405 -13.21 30.14 -35.39
N ALA B 406 -13.09 29.46 -36.52
CA ALA B 406 -13.75 29.88 -37.74
C ALA B 406 -13.99 28.67 -38.62
N ALA B 407 -15.09 28.70 -39.36
CA ALA B 407 -15.49 27.56 -40.18
C ALA B 407 -14.58 27.34 -41.38
N LEU B 408 -14.37 26.07 -41.73
CA LEU B 408 -13.58 25.70 -42.91
C LEU B 408 -14.48 25.48 -44.12
N GLN B 409 -14.11 26.06 -45.26
CA GLN B 409 -14.86 25.83 -46.49
C GLN B 409 -14.54 24.45 -47.06
N PRO B 410 -15.59 23.69 -47.41
CA PRO B 410 -15.45 22.35 -48.01
C PRO B 410 -14.62 22.40 -49.28
N GLY B 411 -13.75 21.42 -49.48
CA GLY B 411 -12.99 21.33 -50.71
C GLY B 411 -11.71 22.14 -50.73
N GLU B 412 -11.44 22.88 -49.66
CA GLU B 412 -10.23 23.68 -49.58
C GLU B 412 -9.24 23.08 -48.58
N LYS B 413 -8.03 22.78 -49.06
CA LYS B 413 -6.99 22.18 -48.24
C LYS B 413 -6.05 23.19 -47.57
N ASP B 414 -6.03 24.41 -48.12
N ASP B 414 -5.96 24.39 -48.12
CA ASP B 414 -5.11 25.46 -47.70
CA ASP B 414 -4.95 25.37 -47.66
C ASP B 414 -5.52 26.08 -46.36
C ASP B 414 -5.39 26.11 -46.40
N ILE B 415 -5.02 25.53 -45.25
CA ILE B 415 -5.38 26.09 -43.94
C ILE B 415 -4.72 27.43 -43.72
N GLY B 416 -3.42 27.50 -43.94
CA GLY B 416 -2.72 28.77 -43.81
C GLY B 416 -1.25 28.62 -43.51
N GLN B 417 -0.65 29.71 -43.07
CA GLN B 417 0.77 29.69 -42.78
C GLN B 417 1.01 30.66 -41.67
N GLU B 418 2.15 30.53 -41.01
CA GLU B 418 2.33 31.21 -39.74
C GLU B 418 3.80 31.48 -39.49
N LEU B 419 4.09 32.60 -38.85
CA LEU B 419 5.46 32.92 -38.51
C LEU B 419 5.47 33.16 -37.01
N ASP B 420 6.41 32.54 -36.31
CA ASP B 420 6.45 32.65 -34.86
C ASP B 420 7.79 33.19 -34.44
N LEU B 421 7.77 34.00 -33.39
CA LEU B 421 8.98 34.52 -32.79
C LEU B 421 8.96 34.24 -31.29
N VAL B 422 10.08 33.75 -30.76
CA VAL B 422 10.21 33.57 -29.32
C VAL B 422 11.55 34.15 -28.89
N VAL B 423 11.51 35.10 -27.95
CA VAL B 423 12.72 35.74 -27.40
C VAL B 423 12.72 35.73 -25.86
N THR B 424 13.81 35.28 -25.26
CA THR B 424 13.90 35.19 -23.81
C THR B 424 15.21 35.77 -23.25
N LYS B 425 15.08 36.55 -22.20
CA LYS B 425 16.21 36.98 -21.40
C LYS B 425 16.02 36.33 -20.04
N TYR B 426 17.04 35.61 -19.59
CA TYR B 426 17.03 34.93 -18.30
C TYR B 426 17.84 35.72 -17.28
N PHE B 427 17.33 35.81 -16.06
CA PHE B 427 18.04 36.46 -14.96
C PHE B 427 18.65 35.42 -14.04
N LYS B 428 19.75 35.78 -13.40
CA LYS B 428 20.46 34.87 -12.50
C LYS B 428 19.63 34.48 -11.28
N GLN B 429 18.78 35.39 -10.81
CA GLN B 429 18.00 35.18 -9.59
C GLN B 429 16.90 34.12 -9.73
N GLY B 430 16.52 33.53 -8.60
CA GLY B 430 15.43 32.58 -8.54
C GLY B 430 15.71 31.21 -9.13
N LEU B 431 16.97 30.77 -9.06
CA LEU B 431 17.36 29.47 -9.62
C LEU B 431 16.64 28.31 -8.92
N LEU B 432 15.85 27.58 -9.70
CA LEU B 432 15.03 26.48 -9.19
C LEU B 432 15.68 25.14 -9.48
N PRO B 433 15.55 24.18 -8.54
CA PRO B 433 16.09 22.84 -8.78
C PRO B 433 15.40 22.14 -9.94
N ALA B 434 16.15 21.40 -10.75
CA ALA B 434 15.60 20.72 -11.92
C ALA B 434 14.47 19.74 -11.60
N SER B 435 14.30 19.41 -10.32
CA SER B 435 13.28 18.46 -9.87
C SER B 435 11.87 19.06 -9.82
N SER B 437 8.62 20.84 -11.21
CA SER B 437 7.98 20.59 -12.50
C SER B 437 8.01 21.78 -13.44
N GLN B 438 8.03 22.99 -12.87
CA GLN B 438 7.99 24.24 -13.65
C GLN B 438 9.33 24.56 -14.31
N TYR B 439 10.34 23.77 -13.97
CA TYR B 439 11.72 24.03 -14.38
C TYR B 439 11.90 24.12 -15.91
N VAL B 440 11.10 23.37 -16.65
CA VAL B 440 11.22 23.35 -18.10
C VAL B 440 10.88 24.71 -18.74
N ASP B 441 9.96 25.45 -18.14
CA ASP B 441 9.47 26.71 -18.69
C ASP B 441 10.01 27.93 -17.94
N GLU B 442 10.26 27.75 -16.65
CA GLU B 442 10.62 28.87 -15.78
C GLU B 442 11.66 28.42 -14.75
N PRO B 443 12.87 28.11 -15.21
CA PRO B 443 13.99 27.59 -14.41
C PRO B 443 14.57 28.65 -13.51
N SER B 444 14.39 29.91 -13.90
CA SER B 444 14.81 31.04 -13.09
C SER B 444 13.87 32.17 -13.40
N ALA B 445 14.10 33.32 -12.76
CA ALA B 445 13.42 34.53 -13.16
C ALA B 445 13.74 34.77 -14.64
N LEU B 446 12.79 35.31 -15.39
CA LEU B 446 13.02 35.59 -16.79
C LEU B 446 12.01 36.57 -17.36
N ILE B 447 12.31 37.11 -18.53
CA ILE B 447 11.30 37.83 -19.30
C ILE B 447 11.30 37.27 -20.71
N ARG B 448 10.12 37.08 -21.27
CA ARG B 448 9.97 36.35 -22.51
C ARG B 448 8.89 36.92 -23.41
N PHE B 449 9.17 36.98 -24.70
CA PHE B 449 8.17 37.31 -25.69
C PHE B 449 7.87 36.04 -26.51
N ARG B 450 6.59 35.80 -26.74
CA ARG B 450 6.15 34.60 -27.40
C ARG B 450 5.00 35.04 -28.29
N GLY B 451 5.19 34.91 -29.60
CA GLY B 451 4.21 35.43 -30.54
C GLY B 451 4.07 34.62 -31.81
N GLY B 452 2.88 34.69 -32.39
CA GLY B 452 2.61 34.04 -33.67
C GLY B 452 1.76 34.93 -34.55
N LEU B 453 2.09 34.98 -35.83
CA LEU B 453 1.30 35.71 -36.81
C LEU B 453 0.78 34.73 -37.85
N PHE B 454 -0.54 34.65 -37.97
CA PHE B 454 -1.18 33.62 -38.78
C PHE B 454 -1.84 34.24 -40.00
N LYS B 455 -1.61 33.66 -41.17
CA LYS B 455 -2.28 34.13 -42.36
C LYS B 455 -3.19 33.03 -42.88
N PRO B 456 -4.50 33.22 -42.75
CA PRO B 456 -5.42 32.17 -43.16
C PRO B 456 -5.32 31.95 -44.66
N GLY B 457 -5.44 30.69 -45.08
CA GLY B 457 -5.51 30.35 -46.50
C GLY B 457 -6.94 30.20 -46.96
N ASP B 458 -7.11 29.69 -48.18
CA ASP B 458 -8.43 29.52 -48.80
C ASP B 458 -9.42 28.70 -47.98
N ALA B 459 -8.95 27.83 -47.10
CA ALA B 459 -9.86 27.02 -46.31
C ALA B 459 -10.77 27.92 -45.46
N TYR B 460 -10.34 29.16 -45.25
CA TYR B 460 -11.22 30.14 -44.61
C TYR B 460 -11.75 31.10 -45.67
N GLY B 461 -13.05 31.06 -45.89
CA GLY B 461 -13.66 31.80 -46.98
C GLY B 461 -13.56 33.30 -46.78
N PRO B 462 -14.13 34.07 -47.71
CA PRO B 462 -14.15 35.54 -47.60
C PRO B 462 -14.93 35.98 -46.35
N GLY B 463 -14.67 37.21 -45.91
CA GLY B 463 -15.27 37.71 -44.68
C GLY B 463 -14.32 37.54 -43.50
N THR B 464 -13.35 36.65 -43.67
CA THR B 464 -12.34 36.42 -42.64
C THR B 464 -11.16 37.36 -42.82
N ASP B 465 -10.58 37.78 -41.70
CA ASP B 465 -9.42 38.65 -41.72
C ASP B 465 -8.27 38.00 -42.50
N SER B 466 -7.41 38.85 -43.07
CA SER B 466 -6.27 38.36 -43.85
C SER B 466 -5.12 37.97 -42.93
N THR B 467 -5.07 38.57 -41.75
CA THR B 467 -4.03 38.28 -40.78
C THR B 467 -4.64 38.08 -39.40
N HIS B 469 -3.09 37.42 -35.08
CA HIS B 469 -1.95 37.17 -34.20
C HIS B 469 -2.39 36.74 -32.79
N ARG B 470 -1.48 36.11 -32.08
CA ARG B 470 -1.57 35.93 -30.64
C ARG B 470 -0.16 36.08 -30.14
N ALA B 471 0.02 36.87 -29.07
CA ALA B 471 1.33 37.20 -28.56
C ALA B 471 1.29 37.49 -27.07
N PHE B 472 2.36 37.08 -26.40
CA PHE B 472 2.48 37.26 -24.97
C PHE B 472 3.80 37.92 -24.60
N VAL B 473 3.78 38.69 -23.52
CA VAL B 473 5.00 38.96 -22.78
C VAL B 473 4.85 38.37 -21.38
N ASP B 474 5.81 37.56 -20.96
CA ASP B 474 5.80 36.91 -19.66
C ASP B 474 6.97 37.43 -18.85
N PHE B 475 6.68 37.86 -17.62
CA PHE B 475 7.72 38.19 -16.65
C PHE B 475 7.54 37.26 -15.44
N ILE B 476 8.64 36.64 -15.01
CA ILE B 476 8.59 35.70 -13.92
C ILE B 476 9.62 36.08 -12.89
N TRP B 477 9.19 36.14 -11.64
CA TRP B 477 10.08 36.33 -10.50
C TRP B 477 9.74 35.30 -9.41
N ARG B 478 10.76 34.85 -8.67
CA ARG B 478 10.57 33.82 -7.66
C ARG B 478 11.13 34.25 -6.30
N PHE B 479 10.31 34.07 -5.25
CA PHE B 479 10.75 34.38 -3.88
C PHE B 479 10.99 33.12 -3.07
N LYS C 29 -13.47 -29.83 -13.46
CA LYS C 29 -12.42 -30.69 -12.89
C LYS C 29 -11.60 -29.93 -11.86
N ASN C 30 -11.90 -30.18 -10.59
CA ASN C 30 -11.19 -29.52 -9.49
C ASN C 30 -9.90 -30.25 -9.09
N PHE C 31 -9.88 -31.57 -9.32
CA PHE C 31 -8.78 -32.41 -8.89
C PHE C 31 -8.42 -33.37 -10.02
N GLY C 32 -7.16 -33.75 -10.07
CA GLY C 32 -6.74 -34.72 -11.05
C GLY C 32 -5.42 -35.34 -10.67
N LEU C 33 -5.00 -36.31 -11.48
CA LEU C 33 -3.72 -36.97 -11.29
C LEU C 33 -3.15 -37.26 -12.65
N ASP C 34 -2.05 -36.58 -12.97
CA ASP C 34 -1.34 -36.81 -14.22
C ASP C 34 -0.34 -37.94 -14.02
N VAL C 35 -0.40 -38.94 -14.88
CA VAL C 35 0.50 -40.08 -14.76
C VAL C 35 1.39 -40.13 -15.99
N LYS C 36 2.69 -40.17 -15.75
CA LYS C 36 3.67 -40.20 -16.82
C LYS C 36 4.64 -41.36 -16.62
N ILE C 37 4.74 -42.23 -17.62
CA ILE C 37 5.78 -43.23 -17.64
C ILE C 37 6.76 -42.89 -18.77
N THR C 38 8.05 -42.84 -18.43
CA THR C 38 9.10 -42.44 -19.35
C THR C 38 10.28 -43.44 -19.40
N GLY C 39 10.79 -43.68 -20.60
CA GLY C 39 12.06 -44.34 -20.77
C GLY C 39 13.00 -43.34 -21.41
N GLU C 40 14.23 -43.27 -20.90
CA GLU C 40 15.25 -42.42 -21.49
C GLU C 40 16.48 -43.25 -21.80
N SER C 41 17.00 -43.07 -23.00
CA SER C 41 18.23 -43.70 -23.44
C SER C 41 19.22 -42.59 -23.82
N GLU C 42 20.40 -42.65 -23.21
CA GLU C 42 21.40 -41.61 -23.39
C GLU C 42 22.77 -42.25 -23.40
N ASN C 43 23.57 -41.84 -24.39
CA ASN C 43 24.79 -42.54 -24.74
C ASN C 43 25.43 -41.84 -25.92
N ASP C 44 26.50 -41.08 -25.69
CA ASP C 44 27.11 -40.94 -24.37
C ASP C 44 27.32 -39.44 -24.10
N ARG C 45 26.77 -38.95 -23.00
CA ARG C 45 26.75 -37.51 -22.74
C ARG C 45 28.12 -36.87 -22.88
N ASP C 46 29.16 -37.58 -22.47
CA ASP C 46 30.51 -37.01 -22.49
C ASP C 46 31.33 -37.54 -23.67
N LEU C 47 30.66 -38.26 -24.57
CA LEU C 47 31.27 -38.78 -25.80
C LEU C 47 32.44 -39.72 -25.50
N GLY C 48 32.35 -40.44 -24.38
CA GLY C 48 33.34 -41.44 -24.03
C GLY C 48 34.64 -40.87 -23.47
N THR C 49 34.54 -39.77 -22.73
CA THR C 49 35.73 -39.09 -22.22
C THR C 49 35.77 -39.06 -20.69
N ALA C 50 34.72 -39.57 -20.06
CA ALA C 50 34.61 -39.59 -18.61
C ALA C 50 33.74 -40.75 -18.18
N PRO C 51 33.81 -41.13 -16.89
CA PRO C 51 32.90 -42.15 -16.36
C PRO C 51 31.47 -41.62 -16.28
N GLY C 52 30.48 -42.47 -16.59
CA GLY C 52 29.09 -42.08 -16.53
C GLY C 52 28.54 -41.61 -17.87
N GLY C 53 27.71 -40.57 -17.85
CA GLY C 53 27.18 -39.97 -19.06
C GLY C 53 26.13 -40.78 -19.82
N THR C 54 25.86 -42.00 -19.39
CA THR C 54 24.89 -42.85 -20.09
C THR C 54 23.71 -43.18 -19.19
N LEU C 55 22.57 -43.46 -19.82
CA LEU C 55 21.32 -43.80 -19.16
C LEU C 55 20.58 -44.74 -20.09
N ASN C 56 19.94 -45.77 -19.55
CA ASN C 56 19.01 -46.60 -20.32
C ASN C 56 17.97 -47.12 -19.36
N ASP C 57 17.09 -46.20 -18.96
CA ASP C 57 16.31 -46.37 -17.75
C ASP C 57 14.85 -45.98 -17.85
N ILE C 58 14.08 -46.33 -16.83
CA ILE C 58 12.62 -46.14 -16.85
C ILE C 58 12.17 -45.50 -15.54
N GLY C 59 11.14 -44.66 -15.62
CA GLY C 59 10.59 -44.05 -14.44
C GLY C 59 9.10 -43.81 -14.57
N ILE C 60 8.42 -43.73 -13.44
CA ILE C 60 7.04 -43.32 -13.40
C ILE C 60 6.94 -42.03 -12.59
N ASP C 61 6.03 -41.16 -13.02
CA ASP C 61 5.94 -39.81 -12.49
C ASP C 61 4.46 -39.52 -12.26
N LEU C 62 4.11 -39.24 -11.01
CA LEU C 62 2.73 -39.00 -10.63
C LEU C 62 2.58 -37.56 -10.17
N ARG C 63 1.57 -36.87 -10.69
CA ARG C 63 1.37 -35.47 -10.33
C ARG C 63 -0.07 -35.15 -9.99
N PRO C 64 -0.42 -35.32 -8.70
CA PRO C 64 -1.76 -34.97 -8.24
C PRO C 64 -1.89 -33.46 -8.23
N TRP C 65 -3.05 -32.93 -8.59
CA TRP C 65 -3.23 -31.49 -8.56
C TRP C 65 -4.63 -31.13 -8.10
N ALA C 66 -4.76 -29.91 -7.58
CA ALA C 66 -6.05 -29.38 -7.17
C ALA C 66 -6.24 -27.94 -7.65
N PHE C 67 -7.39 -27.68 -8.28
CA PHE C 67 -7.71 -26.34 -8.78
C PHE C 67 -9.08 -25.87 -8.28
N GLY C 68 -9.21 -24.58 -8.01
CA GLY C 68 -10.50 -24.03 -7.69
C GLY C 68 -10.74 -22.67 -8.29
N GLN C 69 -11.99 -22.39 -8.69
CA GLN C 69 -12.36 -21.06 -9.18
C GLN C 69 -13.69 -20.60 -8.60
N TRP C 70 -13.67 -19.45 -7.94
CA TRP C 70 -14.86 -18.87 -7.33
C TRP C 70 -14.87 -17.37 -7.59
N GLY C 71 -15.65 -16.94 -8.59
CA GLY C 71 -15.67 -15.54 -8.97
C GLY C 71 -14.32 -15.09 -9.49
N ASP C 72 -13.68 -14.18 -8.76
CA ASP C 72 -12.43 -13.57 -9.21
C ASP C 72 -11.16 -14.35 -8.85
N TRP C 73 -11.15 -15.00 -7.68
CA TRP C 73 -9.96 -15.68 -7.18
C TRP C 73 -9.85 -17.09 -7.71
N SER C 74 -8.62 -17.59 -7.77
CA SER C 74 -8.36 -18.99 -8.03
C SER C 74 -7.07 -19.43 -7.29
N ALA C 75 -6.91 -20.73 -7.08
CA ALA C 75 -5.71 -21.27 -6.45
C ALA C 75 -5.36 -22.62 -7.05
N TYR C 76 -4.11 -23.05 -6.84
CA TYR C 76 -3.62 -24.23 -7.54
C TYR C 76 -2.42 -24.86 -6.84
N PHE C 77 -2.47 -26.17 -6.73
CA PHE C 77 -1.31 -26.91 -6.27
C PHE C 77 -1.06 -28.07 -7.20
N GLY C 79 1.66 -31.44 -6.99
CA GLY C 79 2.76 -32.15 -6.39
C GLY C 79 3.35 -33.10 -7.39
N GLN C 80 4.34 -33.88 -6.95
CA GLN C 80 5.03 -34.77 -7.86
C GLN C 80 5.72 -35.91 -7.09
N ALA C 81 5.50 -37.14 -7.56
CA ALA C 81 6.18 -38.29 -6.97
C ALA C 81 6.83 -39.09 -8.07
N VAL C 82 8.13 -39.32 -7.92
CA VAL C 82 8.91 -39.97 -8.95
C VAL C 82 9.71 -41.15 -8.41
N ALA C 83 9.65 -42.26 -9.13
CA ALA C 83 10.53 -43.40 -8.91
C ALA C 83 11.03 -43.93 -10.26
N ALA C 84 12.35 -44.04 -10.38
CA ALA C 84 12.97 -44.43 -11.64
C ALA C 84 14.14 -45.38 -11.40
N THR C 85 14.55 -46.13 -12.43
CA THR C 85 15.62 -47.08 -12.28
C THR C 85 16.95 -46.35 -12.17
N ASP C 86 16.96 -45.12 -12.67
CA ASP C 86 18.13 -44.26 -12.53
C ASP C 86 17.64 -42.82 -12.62
N THR C 87 18.56 -41.86 -12.51
CA THR C 87 18.22 -40.45 -12.53
C THR C 87 18.00 -39.93 -13.96
N ILE C 88 16.85 -40.27 -14.51
CA ILE C 88 16.44 -39.82 -15.83
C ILE C 88 15.62 -38.54 -15.70
N GLU C 89 15.37 -37.89 -16.82
CA GLU C 89 14.52 -36.70 -16.83
C GLU C 89 13.08 -37.11 -17.10
N THR C 90 12.15 -36.55 -16.34
CA THR C 90 10.75 -36.87 -16.53
C THR C 90 9.93 -35.64 -16.93
N ASP C 91 10.61 -34.52 -17.18
CA ASP C 91 9.97 -33.37 -17.81
C ASP C 91 10.99 -32.54 -18.59
N THR C 92 10.51 -31.54 -19.33
CA THR C 92 11.36 -30.77 -20.22
C THR C 92 11.48 -29.28 -19.87
N LEU C 93 11.33 -28.96 -18.58
CA LEU C 93 11.35 -27.58 -18.13
C LEU C 93 12.74 -27.11 -17.71
N PRO C 110 20.94 -35.98 -6.50
CA PRO C 110 19.73 -36.54 -7.13
C PRO C 110 19.59 -38.03 -6.87
N ASP C 111 18.39 -38.45 -6.49
CA ASP C 111 18.11 -39.86 -6.21
C ASP C 111 17.25 -40.47 -7.31
N LYS C 112 16.99 -41.77 -7.19
CA LYS C 112 16.19 -42.50 -8.15
C LYS C 112 14.71 -42.24 -7.86
N SER C 113 14.43 -41.83 -6.63
CA SER C 113 13.07 -41.57 -6.18
C SER C 113 13.01 -40.28 -5.38
N TYR C 114 11.91 -39.55 -5.51
CA TYR C 114 11.78 -38.28 -4.81
C TYR C 114 10.37 -37.70 -4.87
N LEU C 115 10.13 -36.73 -4.01
CA LEU C 115 8.88 -35.99 -4.00
C LEU C 115 9.19 -34.53 -4.26
N ALA C 116 8.23 -33.81 -4.82
CA ALA C 116 8.43 -32.41 -5.12
C ALA C 116 7.11 -31.67 -5.12
N ALA C 117 7.21 -30.35 -4.95
CA ALA C 117 6.11 -29.43 -5.18
C ALA C 117 6.45 -28.65 -6.44
N ARG C 118 5.74 -28.92 -7.53
CA ARG C 118 6.09 -28.31 -8.81
C ARG C 118 5.50 -26.92 -8.89
N GLU C 119 4.20 -26.83 -8.60
CA GLU C 119 3.50 -25.55 -8.61
C GLU C 119 2.66 -25.33 -7.35
N PHE C 120 2.61 -24.08 -6.90
CA PHE C 120 1.71 -23.65 -5.83
C PHE C 120 1.56 -22.14 -5.93
N TRP C 121 0.35 -21.70 -6.27
CA TRP C 121 0.08 -20.25 -6.40
C TRP C 121 -1.35 -19.84 -6.10
N VAL C 122 -1.53 -18.54 -5.79
CA VAL C 122 -2.85 -17.88 -5.79
C VAL C 122 -2.91 -16.90 -6.97
N ASP C 123 -4.08 -16.76 -7.59
CA ASP C 123 -4.26 -15.89 -8.75
C ASP C 123 -5.42 -14.92 -8.50
N TYR C 124 -5.26 -13.66 -8.89
CA TYR C 124 -6.33 -12.67 -8.74
C TYR C 124 -6.66 -12.01 -10.07
N ALA C 125 -7.92 -12.08 -10.49
CA ALA C 125 -8.34 -11.56 -11.77
C ALA C 125 -9.33 -10.39 -11.64
N GLY C 126 -9.18 -9.59 -10.59
CA GLY C 126 -10.10 -8.51 -10.32
C GLY C 126 -9.58 -7.11 -10.60
N LEU C 127 -8.28 -6.98 -10.89
CA LEU C 127 -7.69 -5.66 -11.12
C LEU C 127 -8.34 -4.88 -12.26
N THR C 128 -8.75 -5.57 -13.32
CA THR C 128 -9.41 -4.90 -14.45
C THR C 128 -10.55 -5.77 -14.94
N ALA C 129 -11.34 -5.23 -15.87
CA ALA C 129 -12.47 -5.93 -16.43
C ALA C 129 -12.08 -6.76 -17.66
N TYR C 130 -10.78 -6.85 -17.94
CA TYR C 130 -10.33 -7.64 -19.09
C TYR C 130 -10.22 -9.13 -18.73
N PRO C 131 -10.94 -9.99 -19.45
CA PRO C 131 -10.92 -11.43 -19.16
C PRO C 131 -9.52 -12.05 -19.32
N GLY C 132 -8.68 -11.46 -20.18
CA GLY C 132 -7.34 -11.99 -20.38
C GLY C 132 -6.32 -11.48 -19.37
N GLU C 133 -6.80 -10.79 -18.33
CA GLU C 133 -5.91 -10.13 -17.36
C GLU C 133 -6.00 -10.77 -15.98
N HIS C 134 -4.82 -11.08 -15.42
CA HIS C 134 -4.74 -11.65 -14.09
C HIS C 134 -3.32 -11.51 -13.52
N LEU C 135 -3.23 -11.60 -12.20
CA LEU C 135 -1.96 -11.53 -11.48
C LEU C 135 -1.76 -12.84 -10.71
N ARG C 136 -0.56 -13.42 -10.82
CA ARG C 136 -0.30 -14.75 -10.26
C ARG C 136 0.89 -14.72 -9.29
N PHE C 137 0.71 -15.36 -8.14
CA PHE C 137 1.74 -15.28 -7.08
C PHE C 137 2.11 -16.65 -6.48
N GLY C 138 3.41 -16.90 -6.39
CA GLY C 138 3.92 -18.19 -5.94
C GLY C 138 4.66 -18.99 -7.02
N ARG C 139 4.93 -20.27 -6.77
CA ARG C 139 5.69 -21.05 -7.76
C ARG C 139 4.80 -21.38 -8.93
N GLN C 140 5.20 -20.92 -10.12
CA GLN C 140 4.33 -21.03 -11.29
C GLN C 140 5.11 -21.26 -12.58
N ARG C 141 4.40 -21.66 -13.63
CA ARG C 141 5.02 -21.82 -14.94
C ARG C 141 5.18 -20.46 -15.58
N LEU C 142 6.41 -19.99 -15.73
CA LEU C 142 6.67 -18.79 -16.55
C LEU C 142 7.01 -19.26 -17.97
N ARG C 143 6.17 -18.95 -18.95
CA ARG C 143 6.47 -19.36 -20.32
C ARG C 143 6.18 -18.32 -21.40
N GLU C 144 7.06 -18.24 -22.40
CA GLU C 144 6.77 -17.47 -23.60
C GLU C 144 7.03 -18.33 -24.81
N ASP C 145 6.37 -18.01 -25.91
CA ASP C 145 6.26 -18.93 -27.06
C ASP C 145 7.56 -19.47 -27.64
N SER C 146 8.63 -18.70 -27.57
CA SER C 146 9.90 -19.09 -28.16
C SER C 146 10.65 -20.01 -27.22
N GLY C 147 10.38 -19.86 -25.92
CA GLY C 147 11.01 -20.68 -24.89
C GLY C 147 12.46 -20.30 -24.69
N GLN C 148 12.89 -19.23 -25.36
CA GLN C 148 14.28 -18.81 -25.32
C GLN C 148 14.58 -17.83 -24.18
N TRP C 149 13.51 -17.29 -23.59
CA TRP C 149 13.63 -16.34 -22.48
C TRP C 149 13.21 -16.99 -21.16
N GLN C 150 12.00 -17.55 -21.15
CA GLN C 150 11.49 -18.20 -19.95
C GLN C 150 10.60 -19.39 -20.30
N ASP C 151 10.91 -20.54 -19.71
CA ASP C 151 10.02 -21.71 -19.78
C ASP C 151 10.36 -22.62 -18.64
N THR C 152 9.81 -22.33 -17.46
CA THR C 152 10.29 -22.96 -16.25
C THR C 152 9.26 -22.77 -15.12
N ASN C 153 9.33 -23.63 -14.10
CA ASN C 153 8.54 -23.48 -12.87
C ASN C 153 9.39 -22.76 -11.85
N ILE C 154 8.94 -21.60 -11.39
CA ILE C 154 9.76 -20.78 -10.49
C ILE C 154 8.87 -19.87 -9.63
N GLU C 155 9.37 -19.49 -8.46
CA GLU C 155 8.63 -18.63 -7.54
C GLU C 155 8.53 -17.24 -8.15
N ALA C 156 7.30 -16.76 -8.30
CA ALA C 156 7.12 -15.52 -9.03
C ALA C 156 5.91 -14.72 -8.62
N LEU C 157 5.96 -13.42 -8.92
CA LEU C 157 4.80 -12.58 -9.03
C LEU C 157 4.75 -12.13 -10.50
N ASN C 158 3.70 -12.54 -11.20
CA ASN C 158 3.64 -12.31 -12.64
C ASN C 158 2.29 -11.77 -13.09
N TRP C 159 2.31 -10.66 -13.81
CA TRP C 159 1.08 -10.02 -14.25
C TRP C 159 0.91 -10.21 -15.75
N SER C 160 -0.25 -10.76 -16.14
CA SER C 160 -0.53 -11.07 -17.53
C SER C 160 -1.68 -10.25 -18.04
N PHE C 161 -1.54 -9.80 -19.28
CA PHE C 161 -2.56 -9.01 -19.94
C PHE C 161 -2.61 -9.42 -21.40
N GLU C 162 -3.73 -10.03 -21.78
CA GLU C 162 -3.88 -10.53 -23.14
C GLU C 162 -5.23 -10.11 -23.70
N THR C 163 -5.17 -9.48 -24.86
CA THR C 163 -6.34 -9.04 -25.62
C THR C 163 -5.97 -9.20 -27.07
N THR C 164 -6.96 -9.05 -27.95
CA THR C 164 -6.74 -9.20 -29.38
C THR C 164 -5.64 -8.24 -29.82
N LEU C 165 -5.82 -6.96 -29.50
CA LEU C 165 -4.90 -5.92 -29.92
C LEU C 165 -3.51 -6.00 -29.28
N LEU C 166 -3.48 -6.31 -27.99
CA LEU C 166 -2.31 -5.99 -27.17
C LEU C 166 -2.09 -7.03 -26.10
N ASN C 167 -0.89 -7.63 -26.08
CA ASN C 167 -0.47 -8.46 -24.96
C ASN C 167 0.68 -7.77 -24.24
N ALA C 168 0.71 -7.93 -22.93
CA ALA C 168 1.78 -7.39 -22.10
C ALA C 168 1.90 -8.28 -20.87
N HIS C 169 3.12 -8.38 -20.35
CA HIS C 169 3.39 -9.16 -19.15
C HIS C 169 4.47 -8.42 -18.37
N ALA C 170 4.45 -8.58 -17.04
CA ALA C 170 5.48 -7.99 -16.20
C ALA C 170 5.53 -8.80 -14.93
N GLY C 171 6.73 -9.04 -14.41
CA GLY C 171 6.88 -9.91 -13.28
C GLY C 171 8.26 -9.88 -12.69
N VAL C 172 8.41 -10.55 -11.55
CA VAL C 172 9.68 -10.69 -10.87
C VAL C 172 9.72 -12.15 -10.42
N ALA C 173 10.92 -12.69 -10.27
CA ALA C 173 11.06 -14.10 -9.92
C ALA C 173 12.38 -14.41 -9.25
N GLN C 174 12.38 -15.45 -8.42
CA GLN C 174 13.62 -15.89 -7.79
C GLN C 174 13.44 -17.31 -7.26
N ARG C 175 14.49 -18.11 -7.37
CA ARG C 175 14.46 -19.46 -6.81
C ARG C 175 14.94 -19.40 -5.38
N PHE C 176 14.17 -19.96 -4.46
CA PHE C 176 14.65 -20.12 -3.11
C PHE C 176 14.93 -21.58 -2.80
N SER C 177 14.42 -22.47 -3.65
CA SER C 177 14.56 -23.91 -3.42
C SER C 177 14.10 -24.70 -4.63
N GLU C 178 14.47 -25.97 -4.67
CA GLU C 178 14.03 -26.90 -5.69
C GLU C 178 12.71 -27.57 -5.26
N TYR C 179 12.39 -27.46 -3.98
CA TYR C 179 11.23 -28.12 -3.37
C TYR C 179 11.18 -29.61 -3.68
N ARG C 180 12.36 -30.23 -3.63
CA ARG C 180 12.49 -31.67 -3.90
C ARG C 180 13.13 -32.37 -2.71
N THR C 181 12.69 -33.59 -2.44
CA THR C 181 13.23 -34.34 -1.31
C THR C 181 14.69 -34.78 -1.51
N ASP C 182 15.16 -34.75 -2.75
CA ASP C 182 16.52 -35.21 -3.05
C ASP C 182 17.57 -34.12 -3.23
N LEU C 183 17.15 -32.86 -3.28
CA LEU C 183 18.10 -31.76 -3.42
C LEU C 183 18.06 -30.86 -2.19
N ASP C 184 19.24 -30.47 -1.71
CA ASP C 184 19.37 -29.72 -0.46
C ASP C 184 19.79 -28.27 -0.68
N GLU C 185 20.50 -28.03 -1.78
CA GLU C 185 21.05 -26.72 -2.05
C GLU C 185 20.82 -26.32 -3.51
N LEU C 186 20.50 -25.05 -3.72
CA LEU C 186 20.33 -24.50 -5.06
C LEU C 186 21.59 -24.68 -5.90
N ALA C 187 21.42 -24.72 -7.22
CA ALA C 187 22.56 -24.53 -8.11
C ALA C 187 23.13 -23.13 -7.89
N PRO C 188 24.46 -23.02 -7.95
CA PRO C 188 25.16 -21.75 -7.68
C PRO C 188 24.68 -20.59 -8.56
N GLU C 189 24.27 -20.86 -9.80
CA GLU C 189 23.82 -19.77 -10.66
C GLU C 189 22.46 -19.23 -10.21
N ASP C 190 21.69 -20.06 -9.51
CA ASP C 190 20.39 -19.61 -9.01
C ASP C 190 20.44 -18.90 -7.65
N LYS C 191 21.45 -19.22 -6.85
CA LYS C 191 21.55 -18.70 -5.49
C LYS C 191 21.60 -17.18 -5.47
N ASP C 192 20.60 -16.56 -4.84
CA ASP C 192 20.54 -15.10 -4.70
C ASP C 192 20.42 -14.37 -6.03
N ARG C 193 19.86 -15.01 -7.04
CA ARG C 193 19.66 -14.34 -8.32
C ARG C 193 18.21 -13.92 -8.52
N THR C 194 17.98 -12.62 -8.66
CA THR C 194 16.62 -12.11 -8.88
C THR C 194 16.41 -11.81 -10.36
N HIS C 195 15.17 -11.97 -10.80
CA HIS C 195 14.80 -11.70 -12.18
C HIS C 195 13.65 -10.72 -12.19
N VAL C 196 13.77 -9.69 -13.05
CA VAL C 196 12.66 -8.80 -13.34
C VAL C 196 12.52 -8.79 -14.86
N PHE C 197 11.29 -8.73 -15.34
CA PHE C 197 11.09 -8.97 -16.76
C PHE C 197 9.75 -8.43 -17.18
N GLY C 198 9.65 -8.07 -18.46
CA GLY C 198 8.39 -7.63 -19.02
C GLY C 198 8.38 -7.75 -20.53
N ASP C 199 7.21 -7.53 -21.12
CA ASP C 199 7.07 -7.62 -22.58
C ASP C 199 5.77 -6.96 -22.96
N ILE C 200 5.74 -6.45 -24.19
CA ILE C 200 4.53 -5.84 -24.71
C ILE C 200 4.58 -5.99 -26.24
N SER C 201 3.44 -6.30 -26.82
CA SER C 201 3.43 -6.62 -28.23
C SER C 201 2.02 -6.39 -28.75
N THR C 202 1.90 -6.16 -30.04
CA THR C 202 0.61 -5.92 -30.63
C THR C 202 0.45 -6.74 -31.90
N GLN C 203 -0.80 -7.02 -32.24
CA GLN C 203 -1.11 -7.73 -33.45
C GLN C 203 -1.47 -6.65 -34.46
N TRP C 204 -0.52 -6.33 -35.34
CA TRP C 204 -0.67 -5.16 -36.20
C TRP C 204 -1.47 -5.47 -37.45
N ALA C 205 -1.53 -6.76 -37.77
CA ALA C 205 -2.34 -7.27 -38.86
C ALA C 205 -2.72 -8.69 -38.44
N PRO C 206 -3.84 -9.21 -38.97
CA PRO C 206 -4.24 -10.53 -38.46
C PRO C 206 -3.12 -11.57 -38.56
N HIS C 207 -2.80 -12.18 -37.41
CA HIS C 207 -1.79 -13.24 -37.33
C HIS C 207 -0.35 -12.75 -37.34
N HIS C 208 -0.14 -11.47 -37.61
CA HIS C 208 1.20 -10.89 -37.48
C HIS C 208 1.36 -10.05 -36.24
N ARG C 209 2.37 -10.37 -35.42
CA ARG C 209 2.65 -9.67 -34.17
C ARG C 209 4.06 -9.06 -34.17
N ILE C 210 4.21 -7.93 -33.49
CA ILE C 210 5.54 -7.40 -33.23
C ILE C 210 5.57 -6.87 -31.81
N GLY C 211 6.71 -7.01 -31.14
CA GLY C 211 6.80 -6.51 -29.77
C GLY C 211 8.21 -6.38 -29.23
N VAL C 212 8.30 -5.84 -28.02
CA VAL C 212 9.58 -5.70 -27.34
C VAL C 212 9.52 -6.53 -26.08
N ARG C 213 10.69 -6.82 -25.51
CA ARG C 213 10.79 -7.76 -24.41
C ARG C 213 12.03 -7.36 -23.66
N ILE C 214 11.94 -7.39 -22.34
CA ILE C 214 13.07 -7.05 -21.51
C ILE C 214 13.17 -8.04 -20.36
N HIS C 215 14.39 -8.24 -19.86
CA HIS C 215 14.65 -9.12 -18.74
C HIS C 215 15.91 -8.60 -18.08
N HIS C 216 15.96 -8.71 -16.75
CA HIS C 216 17.13 -8.26 -16.01
C HIS C 216 17.41 -9.22 -14.89
N ALA C 217 18.68 -9.59 -14.72
CA ALA C 217 19.11 -10.51 -13.66
C ALA C 217 20.23 -9.87 -12.83
N ASP C 218 20.11 -9.93 -11.50
CA ASP C 218 21.16 -9.44 -10.60
C ASP C 218 21.60 -10.54 -9.62
N ASP C 219 22.90 -10.64 -9.38
CA ASP C 219 23.44 -11.59 -8.42
C ASP C 219 23.82 -10.89 -7.13
N SER C 220 23.07 -11.19 -6.07
CA SER C 220 23.33 -10.66 -4.73
C SER C 220 24.17 -11.63 -3.91
N ASP C 234 29.11 -22.96 -4.64
CA ASP C 234 29.09 -21.50 -4.53
C ASP C 234 29.33 -20.82 -5.89
N LYS C 235 28.90 -19.56 -6.01
CA LYS C 235 28.81 -18.88 -7.30
C LYS C 235 30.15 -18.66 -8.03
N THR C 236 30.21 -18.99 -9.32
CA THR C 236 31.42 -18.87 -10.11
C THR C 236 31.69 -17.44 -10.55
N TYR C 237 30.61 -16.67 -10.69
CA TYR C 237 30.69 -15.25 -11.00
C TYR C 237 29.46 -14.56 -10.43
N THR C 238 29.47 -13.24 -10.41
CA THR C 238 28.28 -12.46 -10.10
C THR C 238 28.22 -11.26 -11.03
N GLY C 239 27.10 -10.56 -11.02
CA GLY C 239 26.94 -9.39 -11.87
C GLY C 239 25.49 -9.04 -12.10
N GLN C 240 25.26 -8.16 -13.08
CA GLN C 240 23.90 -7.73 -13.41
C GLN C 240 23.80 -7.67 -14.93
N LEU C 241 22.71 -8.22 -15.46
CA LEU C 241 22.54 -8.30 -16.90
C LEU C 241 21.16 -7.82 -17.31
N THR C 242 21.10 -7.18 -18.47
CA THR C 242 19.82 -6.82 -19.05
C THR C 242 19.75 -7.28 -20.51
N TRP C 243 18.65 -7.92 -20.87
CA TRP C 243 18.40 -8.35 -22.23
C TRP C 243 17.33 -7.41 -22.76
N LEU C 244 17.59 -6.81 -23.91
CA LEU C 244 16.58 -5.96 -24.53
C LEU C 244 16.34 -6.53 -25.89
N GLY C 245 15.09 -6.84 -26.17
CA GLY C 245 14.78 -7.61 -27.37
C GLY C 245 13.69 -7.00 -28.21
N ILE C 246 13.78 -7.28 -29.50
CA ILE C 246 12.65 -7.04 -30.38
C ILE C 246 12.27 -8.37 -30.99
N GLU C 247 10.99 -8.58 -31.23
CA GLU C 247 10.54 -9.82 -31.85
C GLU C 247 9.39 -9.58 -32.82
N ALA C 248 9.39 -10.33 -33.91
CA ALA C 248 8.30 -10.29 -34.87
C ALA C 248 7.91 -11.72 -35.22
N THR C 249 6.62 -12.02 -35.25
CA THR C 249 6.17 -13.36 -35.62
C THR C 249 4.95 -13.31 -36.53
N GLY C 250 4.84 -14.30 -37.41
CA GLY C 250 3.66 -14.52 -38.22
C GLY C 250 3.18 -15.96 -38.02
N ASP C 251 2.33 -16.17 -37.04
CA ASP C 251 1.93 -17.53 -36.64
C ASP C 251 3.13 -18.45 -36.47
N ALA C 252 4.23 -17.90 -35.96
CA ALA C 252 5.45 -18.66 -35.79
C ALA C 252 5.23 -19.97 -35.02
N TYR C 253 4.45 -19.88 -33.95
CA TYR C 253 4.26 -21.01 -33.04
C TYR C 253 2.81 -21.48 -33.03
N ASN C 254 2.11 -21.17 -34.11
CA ASN C 254 0.73 -21.59 -34.27
C ASN C 254 0.60 -22.80 -35.20
N TYR C 255 0.33 -23.98 -34.63
CA TYR C 255 0.30 -25.21 -35.42
C TYR C 255 -1.00 -25.36 -36.23
N ARG C 256 -1.92 -24.41 -36.07
CA ARG C 256 -3.16 -24.43 -36.83
C ARG C 256 -3.26 -23.20 -37.72
N SER C 257 -2.12 -22.69 -38.17
CA SER C 257 -2.09 -21.46 -38.94
C SER C 257 -2.98 -21.58 -40.17
N SER C 258 -3.71 -20.51 -40.45
CA SER C 258 -4.49 -20.38 -41.68
C SER C 258 -3.62 -19.77 -42.80
N PRO C 260 -0.22 -19.73 -45.35
CA PRO C 260 0.73 -20.64 -46.00
C PRO C 260 2.18 -20.34 -45.57
N LEU C 261 2.49 -19.07 -45.33
CA LEU C 261 3.84 -18.74 -44.89
C LEU C 261 3.83 -18.21 -43.45
N ASN C 262 4.63 -18.84 -42.60
CA ASN C 262 4.81 -18.37 -41.21
C ASN C 262 6.28 -18.03 -41.00
N TYR C 263 6.56 -17.15 -40.04
CA TYR C 263 7.93 -16.75 -39.80
C TYR C 263 8.13 -16.36 -38.33
N TRP C 264 9.39 -16.27 -37.94
CA TRP C 264 9.77 -15.62 -36.70
C TRP C 264 11.09 -14.89 -36.92
N ALA C 265 11.25 -13.77 -36.22
CA ALA C 265 12.51 -13.04 -36.21
C ALA C 265 12.61 -12.29 -34.88
N SER C 266 13.74 -12.47 -34.20
CA SER C 266 13.99 -11.75 -32.97
C SER C 266 15.46 -11.33 -32.92
N ALA C 267 15.70 -10.15 -32.34
CA ALA C 267 17.06 -9.66 -32.13
C ALA C 267 17.13 -9.20 -30.67
N THR C 268 18.23 -9.52 -29.98
CA THR C 268 18.33 -9.27 -28.55
C THR C 268 19.70 -8.75 -28.18
N TRP C 269 19.73 -7.61 -27.50
CA TRP C 269 20.97 -7.03 -27.02
C TRP C 269 21.13 -7.33 -25.55
N LEU C 270 22.33 -7.77 -25.18
CA LEU C 270 22.65 -8.10 -23.80
C LEU C 270 23.72 -7.15 -23.32
N THR C 271 23.50 -6.55 -22.16
CA THR C 271 24.44 -5.60 -21.62
C THR C 271 24.40 -5.61 -20.09
N GLY C 272 25.57 -5.35 -19.50
CA GLY C 272 25.71 -5.32 -18.06
C GLY C 272 27.17 -5.53 -17.72
N ASP C 273 27.40 -6.27 -16.65
CA ASP C 273 28.77 -6.52 -16.22
C ASP C 273 28.84 -7.80 -15.44
N ARG C 274 30.06 -8.30 -15.26
CA ARG C 274 30.28 -9.53 -14.53
C ARG C 274 31.56 -9.43 -13.70
N ASP C 275 31.56 -10.12 -12.57
CA ASP C 275 32.75 -10.30 -11.76
C ASP C 275 33.04 -11.80 -11.67
N ASN C 276 34.13 -12.23 -12.32
CA ASN C 276 34.52 -13.62 -12.32
C ASN C 276 35.57 -13.91 -11.24
N LEU C 277 35.57 -15.13 -10.71
CA LEU C 277 36.59 -15.54 -9.75
C LEU C 277 37.81 -16.01 -10.52
N THR C 278 38.96 -16.05 -9.85
CA THR C 278 40.19 -16.52 -10.48
C THR C 278 40.86 -17.62 -9.63
N GLN C 292 38.15 -10.70 -11.81
CA GLN C 292 38.20 -10.18 -13.17
C GLN C 292 36.88 -9.56 -13.59
N SER C 293 36.59 -8.37 -13.07
CA SER C 293 35.38 -7.65 -13.46
C SER C 293 35.47 -7.19 -14.92
N GLY C 294 34.33 -7.13 -15.59
CA GLY C 294 34.29 -6.68 -16.97
C GLY C 294 32.90 -6.41 -17.47
N ASP C 295 32.79 -5.53 -18.47
CA ASP C 295 31.50 -5.23 -19.09
C ASP C 295 31.06 -6.34 -20.03
N VAL C 296 29.76 -6.41 -20.29
CA VAL C 296 29.24 -7.35 -21.27
C VAL C 296 28.41 -6.60 -22.31
N ASN C 297 28.75 -6.81 -23.57
CA ASN C 297 27.94 -6.28 -24.67
C ASN C 297 27.87 -7.29 -25.78
N ALA C 298 26.70 -7.87 -25.92
CA ALA C 298 26.56 -9.07 -26.70
C ALA C 298 25.27 -9.03 -27.47
N PHE C 299 25.11 -9.96 -28.40
CA PHE C 299 23.98 -9.92 -29.30
C PHE C 299 23.52 -11.32 -29.67
N GLY C 300 22.22 -11.45 -29.87
CA GLY C 300 21.62 -12.73 -30.22
C GLY C 300 20.50 -12.49 -31.21
N VAL C 301 20.38 -13.41 -32.16
CA VAL C 301 19.35 -13.31 -33.19
C VAL C 301 18.82 -14.70 -33.50
N ASP C 302 17.59 -14.77 -33.99
CA ASP C 302 16.96 -16.04 -34.31
C ASP C 302 15.93 -15.75 -35.39
N LEU C 303 16.02 -16.50 -36.50
CA LEU C 303 15.17 -16.28 -37.68
C LEU C 303 14.65 -17.61 -38.17
N GLY C 304 13.44 -17.63 -38.68
CA GLY C 304 12.89 -18.84 -39.24
C GLY C 304 11.76 -18.61 -40.22
N LEU C 305 11.63 -19.55 -41.14
CA LEU C 305 10.57 -19.53 -42.13
C LEU C 305 9.93 -20.90 -42.11
N ARG C 306 8.61 -20.94 -42.14
CA ARG C 306 7.89 -22.18 -42.21
C ARG C 306 6.82 -22.08 -43.29
N TRP C 307 6.81 -23.07 -44.16
CA TRP C 307 5.80 -23.13 -45.20
C TRP C 307 4.84 -24.26 -44.86
N ASN C 308 3.59 -23.90 -44.62
CA ASN C 308 2.55 -24.87 -44.45
C ASN C 308 2.09 -25.31 -45.84
N ILE C 309 2.72 -26.36 -46.34
CA ILE C 309 2.50 -26.80 -47.72
C ILE C 309 1.01 -27.05 -47.93
N ASP C 310 0.43 -27.90 -47.08
CA ASP C 310 -1.01 -28.07 -47.02
C ASP C 310 -1.44 -28.26 -45.57
N GLU C 311 -2.57 -28.91 -45.33
CA GLU C 311 -3.08 -29.05 -43.96
C GLU C 311 -2.23 -29.99 -43.10
N GLN C 312 -1.52 -30.90 -43.75
CA GLN C 312 -0.74 -31.95 -43.08
C GLN C 312 0.77 -31.74 -43.12
N TRP C 313 1.29 -31.35 -44.29
CA TRP C 313 2.72 -31.27 -44.52
C TRP C 313 3.31 -29.85 -44.41
N LYS C 314 4.48 -29.75 -43.79
CA LYS C 314 5.13 -28.46 -43.54
C LYS C 314 6.63 -28.59 -43.70
N ALA C 315 7.30 -27.49 -44.06
CA ALA C 315 8.74 -27.51 -44.15
C ALA C 315 9.26 -26.13 -43.82
N GLY C 316 10.50 -26.03 -43.37
CA GLY C 316 10.99 -24.74 -42.96
C GLY C 316 12.46 -24.71 -42.70
N VAL C 317 13.02 -23.51 -42.52
CA VAL C 317 14.44 -23.35 -42.31
C VAL C 317 14.63 -22.34 -41.19
N GLY C 318 15.79 -22.39 -40.55
CA GLY C 318 16.06 -21.43 -39.51
C GLY C 318 17.51 -21.13 -39.34
N TYR C 319 17.79 -19.99 -38.73
CA TYR C 319 19.13 -19.58 -38.38
C TYR C 319 19.08 -18.82 -37.03
N ALA C 320 20.10 -19.00 -36.22
CA ALA C 320 20.22 -18.35 -34.93
C ALA C 320 21.69 -18.19 -34.62
N ARG C 321 22.01 -17.11 -33.95
CA ARG C 321 23.38 -16.86 -33.54
C ARG C 321 23.35 -16.13 -32.20
N GLY C 322 24.24 -16.54 -31.30
CA GLY C 322 24.55 -15.80 -30.10
C GLY C 322 26.04 -15.47 -30.11
N SER C 323 26.34 -14.19 -30.03
CA SER C 323 27.71 -13.72 -30.16
C SER C 323 28.59 -14.38 -29.11
N GLY C 324 29.90 -14.33 -29.32
CA GLY C 324 30.83 -14.89 -28.36
C GLY C 324 32.17 -14.19 -28.41
N GLY C 325 33.06 -14.57 -27.52
CA GLY C 325 34.41 -14.04 -27.51
C GLY C 325 34.56 -12.62 -26.97
N GLY C 326 35.49 -11.88 -27.54
CA GLY C 326 35.85 -10.58 -27.01
C GLY C 326 36.77 -10.75 -25.80
N LYS C 327 37.33 -9.64 -25.33
CA LYS C 327 38.23 -9.66 -24.19
C LYS C 327 37.47 -10.03 -22.92
N ASP C 328 37.93 -11.08 -22.25
CA ASP C 328 37.33 -11.53 -21.00
C ASP C 328 35.86 -11.93 -21.20
N GLY C 329 35.52 -12.29 -22.44
CA GLY C 329 34.16 -12.72 -22.76
C GLY C 329 33.17 -11.58 -22.85
N GLU C 330 33.67 -10.37 -23.16
CA GLU C 330 32.83 -9.19 -23.28
C GLU C 330 31.66 -9.37 -24.23
N GLU C 331 31.87 -10.09 -25.33
CA GLU C 331 30.85 -10.25 -26.35
C GLU C 331 30.22 -11.64 -26.35
N GLN C 332 30.41 -12.36 -25.26
CA GLN C 332 29.79 -13.67 -25.10
C GLN C 332 28.31 -13.51 -24.76
N PHE C 333 27.43 -13.79 -25.72
CA PHE C 333 25.99 -13.75 -25.45
C PHE C 333 25.63 -14.89 -24.50
N GLN C 334 24.51 -14.76 -23.83
CA GLN C 334 24.00 -15.81 -22.95
C GLN C 334 22.51 -15.58 -22.70
N GLN C 335 21.79 -16.66 -22.37
CA GLN C 335 20.35 -16.57 -22.11
C GLN C 335 20.03 -16.33 -20.63
N THR C 336 18.77 -16.04 -20.34
CA THR C 336 18.35 -15.63 -19.02
C THR C 336 18.65 -16.65 -17.94
N GLY C 337 18.67 -17.93 -18.32
CA GLY C 337 18.82 -19.00 -17.34
C GLY C 337 17.49 -19.64 -16.98
N LEU C 338 16.39 -19.06 -17.46
CA LEU C 338 15.05 -19.55 -17.18
C LEU C 338 14.45 -20.25 -18.41
N GLU C 339 15.24 -20.30 -19.48
CA GLU C 339 14.76 -20.77 -20.76
C GLU C 339 14.84 -22.30 -20.90
N SER C 340 13.96 -22.87 -21.73
CA SER C 340 14.09 -24.28 -22.14
C SER C 340 14.53 -24.39 -23.62
N ASN C 341 14.38 -23.32 -24.36
CA ASN C 341 14.61 -23.35 -25.79
C ASN C 341 13.72 -24.31 -26.54
N ARG C 342 12.53 -24.60 -26.02
CA ARG C 342 11.58 -25.49 -26.71
C ARG C 342 10.37 -24.74 -27.19
N SER C 343 9.90 -25.07 -28.39
CA SER C 343 8.75 -24.39 -28.97
C SER C 343 8.07 -25.25 -30.03
N ASN C 344 6.92 -24.79 -30.49
CA ASN C 344 6.23 -25.38 -31.62
C ASN C 344 6.78 -24.91 -33.00
N PHE C 345 8.09 -24.72 -33.13
CA PHE C 345 8.59 -24.07 -34.34
C PHE C 345 8.42 -24.94 -35.62
N THR C 346 8.17 -26.23 -35.45
CA THR C 346 7.99 -27.09 -36.65
C THR C 346 6.52 -27.10 -37.05
N GLY C 347 5.72 -26.32 -36.36
CA GLY C 347 4.30 -26.26 -36.66
C GLY C 347 3.45 -27.47 -36.28
N THR C 348 3.86 -28.22 -35.26
CA THR C 348 2.97 -29.29 -34.72
C THR C 348 2.55 -28.99 -33.27
N ARG C 349 1.60 -29.75 -32.74
CA ARG C 349 1.21 -29.62 -31.33
C ARG C 349 2.40 -29.90 -30.45
N SER C 350 3.26 -30.79 -30.92
CA SER C 350 4.44 -31.16 -30.15
C SER C 350 5.48 -30.05 -30.18
N ARG C 351 5.99 -29.70 -29.01
CA ARG C 351 7.14 -28.80 -28.93
C ARG C 351 8.40 -29.59 -29.28
N VAL C 352 9.47 -28.88 -29.64
CA VAL C 352 10.73 -29.49 -30.07
C VAL C 352 11.84 -28.58 -29.58
N HIS C 353 12.96 -29.14 -29.16
CA HIS C 353 14.05 -28.30 -28.72
C HIS C 353 14.65 -27.55 -29.91
N ARG C 354 14.66 -26.23 -29.80
CA ARG C 354 15.06 -25.37 -30.88
C ARG C 354 16.46 -25.69 -31.33
N PHE C 355 17.28 -26.20 -30.43
CA PHE C 355 18.68 -26.47 -30.79
C PHE C 355 19.10 -27.90 -30.50
N GLY C 356 18.21 -28.84 -30.81
CA GLY C 356 18.53 -30.25 -30.76
C GLY C 356 18.19 -30.93 -29.44
N GLU C 357 17.43 -32.02 -29.52
CA GLU C 357 17.04 -32.80 -28.35
C GLU C 357 18.29 -33.38 -27.70
N ALA C 358 19.35 -33.49 -28.49
CA ALA C 358 20.60 -34.09 -28.03
C ALA C 358 21.63 -33.03 -27.62
N PHE C 359 22.02 -32.19 -28.57
CA PHE C 359 22.96 -31.13 -28.26
C PHE C 359 22.37 -30.14 -27.24
N ARG C 360 21.08 -29.84 -27.37
CA ARG C 360 20.43 -28.89 -26.47
C ARG C 360 21.25 -27.64 -26.31
N GLY C 361 21.56 -26.99 -27.43
CA GLY C 361 22.43 -25.83 -27.41
C GLY C 361 21.81 -24.64 -26.73
N GLU C 362 22.63 -23.92 -25.98
CA GLU C 362 22.27 -22.59 -25.50
C GLU C 362 22.80 -21.59 -26.52
N LEU C 363 22.07 -20.50 -26.74
CA LEU C 363 22.49 -19.45 -27.63
C LEU C 363 23.64 -18.65 -27.03
N SER C 364 24.84 -19.22 -27.04
CA SER C 364 26.00 -18.57 -26.45
C SER C 364 27.31 -18.91 -27.19
N ASN C 365 27.86 -17.96 -27.93
CA ASN C 365 29.04 -18.22 -28.77
C ASN C 365 28.70 -19.34 -29.73
N LEU C 366 27.47 -19.31 -30.24
CA LEU C 366 26.94 -20.43 -30.97
C LEU C 366 26.22 -19.98 -32.24
N GLN C 367 26.41 -20.72 -33.31
CA GLN C 367 25.72 -20.42 -34.56
C GLN C 367 25.07 -21.72 -34.98
N ALA C 368 23.81 -21.66 -35.37
CA ALA C 368 23.07 -22.87 -35.74
C ALA C 368 22.24 -22.67 -37.01
N ALA C 369 22.32 -23.63 -37.93
CA ALA C 369 21.44 -23.64 -39.09
C ALA C 369 20.54 -24.85 -38.98
N THR C 370 19.29 -24.72 -39.44
CA THR C 370 18.26 -25.72 -39.22
C THR C 370 17.38 -25.94 -40.44
N LEU C 371 17.07 -27.20 -40.71
CA LEU C 371 16.12 -27.58 -41.74
C LEU C 371 15.12 -28.49 -41.09
N PHE C 372 13.86 -28.41 -41.49
CA PHE C 372 12.91 -29.31 -40.89
C PHE C 372 11.71 -29.59 -41.78
N GLY C 373 11.16 -30.77 -41.59
CA GLY C 373 9.84 -31.09 -42.09
C GLY C 373 8.98 -31.58 -40.95
N SER C 374 7.68 -31.47 -41.13
CA SER C 374 6.77 -32.02 -40.16
C SER C 374 5.51 -32.50 -40.86
N TRP C 375 4.84 -33.45 -40.22
CA TRP C 375 3.59 -33.99 -40.72
C TRP C 375 2.62 -34.03 -39.55
N GLN C 376 1.33 -33.90 -39.84
CA GLN C 376 0.33 -34.14 -38.82
C GLN C 376 -0.99 -34.57 -39.44
N LEU C 377 -1.79 -35.24 -38.62
CA LEU C 377 -3.10 -35.71 -39.05
C LEU C 377 -4.11 -35.34 -37.98
N ARG C 378 -4.87 -34.28 -38.25
CA ARG C 378 -5.91 -33.79 -37.35
C ARG C 378 -5.36 -33.53 -35.96
N GLU C 379 -5.87 -34.27 -34.98
CA GLU C 379 -5.40 -34.14 -33.60
C GLU C 379 -4.94 -35.52 -33.12
N ASP C 380 -4.66 -36.41 -34.05
CA ASP C 380 -4.33 -37.79 -33.73
C ASP C 380 -2.83 -38.10 -33.75
N TYR C 381 -2.11 -37.45 -34.65
CA TYR C 381 -0.69 -37.74 -34.82
C TYR C 381 0.08 -36.49 -35.18
N ASP C 382 1.36 -36.47 -34.85
CA ASP C 382 2.26 -35.54 -35.53
C ASP C 382 3.66 -36.09 -35.50
N ALA C 383 4.51 -35.51 -36.34
CA ALA C 383 5.87 -35.99 -36.48
C ALA C 383 6.71 -34.83 -37.00
N SER C 384 7.94 -34.74 -36.52
CA SER C 384 8.84 -33.69 -36.97
C SER C 384 10.18 -34.29 -37.23
N LEU C 385 10.80 -33.86 -38.31
CA LEU C 385 12.15 -34.32 -38.63
C LEU C 385 12.99 -33.07 -38.78
N VAL C 386 14.10 -33.02 -38.07
CA VAL C 386 14.84 -31.76 -37.96
C VAL C 386 16.32 -32.03 -38.10
N TYR C 387 17.00 -31.21 -38.89
CA TYR C 387 18.45 -31.33 -39.06
C TYR C 387 19.14 -30.05 -38.61
N HIS C 388 20.23 -30.18 -37.87
CA HIS C 388 20.98 -29.04 -37.42
C HIS C 388 22.42 -29.17 -37.79
N LYS C 389 23.07 -28.03 -38.06
CA LYS C 389 24.52 -27.97 -37.96
C LYS C 389 24.89 -26.87 -36.98
N PHE C 390 25.96 -27.08 -36.23
CA PHE C 390 26.35 -26.10 -35.24
C PHE C 390 27.80 -25.62 -35.37
N TRP C 391 28.02 -24.32 -35.19
CA TRP C 391 29.37 -23.77 -35.15
C TRP C 391 29.58 -22.88 -33.93
N ARG C 392 30.81 -22.82 -33.44
CA ARG C 392 31.24 -21.79 -32.49
C ARG C 392 31.46 -20.50 -33.27
N VAL C 393 31.11 -19.38 -32.64
CA VAL C 393 31.36 -18.07 -33.22
C VAL C 393 32.83 -17.66 -33.01
N ASP C 394 33.31 -17.82 -31.79
CA ASP C 394 34.70 -17.55 -31.46
C ASP C 394 35.38 -18.86 -31.08
N ASP C 395 36.33 -19.31 -31.88
CA ASP C 395 36.85 -20.68 -31.76
C ASP C 395 37.80 -20.90 -30.58
N ASP C 396 37.83 -19.95 -29.65
CA ASP C 396 38.68 -20.05 -28.48
C ASP C 396 37.91 -19.97 -27.17
N SER C 397 36.61 -19.71 -27.25
CA SER C 397 35.78 -19.62 -26.04
C SER C 397 34.82 -20.81 -25.96
N ASP C 398 34.32 -21.08 -24.76
CA ASP C 398 33.32 -22.11 -24.57
C ASP C 398 31.98 -21.66 -25.18
N ILE C 399 31.02 -22.58 -25.24
CA ILE C 399 29.71 -22.34 -25.86
C ILE C 399 28.55 -22.41 -24.87
N GLY C 400 28.73 -21.94 -23.65
CA GLY C 400 27.62 -21.99 -22.70
C GLY C 400 27.11 -23.41 -22.54
N THR C 401 25.91 -23.56 -21.95
CA THR C 401 25.35 -24.88 -21.63
C THR C 401 24.96 -25.73 -22.85
N SER C 402 24.86 -27.03 -22.63
N SER C 402 24.89 -27.04 -22.64
CA SER C 402 24.52 -27.98 -23.68
CA SER C 402 24.44 -27.97 -23.68
C SER C 402 24.25 -29.37 -23.07
C SER C 402 24.26 -29.37 -23.07
N GLY C 403 23.90 -30.32 -23.91
CA GLY C 403 23.63 -31.67 -23.48
C GLY C 403 24.84 -32.55 -23.71
N ILE C 404 25.96 -31.90 -23.98
CA ILE C 404 27.23 -32.58 -24.19
C ILE C 404 28.24 -32.10 -23.15
N ASN C 405 28.84 -33.05 -22.42
CA ASN C 405 29.88 -32.73 -21.46
C ASN C 405 31.24 -33.23 -21.92
N ALA C 406 31.86 -32.46 -22.81
CA ALA C 406 33.18 -32.80 -23.32
C ALA C 406 33.90 -31.53 -23.72
N ALA C 407 35.22 -31.53 -23.58
CA ALA C 407 36.01 -30.33 -23.83
C ALA C 407 36.11 -30.01 -25.32
N LEU C 408 36.18 -28.71 -25.61
CA LEU C 408 36.32 -28.22 -26.98
C LEU C 408 37.77 -27.90 -27.28
N GLN C 409 38.24 -28.36 -28.44
CA GLN C 409 39.61 -28.08 -28.88
C GLN C 409 39.71 -26.64 -29.41
N PRO C 410 40.71 -25.90 -28.92
CA PRO C 410 40.95 -24.52 -29.34
C PRO C 410 41.14 -24.43 -30.84
N GLY C 411 40.59 -23.39 -31.46
CA GLY C 411 40.80 -23.18 -32.89
C GLY C 411 39.87 -23.97 -33.82
N GLU C 412 38.99 -24.79 -33.23
CA GLU C 412 38.04 -25.56 -34.04
C GLU C 412 36.62 -25.03 -33.86
N LYS C 413 36.02 -24.64 -34.98
CA LYS C 413 34.66 -24.06 -35.00
C LYS C 413 33.55 -25.10 -35.19
N ASP C 414 33.90 -26.24 -35.79
CA ASP C 414 32.97 -27.33 -36.12
C ASP C 414 32.41 -28.07 -34.88
N ILE C 415 31.32 -27.58 -34.31
CA ILE C 415 30.75 -28.23 -33.13
C ILE C 415 30.14 -29.57 -33.52
N GLY C 416 29.29 -29.56 -34.54
CA GLY C 416 28.76 -30.82 -35.03
C GLY C 416 27.43 -30.64 -35.72
N GLN C 417 26.72 -31.76 -35.88
CA GLN C 417 25.44 -31.73 -36.56
C GLN C 417 24.57 -32.78 -35.94
N GLU C 418 23.26 -32.64 -36.13
CA GLU C 418 22.32 -33.43 -35.40
C GLU C 418 21.08 -33.66 -36.23
N LEU C 419 20.49 -34.84 -36.07
CA LEU C 419 19.21 -35.18 -36.66
C LEU C 419 18.24 -35.50 -35.52
N ASP C 420 17.07 -34.89 -35.54
CA ASP C 420 16.07 -35.12 -34.51
C ASP C 420 14.80 -35.67 -35.12
N LEU C 421 14.13 -36.52 -34.35
CA LEU C 421 12.85 -37.09 -34.74
C LEU C 421 11.90 -36.96 -33.58
N VAL C 422 10.69 -36.48 -33.86
CA VAL C 422 9.66 -36.40 -32.86
C VAL C 422 8.37 -36.97 -33.44
N VAL C 423 7.77 -37.94 -32.75
CA VAL C 423 6.55 -38.59 -33.21
C VAL C 423 5.57 -38.75 -32.06
N THR C 424 4.33 -38.27 -32.28
CA THR C 424 3.30 -38.34 -31.24
C THR C 424 1.99 -38.93 -31.73
N LYS C 425 1.40 -39.80 -30.92
CA LYS C 425 0.03 -40.21 -31.10
C LYS C 425 -0.74 -39.69 -29.89
N TYR C 426 -1.82 -38.96 -30.16
CA TYR C 426 -2.67 -38.42 -29.09
C TYR C 426 -3.92 -39.27 -28.92
N PHE C 427 -4.33 -39.48 -27.67
CA PHE C 427 -5.55 -40.19 -27.35
C PHE C 427 -6.66 -39.21 -26.99
N LYS C 428 -7.91 -39.60 -27.25
CA LYS C 428 -9.05 -38.73 -26.97
C LYS C 428 -9.23 -38.46 -25.47
N GLN C 429 -8.86 -39.44 -24.65
CA GLN C 429 -9.07 -39.36 -23.19
C GLN C 429 -8.19 -38.32 -22.49
N GLY C 430 -8.65 -37.84 -21.33
CA GLY C 430 -7.89 -36.92 -20.50
C GLY C 430 -7.75 -35.51 -21.06
N LEU C 431 -8.77 -35.04 -21.77
CA LEU C 431 -8.75 -33.69 -22.34
C LEU C 431 -8.68 -32.62 -21.24
N LEU C 432 -7.61 -31.84 -21.26
CA LEU C 432 -7.34 -30.83 -20.23
C LEU C 432 -7.68 -29.44 -20.76
N PRO C 433 -8.22 -28.56 -19.89
CA PRO C 433 -8.53 -27.19 -20.32
C PRO C 433 -7.25 -26.42 -20.68
N ALA C 434 -7.31 -25.60 -21.72
CA ALA C 434 -6.15 -24.84 -22.18
C ALA C 434 -5.54 -23.92 -21.11
N SER C 435 -6.26 -23.72 -20.00
CA SER C 435 -5.81 -22.83 -18.93
C SER C 435 -4.74 -23.47 -18.03
N SER C 437 -1.32 -25.24 -17.13
CA SER C 437 0.01 -24.93 -17.65
C SER C 437 0.63 -26.06 -18.48
N GLN C 438 0.28 -27.30 -18.15
CA GLN C 438 0.86 -28.45 -18.83
C GLN C 438 0.26 -28.67 -20.22
N TYR C 439 -0.73 -27.86 -20.57
CA TYR C 439 -1.51 -28.05 -21.79
C TYR C 439 -0.65 -28.04 -23.06
N VAL C 440 0.41 -27.23 -23.05
CA VAL C 440 1.27 -27.10 -24.22
C VAL C 440 1.98 -28.42 -24.59
N ASP C 441 2.29 -29.23 -23.59
CA ASP C 441 3.06 -30.46 -23.80
C ASP C 441 2.19 -31.72 -23.67
N GLU C 442 1.16 -31.63 -22.85
CA GLU C 442 0.36 -32.80 -22.50
C GLU C 442 -1.13 -32.42 -22.38
N PRO C 443 -1.74 -32.04 -23.52
CA PRO C 443 -3.12 -31.55 -23.58
C PRO C 443 -4.13 -32.67 -23.37
N SER C 444 -3.69 -33.88 -23.62
CA SER C 444 -4.51 -35.06 -23.42
C SER C 444 -3.56 -36.19 -23.12
N ALA C 445 -4.11 -37.37 -22.86
CA ALA C 445 -3.31 -38.60 -22.86
C ALA C 445 -2.59 -38.71 -24.21
N LEU C 446 -1.35 -39.22 -24.18
CA LEU C 446 -0.60 -39.37 -25.42
C LEU C 446 0.58 -40.31 -25.25
N ILE C 447 1.13 -40.75 -26.38
CA ILE C 447 2.41 -41.44 -26.37
C ILE C 447 3.31 -40.76 -27.40
N ARG C 448 4.57 -40.55 -27.04
CA ARG C 448 5.47 -39.73 -27.83
C ARG C 448 6.89 -40.25 -27.82
N PHE C 449 7.52 -40.19 -28.99
CA PHE C 449 8.93 -40.45 -29.11
C PHE C 449 9.66 -39.16 -29.43
N ARG C 450 10.79 -38.96 -28.79
CA ARG C 450 11.50 -37.71 -28.87
C ARG C 450 12.96 -38.10 -28.83
N GLY C 451 13.67 -37.85 -29.93
CA GLY C 451 15.04 -38.31 -30.04
C GLY C 451 15.94 -37.41 -30.85
N GLY C 452 17.23 -37.48 -30.54
CA GLY C 452 18.24 -36.73 -31.26
C GLY C 452 19.50 -37.54 -31.41
N LEU C 453 20.09 -37.48 -32.60
CA LEU C 453 21.34 -38.17 -32.88
C LEU C 453 22.37 -37.13 -33.24
N PHE C 454 23.47 -37.10 -32.48
CA PHE C 454 24.45 -36.03 -32.60
C PHE C 454 25.74 -36.59 -33.14
N LYS C 455 26.31 -35.91 -34.12
CA LYS C 455 27.61 -36.30 -34.63
C LYS C 455 28.60 -35.19 -34.32
N PRO C 456 29.54 -35.44 -33.40
CA PRO C 456 30.47 -34.38 -33.03
C PRO C 456 31.38 -34.04 -34.20
N GLY C 457 31.71 -32.76 -34.34
CA GLY C 457 32.66 -32.31 -35.33
C GLY C 457 34.05 -32.16 -34.73
N ASP C 458 34.92 -31.50 -35.47
CA ASP C 458 36.33 -31.39 -35.08
C ASP C 458 36.54 -30.70 -33.74
N ALA C 459 35.60 -29.84 -33.33
CA ALA C 459 35.74 -29.13 -32.07
C ALA C 459 35.93 -30.12 -30.92
N TYR C 460 35.48 -31.36 -31.11
CA TYR C 460 35.75 -32.43 -30.16
C TYR C 460 36.86 -33.34 -30.68
N GLY C 461 38.01 -33.30 -30.02
CA GLY C 461 39.19 -33.97 -30.52
C GLY C 461 39.02 -35.47 -30.54
N PRO C 462 40.08 -36.19 -30.94
CA PRO C 462 40.07 -37.65 -30.96
C PRO C 462 39.86 -38.22 -29.56
N GLY C 463 39.40 -39.47 -29.49
CA GLY C 463 39.08 -40.08 -28.20
C GLY C 463 37.60 -39.97 -27.92
N THR C 464 36.93 -39.05 -28.61
CA THR C 464 35.49 -38.85 -28.46
C THR C 464 34.74 -39.74 -29.44
N ASP C 465 33.58 -40.22 -29.02
CA ASP C 465 32.74 -41.06 -29.86
C ASP C 465 32.37 -40.33 -31.15
N SER C 466 32.11 -41.11 -32.19
CA SER C 466 31.75 -40.51 -33.49
C SER C 466 30.27 -40.16 -33.52
N THR C 467 29.47 -40.84 -32.68
CA THR C 467 28.04 -40.62 -32.62
C THR C 467 27.60 -40.54 -31.16
N HIS C 469 23.59 -40.15 -28.85
CA HIS C 469 22.15 -39.95 -28.90
C HIS C 469 21.56 -39.66 -27.53
N ARG C 470 20.36 -39.09 -27.54
CA ARG C 470 19.50 -39.03 -26.37
C ARG C 470 18.11 -39.18 -26.94
N ALA C 471 17.32 -40.06 -26.32
CA ALA C 471 15.99 -40.36 -26.84
C ALA C 471 15.06 -40.75 -25.70
N PHE C 472 13.79 -40.37 -25.85
CA PHE C 472 12.77 -40.65 -24.87
C PHE C 472 11.54 -41.29 -25.50
N VAL C 473 10.87 -42.11 -24.70
CA VAL C 473 9.48 -42.44 -24.96
C VAL C 473 8.67 -41.97 -23.75
N ASP C 474 7.63 -41.17 -24.02
CA ASP C 474 6.77 -40.63 -23.00
C ASP C 474 5.36 -41.17 -23.17
N PHE C 475 4.81 -41.73 -22.10
CA PHE C 475 3.40 -42.10 -22.07
C PHE C 475 2.72 -41.28 -20.97
N ILE C 476 1.57 -40.69 -21.30
CA ILE C 476 0.90 -39.83 -20.35
C ILE C 476 -0.56 -40.25 -20.28
N TRP C 477 -1.03 -40.46 -19.05
CA TRP C 477 -2.44 -40.69 -18.81
C TRP C 477 -2.95 -39.75 -17.71
N ARG C 478 -4.22 -39.36 -17.78
CA ARG C 478 -4.75 -38.41 -16.81
C ARG C 478 -6.04 -38.94 -16.15
N PHE C 479 -6.11 -38.85 -14.83
CA PHE C 479 -7.31 -39.27 -14.09
C PHE C 479 -8.04 -38.06 -13.53
N LYS D 29 -15.51 31.31 6.14
CA LYS D 29 -14.37 32.17 5.82
C LYS D 29 -13.15 31.37 5.42
N ASN D 30 -12.70 31.57 4.19
CA ASN D 30 -11.53 30.85 3.65
C ASN D 30 -10.20 31.48 4.04
N PHE D 31 -10.18 32.80 4.19
CA PHE D 31 -8.94 33.54 4.42
C PHE D 31 -9.07 34.49 5.60
N GLY D 32 -7.97 34.71 6.28
CA GLY D 32 -8.00 35.64 7.39
C GLY D 32 -6.61 36.12 7.73
N LEU D 33 -6.55 37.06 8.67
CA LEU D 33 -5.29 37.57 9.16
C LEU D 33 -5.44 37.80 10.65
N ASP D 34 -4.71 37.02 11.43
CA ASP D 34 -4.67 37.21 12.88
C ASP D 34 -3.59 38.19 13.24
N VAL D 35 -3.98 39.25 13.95
CA VAL D 35 -3.02 40.27 14.36
C VAL D 35 -2.82 40.25 15.87
N LYS D 36 -1.57 40.14 16.29
CA LYS D 36 -1.26 40.11 17.70
C LYS D 36 -0.19 41.12 18.05
N ILE D 37 -0.50 42.00 19.00
CA ILE D 37 0.48 42.90 19.57
C ILE D 37 0.75 42.48 21.02
N THR D 38 2.03 42.32 21.35
CA THR D 38 2.44 41.82 22.67
C THR D 38 3.53 42.67 23.32
N GLY D 39 3.39 42.88 24.63
CA GLY D 39 4.47 43.41 25.45
C GLY D 39 4.87 42.30 26.40
N GLU D 40 6.18 42.09 26.54
CA GLU D 40 6.69 41.14 27.53
C GLU D 40 7.68 41.84 28.43
N SER D 41 7.52 41.62 29.74
CA SER D 41 8.44 42.13 30.73
C SER D 41 9.00 40.95 31.51
N GLU D 42 10.32 40.86 31.55
CA GLU D 42 10.99 39.72 32.17
C GLU D 42 12.23 40.21 32.89
N ASN D 43 12.38 39.75 34.13
CA ASN D 43 13.36 40.31 35.05
C ASN D 43 13.28 39.59 36.39
N ASP D 44 14.25 38.73 36.68
CA ASP D 44 15.39 38.46 35.81
C ASP D 44 15.54 36.95 35.64
N ARG D 45 15.56 36.50 34.39
CA ARG D 45 15.52 35.08 34.09
C ARG D 45 16.57 34.29 34.86
N ASP D 46 17.74 34.87 35.06
CA ASP D 46 18.84 34.16 35.71
C ASP D 46 19.03 34.63 37.15
N LEU D 47 18.08 35.43 37.62
CA LEU D 47 18.05 35.90 39.01
C LEU D 47 19.29 36.72 39.37
N GLY D 48 19.84 37.42 38.38
CA GLY D 48 20.99 38.29 38.59
C GLY D 48 22.32 37.58 38.72
N THR D 49 22.50 36.48 37.97
CA THR D 49 23.70 35.67 38.10
C THR D 49 24.48 35.60 36.79
N ALA D 50 23.91 36.19 35.74
CA ALA D 50 24.54 36.19 34.43
C ALA D 50 24.13 37.45 33.66
N PRO D 51 24.86 37.79 32.59
CA PRO D 51 24.44 38.90 31.72
C PRO D 51 23.19 38.52 30.93
N GLY D 52 22.28 39.47 30.73
CA GLY D 52 21.06 39.22 29.98
C GLY D 52 19.88 38.85 30.87
N GLY D 53 19.07 37.89 30.41
CA GLY D 53 17.94 37.39 31.18
C GLY D 53 16.75 38.31 31.37
N THR D 54 16.86 39.56 30.91
CA THR D 54 15.77 40.52 31.07
C THR D 54 15.22 40.95 29.73
N LEU D 55 13.95 41.36 29.75
CA LEU D 55 13.24 41.88 28.60
C LEU D 55 12.26 42.92 29.11
N ASN D 56 12.03 43.95 28.31
CA ASN D 56 10.93 44.88 28.52
C ASN D 56 10.60 45.47 27.18
N ASP D 57 9.91 44.67 26.37
CA ASP D 57 9.88 44.89 24.94
C ASP D 57 8.53 44.63 24.31
N ILE D 58 8.41 45.01 23.04
CA ILE D 58 7.13 45.01 22.34
C ILE D 58 7.30 44.38 20.95
N GLY D 59 6.28 43.65 20.51
CA GLY D 59 6.33 43.05 19.19
C GLY D 59 4.95 43.00 18.56
N ILE D 60 4.92 42.97 17.23
CA ILE D 60 3.69 42.72 16.50
C ILE D 60 3.85 41.43 15.72
N ASP D 61 2.77 40.68 15.62
CA ASP D 61 2.81 39.33 15.07
C ASP D 61 1.61 39.21 14.13
N LEU D 62 1.90 38.93 12.86
CA LEU D 62 0.87 38.85 11.82
C LEU D 62 0.81 37.43 11.30
N ARG D 63 -0.40 36.86 11.25
CA ARG D 63 -0.56 35.48 10.81
C ARG D 63 -1.66 35.33 9.77
N PRO D 64 -1.31 35.50 8.49
CA PRO D 64 -2.28 35.29 7.41
C PRO D 64 -2.56 33.80 7.30
N TRP D 65 -3.80 33.41 7.03
CA TRP D 65 -4.11 32.00 6.88
C TRP D 65 -5.12 31.79 5.78
N ALA D 66 -5.14 30.58 5.22
CA ALA D 66 -6.09 30.19 4.20
C ALA D 66 -6.66 28.80 4.51
N PHE D 67 -7.99 28.69 4.48
CA PHE D 67 -8.68 27.43 4.70
C PHE D 67 -9.65 27.08 3.58
N GLY D 68 -9.74 25.80 3.24
CA GLY D 68 -10.69 25.38 2.22
C GLY D 68 -11.26 24.02 2.55
N GLN D 69 -12.56 23.85 2.29
CA GLN D 69 -13.22 22.57 2.51
C GLN D 69 -14.09 22.15 1.31
N TRP D 70 -13.87 20.93 0.80
CA TRP D 70 -14.61 20.43 -0.37
C TRP D 70 -14.91 18.95 -0.22
N GLY D 71 -16.12 18.63 0.21
CA GLY D 71 -16.47 17.26 0.51
C GLY D 71 -15.61 16.75 1.65
N ASP D 72 -14.91 15.65 1.41
CA ASP D 72 -14.15 14.97 2.45
C ASP D 72 -12.77 15.56 2.69
N TRP D 73 -12.34 16.45 1.79
CA TRP D 73 -11.00 17.03 1.90
C TRP D 73 -11.02 18.45 2.44
N SER D 74 -9.94 18.81 3.13
CA SER D 74 -9.70 20.19 3.50
C SER D 74 -8.19 20.45 3.52
N ALA D 75 -7.80 21.72 3.47
CA ALA D 75 -6.39 22.10 3.51
C ALA D 75 -6.22 23.42 4.25
N TYR D 76 -5.00 23.72 4.68
CA TYR D 76 -4.79 24.84 5.58
C TYR D 76 -3.36 25.31 5.60
N PHE D 77 -3.19 26.62 5.52
CA PHE D 77 -1.88 27.20 5.68
C PHE D 77 -2.00 28.35 6.66
N GLY D 79 0.83 31.39 7.90
CA GLY D 79 2.16 31.97 7.95
C GLY D 79 2.28 32.88 9.15
N GLN D 80 3.43 33.52 9.28
CA GLN D 80 3.70 34.34 10.45
C GLN D 80 4.77 35.39 10.14
N ALA D 81 4.48 36.65 10.45
CA ALA D 81 5.48 37.71 10.32
C ALA D 81 5.61 38.47 11.65
N VAL D 82 6.83 38.55 12.16
CA VAL D 82 7.08 39.12 13.47
C VAL D 82 8.15 40.19 13.43
N ALA D 83 7.85 41.33 14.06
CA ALA D 83 8.85 42.36 14.34
C ALA D 83 8.69 42.86 15.77
N ALA D 84 9.79 42.83 16.51
CA ALA D 84 9.76 43.17 17.92
C ALA D 84 11.00 43.96 18.33
N THR D 85 10.92 44.70 19.44
CA THR D 85 12.04 45.52 19.88
C THR D 85 13.15 44.64 20.40
N ASP D 86 12.79 43.42 20.79
CA ASP D 86 13.77 42.44 21.23
C ASP D 86 13.15 41.07 21.03
N THR D 87 13.90 40.01 21.36
CA THR D 87 13.44 38.64 21.16
C THR D 87 12.50 38.18 22.26
N ILE D 88 11.27 38.67 22.20
CA ILE D 88 10.21 38.29 23.13
C ILE D 88 9.45 37.10 22.57
N GLU D 89 8.61 36.50 23.41
CA GLU D 89 7.75 35.42 22.96
C GLU D 89 6.39 35.99 22.53
N THR D 90 5.90 35.54 21.39
CA THR D 90 4.63 36.01 20.88
C THR D 90 3.61 34.88 20.77
N ASP D 91 3.96 33.71 21.28
CA ASP D 91 2.97 32.64 21.47
C ASP D 91 3.38 31.71 22.63
N THR D 92 2.49 30.80 23.00
CA THR D 92 2.70 29.97 24.18
C THR D 92 2.86 28.47 23.89
N LEU D 93 3.50 28.17 22.77
CA LEU D 93 3.67 26.79 22.34
C LEU D 93 5.07 26.24 22.62
N ASP D 111 16.25 36.50 15.86
CA ASP D 111 16.28 37.92 15.50
C ASP D 111 15.06 38.64 16.07
N LYS D 112 15.04 39.96 15.90
CA LYS D 112 13.94 40.77 16.37
C LYS D 112 12.78 40.68 15.39
N SER D 113 13.10 40.26 14.17
CA SER D 113 12.12 40.16 13.08
C SER D 113 12.31 38.86 12.32
N TYR D 114 11.20 38.24 11.91
CA TYR D 114 11.30 37.00 11.15
C TYR D 114 9.99 36.60 10.48
N LEU D 115 10.11 35.63 9.57
CA LEU D 115 8.95 35.04 8.93
C LEU D 115 8.93 33.56 9.29
N ALA D 116 7.74 32.97 9.29
CA ALA D 116 7.63 31.55 9.60
C ALA D 116 6.42 30.94 8.91
N ALA D 117 6.48 29.62 8.73
CA ALA D 117 5.31 28.83 8.38
C ALA D 117 4.91 28.04 9.63
N ARG D 118 3.78 28.42 10.24
CA ARG D 118 3.37 27.81 11.50
C ARG D 118 2.68 26.48 11.22
N GLU D 119 1.67 26.54 10.38
CA GLU D 119 0.90 25.36 10.01
C GLU D 119 0.75 25.21 8.48
N PHE D 120 0.80 23.96 8.03
CA PHE D 120 0.51 23.58 6.64
C PHE D 120 0.17 22.10 6.59
N TRP D 121 -1.09 21.79 6.32
CA TRP D 121 -1.53 20.40 6.23
C TRP D 121 -2.68 20.16 5.27
N VAL D 122 -2.92 18.90 4.94
CA VAL D 122 -4.13 18.47 4.26
C VAL D 122 -4.81 17.48 5.19
N ASP D 123 -6.13 17.42 5.10
CA ASP D 123 -6.93 16.61 5.99
C ASP D 123 -7.94 15.79 5.19
N TYR D 124 -8.13 14.53 5.56
CA TYR D 124 -9.07 13.66 4.85
C TYR D 124 -10.04 13.05 5.85
N ALA D 125 -11.34 13.23 5.59
CA ALA D 125 -12.39 12.80 6.51
C ALA D 125 -13.31 11.76 5.87
N GLY D 126 -12.75 10.91 5.01
CA GLY D 126 -13.55 9.93 4.30
C GLY D 126 -13.38 8.49 4.74
N LEU D 127 -12.40 8.22 5.61
CA LEU D 127 -12.14 6.86 6.04
C LEU D 127 -13.33 6.18 6.70
N THR D 128 -14.13 6.94 7.45
CA THR D 128 -15.33 6.38 8.08
C THR D 128 -16.47 7.38 7.99
N ALA D 129 -17.66 6.93 8.39
CA ALA D 129 -18.85 7.77 8.36
C ALA D 129 -19.02 8.57 9.65
N TYR D 130 -18.04 8.53 10.55
CA TYR D 130 -18.10 9.31 11.79
C TYR D 130 -17.67 10.76 11.56
N PRO D 131 -18.56 11.71 11.87
CA PRO D 131 -18.25 13.14 11.68
C PRO D 131 -17.05 13.59 12.52
N GLY D 132 -16.79 12.94 13.65
CA GLY D 132 -15.67 13.32 14.49
C GLY D 132 -14.36 12.65 14.11
N GLU D 133 -14.33 12.02 12.94
CA GLU D 133 -13.16 11.25 12.51
C GLU D 133 -12.49 11.85 11.29
N HIS D 134 -11.17 12.04 11.37
CA HIS D 134 -10.38 12.58 10.29
C HIS D 134 -8.89 12.28 10.49
N LEU D 135 -8.15 12.34 9.38
CA LEU D 135 -6.72 12.09 9.36
C LEU D 135 -6.01 13.34 8.82
N ARG D 136 -4.97 13.79 9.53
CA ARG D 136 -4.34 15.07 9.20
C ARG D 136 -2.84 14.93 8.95
N PHE D 137 -2.36 15.55 7.87
CA PHE D 137 -0.98 15.33 7.44
C PHE D 137 -0.24 16.62 7.17
N GLY D 138 0.96 16.75 7.75
CA GLY D 138 1.75 17.96 7.62
C GLY D 138 1.99 18.67 8.95
N ARG D 139 2.49 19.91 8.91
CA ARG D 139 2.74 20.61 10.16
C ARG D 139 1.43 21.07 10.75
N GLN D 140 1.13 20.60 11.97
CA GLN D 140 -0.18 20.84 12.57
C GLN D 140 -0.10 20.99 14.08
N ARG D 141 -1.18 21.48 14.68
CA ARG D 141 -1.26 21.60 16.12
C ARG D 141 -1.59 20.26 16.71
N LEU D 142 -0.63 19.67 17.44
CA LEU D 142 -0.94 18.46 18.23
C LEU D 142 -1.27 18.90 19.65
N ARG D 143 -2.51 18.71 20.09
CA ARG D 143 -2.87 19.12 21.45
C ARG D 143 -3.77 18.14 22.20
N GLU D 144 -3.50 17.98 23.50
CA GLU D 144 -4.43 17.28 24.38
C GLU D 144 -4.69 18.17 25.58
N ASP D 145 -5.83 17.95 26.23
CA ASP D 145 -6.40 18.90 27.19
C ASP D 145 -5.49 19.30 28.37
N SER D 146 -4.60 18.41 28.77
CA SER D 146 -3.75 18.66 29.92
C SER D 146 -2.56 19.47 29.51
N GLY D 147 -2.17 19.32 28.24
CA GLY D 147 -1.05 20.05 27.69
C GLY D 147 0.28 19.52 28.21
N GLN D 148 0.22 18.46 28.99
CA GLN D 148 1.41 17.87 29.60
C GLN D 148 2.09 16.82 28.71
N TRP D 149 1.38 16.38 27.66
CA TRP D 149 1.93 15.40 26.70
C TRP D 149 2.29 16.07 25.39
N GLN D 150 1.29 16.73 24.79
CA GLN D 150 1.50 17.42 23.52
C GLN D 150 0.71 18.73 23.44
N ASP D 151 1.39 19.82 23.13
CA ASP D 151 0.72 21.07 22.79
C ASP D 151 1.65 21.92 21.98
N THR D 152 1.73 21.65 20.68
CA THR D 152 2.80 22.18 19.86
C THR D 152 2.44 22.09 18.37
N ASN D 153 3.08 22.93 17.56
CA ASN D 153 2.98 22.82 16.10
C ASN D 153 4.13 21.98 15.61
N ILE D 154 3.83 20.83 14.99
CA ILE D 154 4.89 19.94 14.53
C ILE D 154 4.45 19.15 13.29
N GLU D 155 5.42 18.72 12.47
CA GLU D 155 5.12 17.90 11.28
C GLU D 155 4.61 16.53 11.74
N ALA D 156 3.42 16.17 11.28
CA ALA D 156 2.78 14.99 11.80
C ALA D 156 1.84 14.30 10.81
N LEU D 157 1.59 13.03 11.09
CA LEU D 157 0.43 12.32 10.56
C LEU D 157 -0.36 11.90 11.79
N ASN D 158 -1.57 12.44 11.91
CA ASN D 158 -2.36 12.27 13.13
C ASN D 158 -3.81 11.90 12.83
N TRP D 159 -4.25 10.78 13.38
CA TRP D 159 -5.62 10.30 13.17
C TRP D 159 -6.46 10.55 14.41
N SER D 160 -7.60 11.21 14.21
CA SER D 160 -8.48 11.57 15.31
C SER D 160 -9.83 10.89 15.18
N PHE D 161 -10.33 10.43 16.32
CA PHE D 161 -11.63 9.80 16.36
C PHE D 161 -12.35 10.26 17.62
N GLU D 162 -13.44 11.00 17.42
CA GLU D 162 -14.18 11.56 18.54
C GLU D 162 -15.66 11.30 18.36
N THR D 163 -16.24 10.67 19.37
CA THR D 163 -17.67 10.39 19.45
C THR D 163 -18.06 10.53 20.91
N THR D 164 -19.36 10.54 21.19
CA THR D 164 -19.84 10.70 22.56
C THR D 164 -19.21 9.61 23.44
N LEU D 165 -19.35 8.37 23.01
CA LEU D 165 -18.87 7.23 23.79
C LEU D 165 -17.34 7.14 23.92
N LEU D 166 -16.64 7.41 22.82
CA LEU D 166 -15.27 6.95 22.68
C LEU D 166 -14.44 7.95 21.89
N ASN D 167 -13.35 8.42 22.48
CA ASN D 167 -12.33 9.17 21.75
C ASN D 167 -11.08 8.33 21.65
N ALA D 168 -10.38 8.45 20.51
CA ALA D 168 -9.11 7.79 20.29
C ALA D 168 -8.30 8.65 19.33
N HIS D 169 -6.97 8.62 19.47
CA HIS D 169 -6.07 9.32 18.58
C HIS D 169 -4.84 8.44 18.40
N ALA D 170 -4.21 8.53 17.25
CA ALA D 170 -2.95 7.85 17.01
C ALA D 170 -2.21 8.62 15.92
N GLY D 171 -0.89 8.73 16.08
CA GLY D 171 -0.11 9.54 15.17
C GLY D 171 1.37 9.36 15.33
N VAL D 172 2.13 9.98 14.42
CA VAL D 172 3.57 9.96 14.47
C VAL D 172 3.98 11.38 14.13
N ALA D 173 5.15 11.79 14.61
CA ALA D 173 5.60 13.17 14.40
C ALA D 173 7.11 13.29 14.48
N GLN D 174 7.63 14.32 13.83
CA GLN D 174 9.05 14.60 13.89
C GLN D 174 9.30 16.02 13.39
N ARG D 175 10.25 16.71 14.01
CA ARG D 175 10.65 18.04 13.56
C ARG D 175 11.75 17.91 12.54
N PHE D 176 11.57 18.53 11.38
CA PHE D 176 12.67 18.61 10.43
C PHE D 176 13.22 20.03 10.34
N SER D 177 12.47 20.97 10.89
CA SER D 177 12.86 22.38 10.79
C SER D 177 11.95 23.24 11.63
N GLU D 178 12.41 24.47 11.90
CA GLU D 178 11.61 25.46 12.61
C GLU D 178 10.74 26.25 11.63
N TYR D 179 11.08 26.12 10.34
CA TYR D 179 10.46 26.92 9.27
C TYR D 179 10.42 28.41 9.58
N ARG D 180 11.53 28.91 10.13
CA ARG D 180 11.66 30.31 10.48
C ARG D 180 12.87 30.92 9.78
N THR D 181 12.76 32.18 9.37
CA THR D 181 13.86 32.83 8.65
C THR D 181 15.06 33.10 9.55
N ASP D 182 14.87 33.04 10.87
CA ASP D 182 15.94 33.39 11.80
C ASP D 182 16.65 32.19 12.45
N LEU D 183 16.13 30.99 12.24
CA LEU D 183 16.76 29.78 12.79
C LEU D 183 17.23 28.88 11.67
N ASP D 184 18.45 28.36 11.82
CA ASP D 184 19.08 27.55 10.75
C ASP D 184 19.19 26.07 11.11
N GLU D 185 19.23 25.79 12.40
CA GLU D 185 19.45 24.44 12.87
C GLU D 185 18.49 24.10 14.01
N LEU D 186 17.98 22.86 14.00
CA LEU D 186 17.11 22.37 15.06
C LEU D 186 17.80 22.42 16.40
N ALA D 187 17.02 22.49 17.48
CA ALA D 187 17.56 22.22 18.80
C ALA D 187 18.02 20.78 18.82
N PRO D 188 19.13 20.51 19.54
CA PRO D 188 19.71 19.17 19.60
C PRO D 188 18.75 18.09 20.09
N GLU D 189 17.81 18.44 20.96
CA GLU D 189 16.90 17.41 21.47
C GLU D 189 15.88 17.02 20.40
N ASP D 190 15.66 17.91 19.44
CA ASP D 190 14.71 17.61 18.37
C ASP D 190 15.33 16.84 17.19
N LYS D 191 16.63 17.04 16.98
CA LYS D 191 17.32 16.47 15.82
C LYS D 191 17.22 14.95 15.78
N ASP D 192 16.60 14.44 14.72
CA ASP D 192 16.46 13.00 14.51
C ASP D 192 15.63 12.30 15.59
N ARG D 193 14.73 13.04 16.24
CA ARG D 193 13.84 12.42 17.23
C ARG D 193 12.44 12.16 16.70
N THR D 194 12.04 10.90 16.66
CA THR D 194 10.71 10.55 16.18
C THR D 194 9.76 10.30 17.36
N HIS D 195 8.48 10.59 17.13
CA HIS D 195 7.46 10.42 18.14
C HIS D 195 6.36 9.59 17.57
N VAL D 196 5.92 8.60 18.33
CA VAL D 196 4.74 7.83 18.01
C VAL D 196 3.88 7.85 19.27
N PHE D 197 2.58 7.94 19.08
CA PHE D 197 1.73 8.23 20.23
C PHE D 197 0.31 7.84 19.91
N GLY D 198 -0.45 7.53 20.96
CA GLY D 198 -1.86 7.20 20.82
C GLY D 198 -2.59 7.38 22.14
N ASP D 199 -3.92 7.31 22.09
CA ASP D 199 -4.73 7.47 23.29
C ASP D 199 -6.11 6.94 22.98
N ILE D 200 -6.78 6.45 24.01
CA ILE D 200 -8.15 6.00 23.88
C ILE D 200 -8.82 6.19 25.23
N SER D 201 -10.06 6.66 25.20
CA SER D 201 -10.75 6.99 26.42
C SER D 201 -12.24 6.93 26.19
N THR D 202 -12.99 6.74 27.25
CA THR D 202 -14.43 6.65 27.13
C THR D 202 -15.10 7.52 28.18
N GLN D 203 -16.32 7.91 27.89
CA GLN D 203 -17.10 8.70 28.82
C GLN D 203 -18.02 7.67 29.47
N TRP D 204 -17.66 7.24 30.68
CA TRP D 204 -18.34 6.15 31.32
C TRP D 204 -19.61 6.59 32.04
N ALA D 205 -19.67 7.89 32.34
CA ALA D 205 -20.85 8.52 32.91
C ALA D 205 -20.83 9.96 32.42
N PRO D 206 -22.00 10.61 32.34
CA PRO D 206 -21.97 11.95 31.74
C PRO D 206 -20.94 12.88 32.42
N HIS D 207 -20.04 13.42 31.60
CA HIS D 207 -19.00 14.36 32.04
C HIS D 207 -17.80 13.70 32.73
N HIS D 208 -17.89 12.40 33.04
CA HIS D 208 -16.74 11.69 33.56
C HIS D 208 -16.07 10.81 32.51
N ARG D 209 -14.77 11.01 32.29
CA ARG D 209 -13.99 10.24 31.32
C ARG D 209 -12.84 9.48 31.99
N ILE D 210 -12.48 8.34 31.42
CA ILE D 210 -11.26 7.67 31.83
C ILE D 210 -10.60 7.07 30.60
N GLY D 211 -9.27 7.07 30.59
CA GLY D 211 -8.58 6.53 29.43
C GLY D 211 -7.12 6.24 29.64
N VAL D 212 -6.50 5.67 28.61
CA VAL D 212 -5.08 5.39 28.64
C VAL D 212 -4.44 6.20 27.54
N ARG D 213 -3.13 6.36 27.63
CA ARG D 213 -2.39 7.23 26.74
C ARG D 213 -0.98 6.69 26.66
N ILE D 214 -0.42 6.68 25.45
CA ILE D 214 0.92 6.22 25.26
C ILE D 214 1.69 7.18 24.34
N HIS D 215 3.00 7.25 24.55
CA HIS D 215 3.88 8.05 23.72
C HIS D 215 5.23 7.40 23.75
N HIS D 216 5.93 7.45 22.61
CA HIS D 216 7.25 6.86 22.50
C HIS D 216 8.14 7.79 21.71
N ALA D 217 9.36 7.97 22.19
CA ALA D 217 10.34 8.82 21.52
C ALA D 217 11.64 8.07 21.28
N ASP D 218 12.11 8.12 20.03
CA ASP D 218 13.39 7.56 19.63
C ASP D 218 14.35 8.63 19.10
N ASP D 219 15.52 8.70 19.69
CA ASP D 219 16.62 9.48 19.16
C ASP D 219 17.47 8.56 18.32
N SER D 220 17.34 8.69 17.00
CA SER D 220 18.16 7.93 16.06
C SER D 220 19.36 8.78 15.64
N GLY D 221 20.41 8.75 16.45
CA GLY D 221 21.60 9.53 16.19
C GLY D 221 22.77 9.13 17.07
N ASN D 232 28.89 22.36 19.70
CA ASN D 232 28.06 23.11 20.64
C ASN D 232 26.58 22.78 20.48
N LEU D 233 26.13 22.63 19.24
CA LEU D 233 24.74 22.24 18.97
C LEU D 233 24.67 20.77 18.52
N ASP D 234 25.08 19.87 19.40
CA ASP D 234 25.03 18.44 19.13
C ASP D 234 24.43 17.73 20.35
N LYS D 235 23.72 16.63 20.12
CA LYS D 235 22.87 16.04 21.16
C LYS D 235 23.66 15.70 22.41
N THR D 236 23.06 15.95 23.57
CA THR D 236 23.73 15.68 24.85
C THR D 236 23.49 14.24 25.30
N TYR D 237 22.49 13.60 24.71
CA TYR D 237 22.21 12.19 24.97
C TYR D 237 21.34 11.63 23.86
N THR D 238 21.23 10.30 23.81
CA THR D 238 20.28 9.65 22.93
C THR D 238 19.65 8.49 23.68
N GLY D 239 18.60 7.91 23.11
CA GLY D 239 17.92 6.80 23.73
C GLY D 239 16.52 6.60 23.21
N GLN D 240 15.74 5.81 23.93
CA GLN D 240 14.36 5.52 23.56
C GLN D 240 13.54 5.53 24.84
N LEU D 241 12.38 6.18 24.77
CA LEU D 241 11.54 6.33 25.95
C LEU D 241 10.09 6.03 25.63
N THR D 242 9.42 5.39 26.59
CA THR D 242 7.98 5.19 26.47
C THR D 242 7.25 5.71 27.71
N TRP D 243 6.19 6.48 27.48
CA TRP D 243 5.35 6.94 28.56
C TRP D 243 4.07 6.15 28.48
N LEU D 244 3.66 5.55 29.60
CA LEU D 244 2.38 4.84 29.60
C LEU D 244 1.59 5.43 30.71
N GLY D 245 0.39 5.90 30.39
CA GLY D 245 -0.34 6.71 31.32
C GLY D 245 -1.77 6.29 31.47
N ILE D 246 -2.31 6.58 32.65
CA ILE D 246 -3.75 6.49 32.85
C ILE D 246 -4.22 7.89 33.23
N GLU D 247 -5.43 8.24 32.82
CA GLU D 247 -5.98 9.55 33.18
C GLU D 247 -7.48 9.46 33.45
N ALA D 248 -7.94 10.22 34.43
CA ALA D 248 -9.36 10.33 34.74
C ALA D 248 -9.71 11.80 34.89
N THR D 249 -10.82 12.23 34.30
CA THR D 249 -11.25 13.61 34.44
C THR D 249 -12.76 13.71 34.63
N GLY D 250 -13.16 14.74 35.37
CA GLY D 250 -14.56 15.12 35.48
C GLY D 250 -14.71 16.59 35.13
N ASP D 251 -14.94 16.87 33.85
CA ASP D 251 -14.96 18.23 33.37
C ASP D 251 -13.74 19.03 33.83
N ALA D 252 -12.60 18.36 33.87
CA ALA D 252 -11.37 18.97 34.38
C ALA D 252 -11.06 20.28 33.64
N TYR D 253 -11.22 20.24 32.32
CA TYR D 253 -10.81 21.35 31.45
C TYR D 253 -12.02 21.99 30.77
N ASN D 254 -13.19 21.77 31.35
CA ASN D 254 -14.42 22.35 30.82
C ASN D 254 -14.86 23.59 31.62
N TYR D 255 -14.68 24.76 31.02
CA TYR D 255 -14.96 26.02 31.72
C TYR D 255 -16.45 26.33 31.79
N ARG D 256 -17.28 25.50 31.16
CA ARG D 256 -18.74 25.64 31.23
C ARG D 256 -19.38 24.45 31.93
N SER D 257 -18.65 23.84 32.86
CA SER D 257 -19.16 22.64 33.52
C SER D 257 -20.50 22.89 34.16
N SER D 258 -21.39 21.91 34.02
CA SER D 258 -22.67 21.90 34.71
C SER D 258 -22.53 21.24 36.10
N PRO D 260 -20.85 20.89 39.97
CA PRO D 260 -20.23 21.71 41.03
C PRO D 260 -18.80 21.26 41.33
N LEU D 261 -18.53 19.96 41.25
CA LEU D 261 -17.19 19.47 41.51
C LEU D 261 -16.55 18.91 40.24
N ASN D 262 -15.36 19.41 39.92
CA ASN D 262 -14.58 18.91 38.79
C ASN D 262 -13.24 18.39 39.31
N TYR D 263 -12.63 17.48 38.58
CA TYR D 263 -11.38 16.91 39.03
C TYR D 263 -10.55 16.45 37.84
N TRP D 264 -9.28 16.23 38.11
CA TRP D 264 -8.42 15.50 37.20
C TRP D 264 -7.47 14.64 38.00
N ALA D 265 -7.08 13.51 37.41
CA ALA D 265 -6.07 12.64 38.01
C ALA D 265 -5.40 11.84 36.91
N SER D 266 -4.06 11.86 36.89
CA SER D 266 -3.33 11.11 35.92
C SER D 266 -2.09 10.55 36.58
N ALA D 267 -1.69 9.36 36.14
CA ALA D 267 -0.46 8.71 36.59
C ALA D 267 0.25 8.20 35.34
N THR D 268 1.55 8.38 35.29
CA THR D 268 2.30 8.08 34.09
C THR D 268 3.62 7.41 34.43
N TRP D 269 3.86 6.24 33.84
CA TRP D 269 5.11 5.52 33.98
C TRP D 269 6.00 5.77 32.77
N LEU D 270 7.26 6.08 33.06
CA LEU D 270 8.24 6.32 32.03
C LEU D 270 9.30 5.23 32.10
N THR D 271 9.60 4.63 30.95
CA THR D 271 10.59 3.57 30.92
C THR D 271 11.30 3.53 29.57
N GLY D 272 12.56 3.13 29.61
CA GLY D 272 13.38 3.04 28.41
C GLY D 272 14.83 3.13 28.84
N ASP D 273 15.65 3.79 28.03
CA ASP D 273 17.07 3.88 28.34
C ASP D 273 17.65 5.12 27.73
N ARG D 274 18.84 5.49 28.19
CA ARG D 274 19.53 6.66 27.67
C ARG D 274 21.03 6.41 27.59
N ASP D 275 21.67 7.08 26.63
CA ASP D 275 23.11 7.10 26.53
C ASP D 275 23.60 8.55 26.60
N ASN D 276 24.14 8.94 27.75
CA ASN D 276 24.68 10.29 27.93
C ASN D 276 26.19 10.33 27.77
N LEU D 277 26.72 11.45 27.28
CA LEU D 277 28.17 11.64 27.19
C LEU D 277 28.67 12.46 28.37
N GLN D 292 27.08 7.14 31.47
CA GLN D 292 27.03 6.76 30.06
C GLN D 292 25.67 6.16 29.71
N SER D 293 25.61 4.83 29.56
CA SER D 293 24.32 4.19 29.29
C SER D 293 23.64 3.75 30.58
N GLY D 294 22.32 3.84 30.60
CA GLY D 294 21.56 3.44 31.77
C GLY D 294 20.07 3.35 31.50
N ASP D 295 19.39 2.52 32.29
CA ASP D 295 17.95 2.35 32.19
C ASP D 295 17.22 3.54 32.83
N VAL D 296 15.98 3.75 32.42
CA VAL D 296 15.13 4.77 33.04
C VAL D 296 13.82 4.15 33.52
N ASN D 297 13.51 4.33 34.79
CA ASN D 297 12.23 3.92 35.34
C ASN D 297 11.72 4.97 36.31
N ALA D 298 10.70 5.68 35.86
CA ALA D 298 10.34 6.91 36.52
C ALA D 298 8.83 7.03 36.55
N PHE D 299 8.34 8.00 37.29
CA PHE D 299 6.90 8.11 37.55
C PHE D 299 6.49 9.55 37.71
N GLY D 300 5.27 9.84 37.25
CA GLY D 300 4.74 11.18 37.25
C GLY D 300 3.27 11.10 37.58
N VAL D 301 2.78 12.05 38.39
CA VAL D 301 1.37 12.07 38.78
C VAL D 301 0.91 13.52 38.86
N ASP D 302 -0.38 13.73 38.65
CA ASP D 302 -0.95 15.06 38.68
C ASP D 302 -2.41 14.93 39.11
N LEU D 303 -2.80 15.66 40.15
CA LEU D 303 -4.12 15.57 40.74
C LEU D 303 -4.66 16.96 40.97
N GLY D 304 -5.97 17.14 40.79
CA GLY D 304 -6.60 18.41 41.01
C GLY D 304 -8.07 18.31 41.32
N LEU D 305 -8.54 19.26 42.11
CA LEU D 305 -9.94 19.39 42.44
C LEU D 305 -10.33 20.84 42.14
N ARG D 306 -11.49 21.02 41.52
CA ARG D 306 -12.01 22.34 41.28
C ARG D 306 -13.45 22.39 41.69
N TRP D 307 -13.81 23.40 42.48
CA TRP D 307 -15.17 23.59 42.91
C TRP D 307 -15.71 24.81 42.17
N ASN D 308 -16.72 24.57 41.35
CA ASN D 308 -17.43 25.66 40.70
C ASN D 308 -18.47 26.16 41.69
N ILE D 309 -18.08 27.17 42.47
CA ILE D 309 -18.89 27.66 43.58
C ILE D 309 -20.26 28.08 43.06
N ASP D 310 -20.24 28.95 42.06
CA ASP D 310 -21.44 29.29 41.31
C ASP D 310 -21.07 29.51 39.83
N GLU D 311 -21.87 30.27 39.10
CA GLU D 311 -21.63 30.42 37.67
C GLU D 311 -20.36 31.23 37.36
N GLN D 312 -19.98 32.09 38.30
CA GLN D 312 -18.86 33.02 38.13
C GLN D 312 -17.60 32.64 38.91
N TRP D 313 -17.77 32.21 40.16
CA TRP D 313 -16.64 31.99 41.07
C TRP D 313 -16.23 30.52 41.21
N LYS D 314 -14.92 30.28 41.25
CA LYS D 314 -14.39 28.93 41.32
C LYS D 314 -13.13 28.89 42.18
N ALA D 315 -12.86 27.74 42.79
CA ALA D 315 -11.65 27.59 43.57
C ALA D 315 -11.21 26.16 43.50
N GLY D 316 -9.92 25.91 43.69
CA GLY D 316 -9.43 24.56 43.54
C GLY D 316 -8.03 24.39 44.06
N VAL D 317 -7.59 23.14 44.14
CA VAL D 317 -6.27 22.82 44.63
C VAL D 317 -5.66 21.78 43.72
N GLY D 318 -4.34 21.65 43.75
CA GLY D 318 -3.71 20.67 42.93
C GLY D 318 -2.38 20.20 43.47
N TYR D 319 -1.96 19.03 43.03
CA TYR D 319 -0.67 18.48 43.38
C TYR D 319 -0.15 17.66 42.18
N ALA D 320 1.16 17.67 41.98
CA ALA D 320 1.79 16.98 40.89
C ALA D 320 3.20 16.68 41.34
N ARG D 321 3.73 15.55 40.88
CA ARG D 321 5.08 15.17 41.19
C ARG D 321 5.63 14.42 40.00
N GLY D 322 6.88 14.70 39.65
CA GLY D 322 7.66 13.90 38.72
C GLY D 322 8.91 13.40 39.44
N SER D 323 9.07 12.08 39.45
CA SER D 323 10.15 11.48 40.24
C SER D 323 11.48 12.05 39.79
N GLY D 324 12.51 11.85 40.61
CA GLY D 324 13.83 12.29 40.27
C GLY D 324 14.88 11.44 40.95
N GLY D 325 16.15 11.68 40.62
CA GLY D 325 17.24 10.99 41.27
C GLY D 325 17.49 9.56 40.81
N GLY D 326 17.95 8.73 41.75
CA GLY D 326 18.40 7.39 41.41
C GLY D 326 19.79 7.45 40.80
N LYS D 327 20.39 6.27 40.63
CA LYS D 327 21.73 6.16 40.08
C LYS D 327 21.74 6.59 38.62
N ASP D 328 22.59 7.56 38.29
CA ASP D 328 22.72 8.03 36.92
C ASP D 328 21.41 8.60 36.40
N GLY D 329 20.53 9.03 37.31
CA GLY D 329 19.25 9.61 36.93
C GLY D 329 18.22 8.58 36.49
N GLU D 330 18.36 7.35 36.97
CA GLU D 330 17.46 6.26 36.62
C GLU D 330 15.99 6.59 36.88
N GLU D 331 15.72 7.31 37.97
CA GLU D 331 14.34 7.60 38.37
C GLU D 331 13.95 9.03 38.08
N GLN D 332 14.73 9.71 37.26
CA GLN D 332 14.41 11.07 36.87
C GLN D 332 13.28 11.07 35.86
N PHE D 333 12.08 11.47 36.27
CA PHE D 333 10.97 11.58 35.32
C PHE D 333 11.24 12.74 34.35
N GLN D 334 10.59 12.70 33.19
CA GLN D 334 10.70 13.78 32.22
C GLN D 334 9.49 13.73 31.28
N GLN D 335 9.16 14.86 30.66
CA GLN D 335 8.04 14.91 29.72
C GLN D 335 8.46 14.68 28.26
N THR D 336 7.48 14.56 27.37
CA THR D 336 7.73 14.13 26.01
C THR D 336 8.62 15.08 25.25
N GLY D 337 8.57 16.37 25.63
CA GLY D 337 9.31 17.39 24.91
C GLY D 337 8.40 18.16 23.96
N LEU D 338 7.16 17.70 23.83
CA LEU D 338 6.18 18.34 22.93
C LEU D 338 5.12 19.13 23.73
N GLU D 339 5.31 19.16 25.04
CA GLU D 339 4.31 19.69 25.94
C GLU D 339 4.46 21.20 26.15
N SER D 340 3.36 21.86 26.50
CA SER D 340 3.41 23.25 26.93
C SER D 340 3.09 23.37 28.43
N ASN D 341 2.49 22.33 28.98
CA ASN D 341 1.98 22.36 30.34
C ASN D 341 0.95 23.44 30.58
N ARG D 342 0.20 23.82 29.53
CA ARG D 342 -0.86 24.83 29.71
C ARG D 342 -2.23 24.22 29.50
N SER D 343 -3.17 24.63 30.35
CA SER D 343 -4.52 24.11 30.28
C SER D 343 -5.54 25.07 30.89
N ASN D 344 -6.82 24.73 30.74
CA ASN D 344 -7.91 25.41 31.37
C ASN D 344 -8.17 24.91 32.82
N PHE D 345 -7.13 24.57 33.57
CA PHE D 345 -7.35 23.95 34.87
C PHE D 345 -8.03 24.88 35.91
N THR D 346 -8.01 26.19 35.69
CA THR D 346 -8.67 27.08 36.67
C THR D 346 -10.13 27.28 36.28
N GLY D 347 -10.55 26.61 35.23
CA GLY D 347 -11.95 26.65 34.83
C GLY D 347 -12.37 27.92 34.12
N THR D 348 -11.44 28.59 33.44
CA THR D 348 -11.83 29.73 32.59
C THR D 348 -11.52 29.46 31.11
N ARG D 349 -11.99 30.32 30.22
CA ARG D 349 -11.65 30.22 28.79
C ARG D 349 -10.16 30.34 28.61
N SER D 350 -9.54 31.11 29.49
CA SER D 350 -8.10 31.33 29.41
C SER D 350 -7.34 30.12 29.91
N ARG D 351 -6.38 29.65 29.11
CA ARG D 351 -5.42 28.66 29.59
C ARG D 351 -4.42 29.33 30.52
N VAL D 352 -3.74 28.52 31.32
CA VAL D 352 -2.81 29.00 32.34
C VAL D 352 -1.71 27.96 32.44
N HIS D 353 -0.47 28.38 32.65
CA HIS D 353 0.60 27.42 32.77
C HIS D 353 0.44 26.66 34.07
N ARG D 354 0.38 25.33 33.94
CA ARG D 354 0.09 24.46 35.04
C ARG D 354 1.12 24.62 36.14
N PHE D 355 2.32 25.06 35.78
CA PHE D 355 3.37 25.16 36.79
C PHE D 355 4.04 26.52 36.81
N GLY D 356 3.23 27.57 36.65
CA GLY D 356 3.71 28.93 36.79
C GLY D 356 4.13 29.61 35.50
N GLU D 357 3.53 30.77 35.24
CA GLU D 357 3.86 31.57 34.06
C GLU D 357 5.31 31.99 34.12
N ALA D 358 5.84 32.02 35.34
CA ALA D 358 7.22 32.46 35.57
C ALA D 358 8.18 31.29 35.68
N PHE D 359 7.97 30.44 36.68
CA PHE D 359 8.83 29.26 36.83
C PHE D 359 8.72 28.31 35.63
N ARG D 360 7.51 28.15 35.09
CA ARG D 360 7.27 27.26 33.96
C ARG D 360 7.91 25.92 34.18
N GLY D 361 7.58 25.28 35.29
CA GLY D 361 8.23 24.04 35.65
C GLY D 361 7.90 22.90 34.71
N GLU D 362 8.89 22.06 34.45
CA GLU D 362 8.66 20.77 33.80
C GLU D 362 8.51 19.74 34.93
N LEU D 363 7.65 18.77 34.71
CA LEU D 363 7.44 17.68 35.67
C LEU D 363 8.64 16.71 35.71
N SER D 364 9.72 17.11 36.36
CA SER D 364 10.95 16.33 36.38
C SER D 364 11.74 16.59 37.66
N ASN D 365 11.83 15.59 38.53
CA ASN D 365 12.45 15.78 39.84
C ASN D 365 11.81 16.95 40.55
N LEU D 366 10.49 17.07 40.39
CA LEU D 366 9.79 18.26 40.80
C LEU D 366 8.50 17.93 41.52
N GLN D 367 8.23 18.66 42.60
CA GLN D 367 7.00 18.47 43.35
C GLN D 367 6.36 19.84 43.44
N ALA D 368 5.06 19.92 43.18
CA ALA D 368 4.37 21.20 43.13
C ALA D 368 3.02 21.14 43.83
N ALA D 369 2.75 22.10 44.71
CA ALA D 369 1.42 22.24 45.29
C ALA D 369 0.79 23.54 44.78
N THR D 370 -0.52 23.55 44.64
CA THR D 370 -1.16 24.65 43.95
C THR D 370 -2.50 24.98 44.57
N LEU D 371 -2.80 26.27 44.60
CA LEU D 371 -4.05 26.82 45.10
C LEU D 371 -4.54 27.82 44.06
N PHE D 372 -5.84 27.86 43.80
CA PHE D 372 -6.26 28.85 42.84
C PHE D 372 -7.70 29.31 43.04
N GLY D 373 -7.95 30.54 42.64
CA GLY D 373 -9.31 31.00 42.45
C GLY D 373 -9.44 31.53 41.04
N SER D 374 -10.67 31.55 40.54
CA SER D 374 -10.93 32.19 39.27
C SER D 374 -12.31 32.82 39.27
N TRP D 375 -12.47 33.83 38.44
CA TRP D 375 -13.74 34.52 38.28
C TRP D 375 -14.00 34.63 36.79
N GLN D 376 -15.27 34.66 36.41
CA GLN D 376 -15.60 34.97 35.03
C GLN D 376 -16.99 35.56 34.94
N LEU D 377 -17.22 36.30 33.84
CA LEU D 377 -18.50 36.93 33.59
C LEU D 377 -18.89 36.64 32.15
N ARG D 378 -19.80 35.68 31.98
CA ARG D 378 -20.31 35.28 30.68
C ARG D 378 -19.19 34.90 29.72
N GLU D 379 -19.06 35.68 28.65
CA GLU D 379 -17.99 35.48 27.68
C GLU D 379 -17.23 36.77 27.51
N ASP D 380 -17.36 37.66 28.49
CA ASP D 380 -16.75 38.98 28.42
C ASP D 380 -15.43 39.11 29.19
N TYR D 381 -15.30 38.40 30.31
CA TYR D 381 -14.13 38.55 31.15
C TYR D 381 -13.76 37.23 31.81
N ASP D 382 -12.49 37.06 32.12
CA ASP D 382 -12.16 36.08 33.14
C ASP D 382 -10.89 36.48 33.85
N ALA D 383 -10.64 35.84 34.98
CA ALA D 383 -9.47 36.14 35.78
C ALA D 383 -9.12 34.90 36.58
N SER D 384 -7.83 34.65 36.73
CA SER D 384 -7.38 33.54 37.55
C SER D 384 -6.29 34.02 38.45
N LEU D 385 -6.35 33.57 39.70
CA LEU D 385 -5.29 33.86 40.67
C LEU D 385 -4.76 32.53 41.17
N VAL D 386 -3.45 32.33 41.10
CA VAL D 386 -2.89 31.00 41.33
C VAL D 386 -1.65 31.11 42.17
N TYR D 387 -1.55 30.27 43.20
CA TYR D 387 -0.37 30.22 44.05
C TYR D 387 0.33 28.86 43.94
N HIS D 388 1.65 28.86 43.82
CA HIS D 388 2.39 27.61 43.76
C HIS D 388 3.47 27.59 44.82
N LYS D 389 3.78 26.41 45.33
CA LYS D 389 5.08 26.17 45.94
C LYS D 389 5.76 25.00 45.27
N PHE D 390 7.07 25.09 45.12
CA PHE D 390 7.81 24.06 44.40
C PHE D 390 8.93 23.43 45.22
N TRP D 391 9.06 22.10 45.14
CA TRP D 391 10.19 21.41 45.74
C TRP D 391 10.89 20.46 44.74
N ARG D 392 12.19 20.27 44.91
CA ARG D 392 12.90 19.18 44.27
C ARG D 392 12.56 17.89 45.00
N VAL D 393 12.45 16.81 44.25
CA VAL D 393 12.25 15.50 44.85
C VAL D 393 13.58 14.95 45.38
N ASP D 394 14.61 14.99 44.54
CA ASP D 394 15.96 14.57 44.93
C ASP D 394 16.86 15.80 44.97
N ASP D 395 17.35 16.16 46.16
CA ASP D 395 18.00 17.45 46.36
C ASP D 395 19.42 17.53 45.79
N ASP D 396 19.80 16.54 44.99
CA ASP D 396 21.13 16.54 44.38
C ASP D 396 21.10 16.51 42.86
N SER D 397 19.91 16.38 42.27
CA SER D 397 19.77 16.37 40.81
C SER D 397 19.11 17.66 40.32
N ASP D 398 19.28 17.94 39.03
CA ASP D 398 18.62 19.08 38.41
C ASP D 398 17.12 18.82 38.25
N ILE D 399 16.36 19.85 37.92
CA ILE D 399 14.90 19.74 37.78
C ILE D 399 14.38 19.92 36.36
N GLY D 400 15.08 19.39 35.36
CA GLY D 400 14.60 19.54 33.98
C GLY D 400 14.41 21.01 33.62
N THR D 401 13.66 21.28 32.55
CA THR D 401 13.48 22.65 32.04
C THR D 401 12.58 23.54 32.93
N SER D 402 12.75 24.86 32.80
CA SER D 402 11.84 25.82 33.39
C SER D 402 12.07 27.20 32.76
N GLY D 403 11.67 28.23 33.49
CA GLY D 403 11.80 29.60 33.02
C GLY D 403 12.84 30.34 33.82
N ILE D 404 13.62 29.58 34.58
CA ILE D 404 14.67 30.12 35.42
C ILE D 404 16.00 29.52 35.01
N ASN D 405 16.96 30.37 34.69
CA ASN D 405 18.31 29.92 34.33
C ASN D 405 19.33 30.27 35.41
N ALA D 406 19.34 29.47 36.48
CA ALA D 406 20.25 29.68 37.59
C ALA D 406 20.55 28.36 38.27
N ALA D 407 21.77 28.21 38.79
CA ALA D 407 22.20 26.94 39.36
C ALA D 407 21.50 26.63 40.68
N LEU D 408 21.28 25.34 40.93
CA LEU D 408 20.68 24.86 42.17
C LEU D 408 21.76 24.40 43.14
N GLN D 409 21.66 24.85 44.39
CA GLN D 409 22.59 24.44 45.43
C GLN D 409 22.27 23.01 45.88
N PRO D 410 23.28 22.14 45.92
CA PRO D 410 23.14 20.76 46.37
C PRO D 410 22.56 20.68 47.78
N GLY D 411 21.66 19.74 48.02
CA GLY D 411 21.12 19.53 49.35
C GLY D 411 19.96 20.44 49.74
N GLU D 412 19.56 21.33 48.83
CA GLU D 412 18.44 22.22 49.08
C GLU D 412 17.24 21.85 48.22
N LYS D 413 16.11 21.58 48.87
CA LYS D 413 14.89 21.12 48.21
C LYS D 413 13.92 22.28 47.87
N ASP D 414 14.11 23.40 48.56
N ASP D 414 14.05 23.39 48.58
CA ASP D 414 13.23 24.57 48.44
CA ASP D 414 13.08 24.49 48.44
C ASP D 414 13.45 25.34 47.14
C ASP D 414 13.34 25.36 47.20
N ILE D 415 12.71 24.98 46.10
CA ILE D 415 12.87 25.66 44.81
C ILE D 415 12.29 27.06 44.87
N GLY D 416 11.05 27.16 45.34
CA GLY D 416 10.48 28.48 45.56
C GLY D 416 8.97 28.49 45.51
N GLN D 417 8.40 29.66 45.34
CA GLN D 417 6.96 29.77 45.28
C GLN D 417 6.61 30.91 44.35
N GLU D 418 5.36 30.92 43.92
CA GLU D 418 5.00 31.79 42.81
C GLU D 418 3.55 32.17 42.93
N LEU D 419 3.26 33.40 42.55
CA LEU D 419 1.90 33.90 42.43
C LEU D 419 1.67 34.31 40.98
N ASP D 420 0.58 33.82 40.39
CA ASP D 420 0.25 34.15 39.01
C ASP D 420 -1.10 34.84 38.95
N LEU D 421 -1.22 35.74 37.98
CA LEU D 421 -2.46 36.45 37.72
C LEU D 421 -2.74 36.40 36.23
N VAL D 422 -3.97 36.04 35.87
CA VAL D 422 -4.39 36.04 34.48
C VAL D 422 -5.71 36.77 34.36
N VAL D 423 -5.77 37.79 33.51
CA VAL D 423 -6.99 38.59 33.33
C VAL D 423 -7.27 38.81 31.85
N THR D 424 -8.48 38.50 31.41
CA THR D 424 -8.85 38.65 30.02
C THR D 424 -10.16 39.39 29.81
N LYS D 425 -10.16 40.31 28.85
CA LYS D 425 -11.40 40.86 28.34
C LYS D 425 -11.55 40.39 26.91
N TYR D 426 -12.70 39.81 26.58
CA TYR D 426 -12.96 39.33 25.24
C TYR D 426 -13.87 40.29 24.50
N PHE D 427 -13.59 40.51 23.22
CA PHE D 427 -14.41 41.34 22.37
C PHE D 427 -15.31 40.48 21.47
N LYS D 428 -16.47 40.99 21.11
CA LYS D 428 -17.41 40.26 20.25
C LYS D 428 -16.84 39.98 18.85
N GLN D 429 -16.01 40.89 18.34
CA GLN D 429 -15.50 40.79 16.98
C GLN D 429 -14.50 39.65 16.76
N GLY D 430 -14.38 39.20 15.52
CA GLY D 430 -13.42 38.18 15.14
C GLY D 430 -13.71 36.77 15.64
N LEU D 431 -14.99 36.44 15.76
CA LEU D 431 -15.40 35.11 16.21
C LEU D 431 -14.91 34.02 15.24
N LEU D 432 -14.07 33.13 15.76
CA LEU D 432 -13.46 32.06 14.97
C LEU D 432 -14.16 30.73 15.22
N PRO D 433 -14.30 29.90 14.17
CA PRO D 433 -14.92 28.58 14.35
C PRO D 433 -14.07 27.68 15.26
N ALA D 434 -14.73 26.90 16.11
CA ALA D 434 -14.03 26.03 17.06
C ALA D 434 -13.07 25.02 16.41
N SER D 435 -13.18 24.87 15.08
CA SER D 435 -12.36 23.92 14.33
C SER D 435 -10.92 24.42 14.09
N SER D 437 -7.33 25.78 15.04
CA SER D 437 -6.47 25.32 16.14
C SER D 437 -6.21 26.40 17.20
N GLN D 438 -6.23 27.67 16.78
CA GLN D 438 -5.94 28.77 17.69
C GLN D 438 -7.11 29.08 18.62
N TYR D 439 -8.23 28.39 18.39
CA TYR D 439 -9.48 28.69 19.09
C TYR D 439 -9.37 28.62 20.62
N VAL D 440 -8.51 27.72 21.11
CA VAL D 440 -8.36 27.52 22.55
C VAL D 440 -7.79 28.76 23.26
N ASP D 441 -6.95 29.51 22.56
CA ASP D 441 -6.24 30.66 23.16
C ASP D 441 -6.80 32.00 22.67
N GLU D 442 -7.29 32.01 21.43
CA GLU D 442 -7.69 33.23 20.78
C GLU D 442 -8.96 33.01 19.93
N PRO D 443 -10.09 32.73 20.61
CA PRO D 443 -11.38 32.40 19.98
C PRO D 443 -12.02 33.62 19.33
N SER D 444 -11.64 34.79 19.83
CA SER D 444 -12.12 36.04 19.28
C SER D 444 -11.03 37.06 19.52
N ALA D 445 -11.27 38.28 19.07
CA ALA D 445 -10.44 39.40 19.48
C ALA D 445 -10.46 39.47 21.02
N LEU D 446 -9.33 39.83 21.63
CA LEU D 446 -9.27 39.93 23.07
C LEU D 446 -8.07 40.74 23.54
N ILE D 447 -8.08 41.14 24.80
CA ILE D 447 -6.89 41.68 25.43
C ILE D 447 -6.70 40.94 26.74
N ARG D 448 -5.45 40.57 27.03
CA ARG D 448 -5.17 39.69 28.14
C ARG D 448 -3.88 40.06 28.86
N PHE D 449 -3.92 39.96 30.18
CA PHE D 449 -2.72 40.06 30.99
C PHE D 449 -2.40 38.69 31.57
N ARG D 450 -1.12 38.35 31.56
CA ARG D 450 -0.69 37.05 31.95
C ARG D 450 0.65 37.27 32.64
N GLY D 451 0.69 36.99 33.94
CA GLY D 451 1.87 37.31 34.73
C GLY D 451 2.16 36.33 35.84
N GLY D 452 3.44 36.24 36.20
CA GLY D 452 3.86 35.41 37.31
C GLY D 452 4.96 36.09 38.10
N LEU D 453 4.89 35.98 39.41
CA LEU D 453 5.91 36.54 40.29
C LEU D 453 6.52 35.40 41.10
N PHE D 454 7.82 35.24 40.97
CA PHE D 454 8.51 34.08 41.50
C PHE D 454 9.43 34.50 42.62
N LYS D 455 9.38 33.78 43.73
CA LYS D 455 10.29 34.05 44.84
C LYS D 455 11.18 32.82 45.04
N PRO D 456 12.46 32.95 44.68
CA PRO D 456 13.33 31.78 44.77
C PRO D 456 13.50 31.37 46.22
N GLY D 457 13.60 30.07 46.45
CA GLY D 457 13.86 29.51 47.76
C GLY D 457 15.33 29.23 47.94
N ASP D 458 15.68 28.53 49.02
CA ASP D 458 17.06 28.23 49.34
C ASP D 458 17.82 27.48 48.26
N ALA D 459 17.12 26.72 47.43
CA ALA D 459 17.80 25.98 46.37
C ALA D 459 18.61 26.92 45.47
N TYR D 460 18.25 28.19 45.45
CA TYR D 460 19.08 29.20 44.81
C TYR D 460 19.89 29.99 45.84
N GLY D 461 21.20 29.81 45.81
CA GLY D 461 22.06 30.37 46.84
C GLY D 461 22.05 31.87 46.84
N PRO D 462 22.86 32.48 47.72
CA PRO D 462 22.99 33.94 47.79
C PRO D 462 23.56 34.50 46.49
N GLY D 463 23.32 35.79 46.24
CA GLY D 463 23.74 36.39 44.99
C GLY D 463 22.59 36.44 44.00
N THR D 464 21.58 35.61 44.26
CA THR D 464 20.38 35.58 43.42
C THR D 464 19.35 36.56 43.93
N ASP D 465 18.61 37.16 43.00
CA ASP D 465 17.56 38.12 43.36
C ASP D 465 16.52 37.46 44.27
N SER D 466 15.87 38.26 45.09
CA SER D 466 14.87 37.75 46.01
C SER D 466 13.53 37.56 45.28
N THR D 467 13.34 38.31 44.19
CA THR D 467 12.10 38.25 43.42
C THR D 467 12.41 38.18 41.94
N HIS D 469 10.04 38.17 37.94
CA HIS D 469 8.74 38.14 37.27
C HIS D 469 8.87 37.88 35.78
N ARG D 470 7.77 37.44 35.19
CA ARG D 470 7.59 37.43 33.75
C ARG D 470 6.14 37.74 33.56
N ALA D 471 5.86 38.71 32.69
CA ALA D 471 4.50 39.18 32.48
C ALA D 471 4.30 39.62 31.03
N PHE D 472 3.09 39.41 30.54
CA PHE D 472 2.71 39.75 29.18
C PHE D 472 1.42 40.54 29.15
N VAL D 473 1.31 41.41 28.15
CA VAL D 473 0.01 41.89 27.71
C VAL D 473 -0.16 41.47 26.24
N ASP D 474 -1.28 40.81 25.94
CA ASP D 474 -1.57 40.34 24.61
C ASP D 474 -2.81 41.02 24.09
N PHE D 475 -2.71 41.61 22.90
CA PHE D 475 -3.87 42.12 22.21
C PHE D 475 -4.01 41.36 20.89
N ILE D 476 -5.22 40.91 20.60
CA ILE D 476 -5.44 40.12 19.41
C ILE D 476 -6.59 40.69 18.65
N TRP D 477 -6.39 40.91 17.36
CA TRP D 477 -7.48 41.28 16.47
C TRP D 477 -7.46 40.38 15.23
N ARG D 478 -8.64 40.13 14.66
CA ARG D 478 -8.73 39.23 13.50
C ARG D 478 -9.46 39.87 12.32
N PHE D 479 -8.89 39.74 11.12
CA PHE D 479 -9.52 40.27 9.92
C PHE D 479 -10.03 39.15 9.01
#